data_2VDM
#
_entry.id   2VDM
#
_cell.length_a   148.577
_cell.length_b   148.577
_cell.length_c   177.239
_cell.angle_alpha   90.00
_cell.angle_beta   90.00
_cell.angle_gamma   120.00
#
_symmetry.space_group_name_H-M   'P 32 2 1'
#
loop_
_entity.id
_entity.type
_entity.pdbx_description
1 polymer 'INTEGRIN ALPHA-IIB'
2 polymer 'INTEGRIN BETA-3'
3 polymer 'MONOCLONAL ANTIBODY 10E5 HEAVY CHAIN'
4 polymer 'MONOCLONAL ANTIBODY 10E5 LIGHT CHAIN'
5 branched alpha-D-mannopyranose-(1-3)-[alpha-D-mannopyranose-(1-6)]alpha-D-mannopyranose-(1-4)-2-acetamido-2-deoxy-beta-D-glucopyranose-(1-4)-2-acetamido-2-deoxy-beta-D-glucopyranose
6 branched alpha-D-mannopyranose-(1-3)-[alpha-D-mannopyranose-(1-6)]alpha-D-mannopyranose-(1-6)-[alpha-D-mannopyranose-(1-3)]alpha-D-mannopyranose-(1-4)-2-acetamido-2-deoxy-beta-D-glucopyranose-(1-4)-2-acetamido-2-deoxy-beta-D-glucopyranose
7 non-polymer GLYCEROL
8 non-polymer 'CALCIUM ION'
9 non-polymer 2-acetamido-2-deoxy-beta-D-glucopyranose
10 non-polymer TIROFIBAN
11 non-polymer 'MAGNESIUM ION'
12 water water
#
loop_
_entity_poly.entity_id
_entity_poly.type
_entity_poly.pdbx_seq_one_letter_code
_entity_poly.pdbx_strand_id
1 'polypeptide(L)'
;LNLDPVQLTFYAGPNGSQFGFSLDFHKDSHGRVAIVVGAPRTLGPSQEETGGVFLCPWRAEGGQCPSLLFDLRDETRNVG
SQTLQTFKARQGLGASVVSWSDVIVACAPWQHWNVLEKTEEAEKTPVGSCFLAQPESGRRAEYSPCRGNTLSRIYVENDF
SWDKRYCEAGFSSVVTQAGELVLGAPGGYYFLGLLAQAPVADIFSSYRPGILLWHVSSQSLSFDSSNPEYFDGYWGYSVA
VGEFDGDLNTTEYVVGAPTWSWTLGAVEILDSYYQRLHRLRGEQMASYFGHSVAVTDVNGDGRHDLLVGAPLYMESRADR
KLAEVGRVYLFLQPRGPHALGAPSLLLTGTQLYGRFGSAIAPLGDLDRDGYNDIAVAAPYGGPSGRGQVLVFLGQSEGLR
SRPSQVLDSPFPTGSAFGFSLRGAVDIDDNGYPDLIVGAYGANQVAVYRAQP
;
A
2 'polypeptide(L)'
;GPNICTTRGVSSCQQCLAVSPMCAWCSDEALPLGSPRCDLKENLLKDNCAPESIEFPVSEARVLEDRPLSDKGSGDSSQV
TQVSPQRIALRLRPDDSKNFSIQVRQVEDYPVDIYYLMDLSYSMKDDLWSIQNLGTKLATQMRKLTSNLRIGFGAFVDKP
VSPYMYISPPEALENPCYDMKTTCLPMFGYKHVLTLTDQVTRFNEEVKKQSVSRNRDAPEGGFDAIMQATVCDEKIGWRN
DASHLLVFTTDAKTHIALDGRLAGIVQPNDGQCHVGSDNHYSASTTMDYPSLGLMTEKLSQKNINLIFAVTENVVNLYQN
YSELIPGTTVGVLSMDSSNVLQLIVDAYGKIRSKVELEVRDLPEELSLSFNATCLNNEVIPGLKSCMGLKIGDTVSFSIE
AKVRGCPQEKEKSFTIKPVGFKDSLIVQVTFDCDCACQAQAEPNSHRCNNGNGTFECGVCR
;
B
3 'polypeptide(L)'
;EVQLQQSGAELVKPGASVKLSCTASGFNIKDTYVHWVKQRPEQGLEWIGRIDPANGYTKYDPKFQGKATITADTSSNTAY
LQLSSLTSEDTAVYYCVRPLYDYYAMDYWGQGTSVTVSSAKTTAPSVYPLAPVCGDTTGSSVTLGCLVKGYFPEPVTLTW
NSGSLSSGVHTFPAVLQSDLYTLSSSVTVTSSTWPSQSITCNVAHPASSTKVDKKIEPRGP
;
H
4 'polypeptide(L)'
;DILMTQSPSSMSVSLGDTVSITCHASQGISSNIGWLQQKPGKSFMGLIYYGTNLVDGVPSRFSGSGSGADYSLTISSLDS
EDFADYYCVQYAQLPYTFGGGTKLEIKRADAAPTVSIFPPSSEQLTSGGASVVCFLNNFYPKDINVKWKIDGSERQNGVL
NSWTDQDSKDSTYSMSSTLTLTKDEYERHNSYTCEATHKTSTSPIVKSFNRNEC
;
L
#
# COMPACT_ATOMS: atom_id res chain seq x y z
N LEU A 1 -25.10 8.87 -29.23
CA LEU A 1 -25.99 9.71 -30.10
C LEU A 1 -27.45 9.65 -29.66
N ASN A 2 -27.80 8.66 -28.84
CA ASN A 2 -29.20 8.41 -28.51
C ASN A 2 -29.46 8.03 -27.05
N LEU A 3 -28.63 8.52 -26.13
CA LEU A 3 -28.92 8.42 -24.71
C LEU A 3 -29.82 9.59 -24.35
N ASP A 4 -31.01 9.31 -23.84
CA ASP A 4 -31.96 10.36 -23.49
C ASP A 4 -31.49 11.12 -22.25
N PRO A 5 -31.18 12.42 -22.39
CA PRO A 5 -30.69 13.20 -21.25
C PRO A 5 -31.80 13.87 -20.42
N VAL A 6 -33.00 13.98 -20.98
CA VAL A 6 -34.12 14.58 -20.26
C VAL A 6 -34.72 13.59 -19.28
N GLN A 7 -34.98 12.36 -19.75
CA GLN A 7 -35.51 11.29 -18.91
C GLN A 7 -34.35 10.60 -18.19
N LEU A 8 -34.09 11.02 -16.96
CA LEU A 8 -33.06 10.41 -16.13
C LEU A 8 -33.69 9.67 -14.95
N THR A 9 -32.89 8.80 -14.34
CA THR A 9 -33.25 8.17 -13.08
C THR A 9 -32.11 8.43 -12.09
N PHE A 10 -32.44 8.98 -10.93
CA PHE A 10 -31.46 9.22 -9.87
C PHE A 10 -31.62 8.22 -8.71
N TYR A 11 -30.60 7.40 -8.50
CA TYR A 11 -30.49 6.59 -7.30
C TYR A 11 -29.61 7.34 -6.32
N ALA A 12 -30.02 7.39 -5.05
CA ALA A 12 -29.34 8.20 -4.04
C ALA A 12 -28.91 7.37 -2.83
N GLY A 13 -27.77 7.73 -2.25
CA GLY A 13 -27.30 7.13 -1.00
C GLY A 13 -27.30 8.16 0.12
N PRO A 14 -26.77 7.79 1.30
CA PRO A 14 -26.70 8.75 2.42
C PRO A 14 -25.61 9.81 2.24
N ASN A 15 -25.73 10.92 2.96
CA ASN A 15 -24.74 12.00 2.92
C ASN A 15 -23.35 11.54 3.33
N GLY A 16 -22.36 12.04 2.61
CA GLY A 16 -20.95 11.79 2.94
C GLY A 16 -20.52 10.34 2.81
N SER A 17 -21.28 9.55 2.04
CA SER A 17 -21.01 8.12 1.90
C SER A 17 -20.24 7.79 0.63
N GLN A 18 -20.17 8.75 -0.29
CA GLN A 18 -19.57 8.53 -1.61
C GLN A 18 -20.29 7.43 -2.40
N PHE A 19 -21.60 7.32 -2.17
CA PHE A 19 -22.47 6.45 -2.95
C PHE A 19 -22.30 6.83 -4.42
N GLY A 20 -21.79 5.89 -5.21
CA GLY A 20 -21.51 6.13 -6.62
C GLY A 20 -20.02 6.26 -6.95
N PHE A 21 -19.16 6.01 -5.97
CA PHE A 21 -17.73 6.01 -6.19
C PHE A 21 -17.39 4.89 -7.18
N SER A 22 -18.09 3.77 -7.04
CA SER A 22 -17.99 2.65 -7.97
C SER A 22 -19.36 2.03 -8.21
N LEU A 23 -19.51 1.34 -9.33
CA LEU A 23 -20.78 0.70 -9.65
C LEU A 23 -20.62 -0.36 -10.74
N ASP A 24 -21.69 -1.13 -10.95
CA ASP A 24 -21.72 -2.13 -12.01
C ASP A 24 -23.15 -2.64 -12.17
N PHE A 25 -23.46 -3.17 -13.34
CA PHE A 25 -24.71 -3.88 -13.54
C PHE A 25 -24.56 -5.28 -12.97
N HIS A 26 -25.59 -5.74 -12.26
CA HIS A 26 -25.64 -7.11 -11.74
C HIS A 26 -26.89 -7.81 -12.22
N LYS A 27 -26.75 -9.09 -12.59
CA LYS A 27 -27.84 -9.87 -13.14
C LYS A 27 -28.08 -11.13 -12.32
N ASP A 28 -29.30 -11.27 -11.78
CA ASP A 28 -29.66 -12.44 -10.98
C ASP A 28 -29.88 -13.66 -11.88
N SER A 29 -30.04 -14.84 -11.27
CA SER A 29 -30.23 -16.08 -12.00
C SER A 29 -31.50 -16.08 -12.84
N HIS A 30 -32.48 -15.26 -12.45
CA HIS A 30 -33.71 -15.08 -13.23
C HIS A 30 -33.47 -14.26 -14.51
N GLY A 31 -32.45 -13.41 -14.50
CA GLY A 31 -32.10 -12.58 -15.66
C GLY A 31 -32.34 -11.10 -15.45
N ARG A 32 -32.99 -10.76 -14.33
CA ARG A 32 -33.33 -9.38 -13.99
C ARG A 32 -32.08 -8.56 -13.67
N VAL A 33 -31.92 -7.45 -14.40
CA VAL A 33 -30.77 -6.56 -14.20
C VAL A 33 -31.02 -5.58 -13.05
N ALA A 34 -29.99 -5.40 -12.22
CA ALA A 34 -29.99 -4.45 -11.12
C ALA A 34 -28.68 -3.68 -11.17
N ILE A 35 -28.55 -2.65 -10.32
CA ILE A 35 -27.32 -1.86 -10.25
C ILE A 35 -26.73 -1.96 -8.86
N VAL A 36 -25.52 -2.53 -8.78
CA VAL A 36 -24.75 -2.54 -7.54
C VAL A 36 -23.99 -1.22 -7.45
N VAL A 37 -24.05 -0.58 -6.29
CA VAL A 37 -23.38 0.69 -6.07
C VAL A 37 -22.49 0.60 -4.83
N GLY A 38 -21.28 1.15 -4.94
CA GLY A 38 -20.32 1.18 -3.84
C GLY A 38 -20.32 2.54 -3.17
N ALA A 39 -20.24 2.54 -1.84
CA ALA A 39 -20.26 3.78 -1.05
C ALA A 39 -19.18 3.74 0.03
N PRO A 40 -17.92 3.98 -0.35
CA PRO A 40 -16.75 3.74 0.50
C PRO A 40 -16.63 4.54 1.79
N ARG A 41 -17.51 5.51 2.04
CA ARG A 41 -17.47 6.23 3.32
C ARG A 41 -18.76 6.14 4.13
N THR A 42 -19.62 5.17 3.78
CA THR A 42 -20.82 4.91 4.55
C THR A 42 -20.46 4.61 6.00
N LEU A 43 -21.16 5.25 6.93
CA LEU A 43 -20.99 4.96 8.35
C LEU A 43 -21.49 3.56 8.63
N GLY A 44 -20.71 2.79 9.41
CA GLY A 44 -21.16 1.49 9.89
C GLY A 44 -22.24 1.61 10.94
N PRO A 45 -22.56 0.50 11.62
CA PRO A 45 -23.64 0.51 12.62
C PRO A 45 -23.28 1.20 13.95
N SER A 46 -21.98 1.46 14.17
CA SER A 46 -21.52 2.18 15.35
C SER A 46 -20.94 3.56 15.01
N GLN A 47 -21.54 4.21 14.01
CA GLN A 47 -21.16 5.57 13.59
C GLN A 47 -19.68 5.77 13.24
N GLU A 48 -18.99 4.71 12.84
CA GLU A 48 -17.61 4.83 12.35
C GLU A 48 -17.56 4.41 10.89
N GLU A 49 -16.83 5.17 10.07
CA GLU A 49 -16.78 4.93 8.63
C GLU A 49 -16.23 3.56 8.29
N THR A 50 -17.06 2.71 7.67
CA THR A 50 -16.64 1.39 7.19
C THR A 50 -16.81 1.23 5.68
N GLY A 51 -17.66 2.06 5.08
CA GLY A 51 -18.06 1.88 3.69
C GLY A 51 -19.23 0.91 3.61
N GLY A 52 -19.85 0.84 2.44
CA GLY A 52 -21.00 -0.06 2.23
C GLY A 52 -21.38 -0.26 0.78
N VAL A 53 -22.17 -1.30 0.54
CA VAL A 53 -22.59 -1.68 -0.80
C VAL A 53 -24.12 -1.71 -0.83
N PHE A 54 -24.70 -1.21 -1.92
CA PHE A 54 -26.16 -1.20 -2.09
C PHE A 54 -26.54 -1.89 -3.40
N LEU A 55 -27.64 -2.64 -3.39
CA LEU A 55 -28.10 -3.33 -4.60
C LEU A 55 -29.41 -2.73 -5.07
N CYS A 56 -29.32 -1.86 -6.08
CA CYS A 56 -30.46 -1.11 -6.60
C CYS A 56 -31.21 -1.93 -7.66
N PRO A 57 -32.53 -2.11 -7.47
CA PRO A 57 -33.35 -2.73 -8.51
C PRO A 57 -33.84 -1.67 -9.51
N TRP A 58 -33.96 -2.06 -10.77
CA TRP A 58 -34.33 -1.10 -11.82
C TRP A 58 -35.72 -0.52 -11.59
N ARG A 59 -35.79 0.80 -11.42
CA ARG A 59 -37.04 1.54 -11.42
C ARG A 59 -36.87 2.84 -12.23
N ALA A 60 -37.93 3.23 -12.95
CA ALA A 60 -37.90 4.49 -13.69
C ALA A 60 -37.64 5.66 -12.75
N GLU A 61 -38.36 5.70 -11.64
CA GLU A 61 -38.24 6.78 -10.66
C GLU A 61 -36.95 6.75 -9.85
N GLY A 62 -36.34 5.57 -9.72
CA GLY A 62 -35.16 5.41 -8.87
C GLY A 62 -35.48 5.65 -7.41
N GLY A 63 -34.52 6.20 -6.66
CA GLY A 63 -34.71 6.51 -5.25
C GLY A 63 -33.65 5.85 -4.37
N GLN A 64 -34.07 5.38 -3.20
CA GLN A 64 -33.17 4.74 -2.24
C GLN A 64 -32.95 3.27 -2.59
N CYS A 65 -31.86 2.68 -2.09
CA CYS A 65 -31.53 1.28 -2.37
C CYS A 65 -31.28 0.49 -1.09
N PRO A 66 -31.52 -0.84 -1.13
CA PRO A 66 -31.26 -1.69 0.02
C PRO A 66 -29.78 -1.98 0.17
N SER A 67 -29.33 -2.15 1.42
CA SER A 67 -27.91 -2.34 1.70
C SER A 67 -27.52 -3.81 1.65
N LEU A 68 -26.66 -4.17 0.70
CA LEU A 68 -26.10 -5.52 0.63
C LEU A 68 -25.22 -5.71 1.85
N LEU A 69 -25.66 -6.58 2.76
CA LEU A 69 -25.10 -6.64 4.11
C LEU A 69 -23.75 -7.35 4.17
N PHE A 70 -22.82 -6.80 4.95
CA PHE A 70 -21.51 -7.42 5.15
C PHE A 70 -21.05 -7.29 6.60
N ASP A 71 -20.22 -8.23 7.05
CA ASP A 71 -19.73 -8.25 8.43
C ASP A 71 -18.70 -7.14 8.63
N LEU A 72 -19.08 -6.13 9.41
CA LEU A 72 -18.18 -5.00 9.69
C LEU A 72 -17.48 -5.10 11.06
N ARG A 73 -17.56 -6.27 11.70
CA ARG A 73 -16.89 -6.48 12.98
C ARG A 73 -15.44 -6.87 12.77
N ASP A 74 -14.55 -6.25 13.54
CA ASP A 74 -13.13 -6.60 13.51
C ASP A 74 -12.94 -8.00 14.09
N GLU A 75 -11.83 -8.63 13.72
CA GLU A 75 -11.56 -10.01 14.11
C GLU A 75 -10.18 -10.12 14.72
N THR A 76 -10.06 -10.94 15.75
CA THR A 76 -8.78 -11.28 16.35
C THR A 76 -8.70 -12.79 16.45
N ARG A 77 -7.55 -13.35 16.09
CA ARG A 77 -7.32 -14.78 16.23
C ARG A 77 -5.95 -15.08 16.80
N ASN A 78 -5.93 -15.62 18.02
CA ASN A 78 -4.69 -16.08 18.64
C ASN A 78 -4.43 -17.53 18.27
N VAL A 79 -3.50 -17.73 17.33
CA VAL A 79 -3.21 -19.06 16.79
C VAL A 79 -1.74 -19.17 16.40
N GLY A 80 -1.12 -20.31 16.71
CA GLY A 80 0.29 -20.54 16.40
C GLY A 80 1.20 -19.58 17.14
N SER A 81 0.86 -19.31 18.39
CA SER A 81 1.59 -18.34 19.21
C SER A 81 1.71 -16.94 18.56
N GLN A 82 0.71 -16.58 17.76
CA GLN A 82 0.62 -15.24 17.16
C GLN A 82 -0.77 -14.65 17.41
N THR A 83 -0.91 -13.37 17.12
CA THR A 83 -2.21 -12.70 17.19
C THR A 83 -2.52 -12.06 15.84
N LEU A 84 -3.51 -12.61 15.16
CA LEU A 84 -3.99 -12.05 13.89
C LEU A 84 -5.04 -10.99 14.20
N GLN A 85 -5.02 -9.90 13.45
CA GLN A 85 -5.93 -8.77 13.69
C GLN A 85 -6.42 -8.15 12.38
N THR A 86 -7.74 -8.03 12.23
CA THR A 86 -8.33 -7.29 11.12
C THR A 86 -8.92 -5.97 11.64
N PHE A 87 -8.71 -4.90 10.87
CA PHE A 87 -9.23 -3.59 11.22
C PHE A 87 -10.05 -3.02 10.06
N LYS A 88 -11.36 -2.85 10.28
CA LYS A 88 -12.29 -2.45 9.22
C LYS A 88 -12.67 -0.96 9.25
N ALA A 89 -12.21 -0.24 10.28
CA ALA A 89 -12.44 1.20 10.35
C ALA A 89 -11.76 1.88 9.17
N ARG A 90 -12.54 2.67 8.42
N ARG A 90 -12.54 2.67 8.42
CA ARG A 90 -12.05 3.43 7.27
CA ARG A 90 -12.05 3.43 7.27
C ARG A 90 -11.45 2.51 6.19
C ARG A 90 -11.45 2.51 6.19
N GLN A 91 -12.03 1.33 6.04
CA GLN A 91 -11.55 0.33 5.07
C GLN A 91 -11.99 0.64 3.65
N GLY A 92 -13.03 1.45 3.52
CA GLY A 92 -13.53 1.85 2.22
C GLY A 92 -14.24 0.75 1.47
N LEU A 93 -15.09 0.00 2.16
CA LEU A 93 -15.87 -1.06 1.52
C LEU A 93 -16.73 -0.45 0.41
N GLY A 94 -16.56 -0.96 -0.81
CA GLY A 94 -17.28 -0.44 -1.97
C GLY A 94 -16.50 0.61 -2.75
N ALA A 95 -15.21 0.74 -2.44
CA ALA A 95 -14.29 1.58 -3.24
C ALA A 95 -14.21 1.01 -4.65
N SER A 96 -14.38 -0.30 -4.76
CA SER A 96 -14.63 -0.94 -6.05
C SER A 96 -15.68 -2.04 -5.87
N VAL A 97 -16.51 -2.21 -6.89
CA VAL A 97 -17.52 -3.27 -6.90
C VAL A 97 -17.61 -3.83 -8.32
N VAL A 98 -17.65 -5.15 -8.42
CA VAL A 98 -17.75 -5.81 -9.71
C VAL A 98 -18.70 -6.98 -9.56
N SER A 99 -19.39 -7.33 -10.65
CA SER A 99 -20.33 -8.44 -10.66
C SER A 99 -19.93 -9.47 -11.71
N TRP A 100 -20.23 -10.73 -11.42
CA TRP A 100 -20.03 -11.83 -12.36
C TRP A 100 -21.01 -12.95 -12.02
N SER A 101 -21.80 -13.34 -13.00
CA SER A 101 -22.90 -14.30 -12.80
C SER A 101 -23.76 -13.86 -11.60
N ASP A 102 -24.01 -14.78 -10.67
CA ASP A 102 -24.84 -14.46 -9.51
C ASP A 102 -24.02 -14.06 -8.28
N VAL A 103 -22.77 -13.62 -8.51
CA VAL A 103 -21.91 -13.14 -7.44
C VAL A 103 -21.61 -11.64 -7.59
N ILE A 104 -21.42 -10.98 -6.45
CA ILE A 104 -20.95 -9.59 -6.40
C ILE A 104 -19.71 -9.55 -5.53
N VAL A 105 -18.68 -8.85 -5.99
CA VAL A 105 -17.42 -8.70 -5.27
C VAL A 105 -17.17 -7.22 -4.98
N ALA A 106 -17.37 -6.81 -3.73
CA ALA A 106 -17.09 -5.44 -3.29
C ALA A 106 -15.83 -5.45 -2.43
N CYS A 107 -14.88 -4.55 -2.71
CA CYS A 107 -13.61 -4.54 -1.98
C CYS A 107 -13.43 -3.31 -1.09
N ALA A 108 -12.68 -3.53 -0.01
CA ALA A 108 -12.25 -2.47 0.89
C ALA A 108 -10.73 -2.41 0.78
N PRO A 109 -10.20 -1.55 -0.10
CA PRO A 109 -8.76 -1.49 -0.36
C PRO A 109 -7.91 -1.07 0.85
N TRP A 110 -8.49 -0.32 1.78
CA TRP A 110 -7.73 0.20 2.91
C TRP A 110 -8.00 -0.54 4.22
N GLN A 111 -8.57 -1.73 4.13
CA GLN A 111 -8.75 -2.56 5.32
C GLN A 111 -7.36 -2.89 5.86
N HIS A 112 -7.17 -2.63 7.15
CA HIS A 112 -5.87 -2.83 7.77
C HIS A 112 -5.75 -4.19 8.45
N TRP A 113 -4.51 -4.57 8.69
CA TRP A 113 -4.16 -5.92 9.13
C TRP A 113 -2.87 -5.84 9.92
N ASN A 114 -2.76 -6.67 10.97
CA ASN A 114 -1.52 -6.77 11.74
C ASN A 114 -1.39 -8.15 12.35
N VAL A 115 -0.15 -8.53 12.67
CA VAL A 115 0.12 -9.76 13.40
C VAL A 115 1.08 -9.42 14.53
N LEU A 116 0.72 -9.80 15.75
CA LEU A 116 1.56 -9.54 16.92
C LEU A 116 2.16 -10.85 17.42
N GLU A 117 3.45 -10.82 17.73
CA GLU A 117 4.15 -11.98 18.27
C GLU A 117 5.10 -11.48 19.36
N LYS A 118 4.69 -11.62 20.62
CA LYS A 118 5.40 -11.04 21.75
C LYS A 118 5.61 -9.53 21.50
N THR A 119 6.83 -9.03 21.66
CA THR A 119 7.08 -7.58 21.48
C THR A 119 7.11 -7.13 20.02
N GLU A 120 7.14 -8.07 19.08
CA GLU A 120 7.27 -7.74 17.66
C GLU A 120 5.93 -7.77 16.94
N GLU A 121 5.92 -7.27 15.72
CA GLU A 121 4.71 -7.24 14.90
C GLU A 121 5.01 -7.21 13.40
N ALA A 122 4.02 -7.57 12.59
CA ALA A 122 4.10 -7.44 11.13
C ALA A 122 3.99 -5.97 10.71
N GLU A 123 3.32 -5.17 11.54
CA GLU A 123 2.99 -3.74 11.30
C GLU A 123 1.55 -3.61 10.79
N LYS A 124 0.79 -2.71 11.43
CA LYS A 124 -0.59 -2.44 11.03
C LYS A 124 -0.57 -1.71 9.70
N THR A 125 -1.05 -2.37 8.65
CA THR A 125 -0.91 -1.88 7.29
C THR A 125 -2.12 -2.24 6.41
N PRO A 126 -2.38 -1.45 5.35
CA PRO A 126 -3.56 -1.65 4.52
C PRO A 126 -3.38 -2.73 3.45
N VAL A 127 -3.54 -3.99 3.84
CA VAL A 127 -3.44 -5.10 2.89
C VAL A 127 -4.60 -5.12 1.90
N GLY A 128 -5.72 -4.51 2.31
CA GLY A 128 -6.94 -4.57 1.51
C GLY A 128 -7.64 -5.90 1.68
N SER A 129 -8.93 -5.93 1.35
CA SER A 129 -9.69 -7.18 1.36
C SER A 129 -10.97 -7.03 0.54
N CYS A 130 -11.41 -8.13 -0.08
CA CYS A 130 -12.65 -8.14 -0.85
C CYS A 130 -13.68 -9.03 -0.20
N PHE A 131 -14.91 -8.51 -0.06
CA PHE A 131 -16.06 -9.26 0.40
C PHE A 131 -16.84 -9.77 -0.82
N LEU A 132 -17.13 -11.06 -0.85
CA LEU A 132 -17.87 -11.67 -1.96
C LEU A 132 -19.28 -12.08 -1.51
N ALA A 133 -20.29 -11.70 -2.30
CA ALA A 133 -21.68 -11.96 -1.95
C ALA A 133 -22.41 -12.70 -3.06
N GLN A 134 -23.35 -13.55 -2.65
CA GLN A 134 -24.26 -14.23 -3.58
C GLN A 134 -25.68 -13.96 -3.09
N PRO A 135 -26.26 -12.81 -3.51
CA PRO A 135 -27.54 -12.31 -3.02
C PRO A 135 -28.67 -13.33 -2.89
N GLU A 136 -28.83 -14.18 -3.91
CA GLU A 136 -29.97 -15.10 -3.97
C GLU A 136 -29.86 -16.32 -3.03
N SER A 137 -28.67 -16.58 -2.49
CA SER A 137 -28.49 -17.66 -1.52
C SER A 137 -28.16 -17.10 -0.12
N GLY A 138 -27.51 -15.94 -0.09
CA GLY A 138 -27.10 -15.32 1.16
C GLY A 138 -25.66 -15.65 1.51
N ARG A 139 -25.01 -16.47 0.69
CA ARG A 139 -23.64 -16.90 0.96
C ARG A 139 -22.68 -15.72 0.96
N ARG A 140 -21.72 -15.76 1.86
CA ARG A 140 -20.68 -14.74 1.93
C ARG A 140 -19.31 -15.42 1.96
N ALA A 141 -18.34 -14.79 1.29
CA ALA A 141 -16.96 -15.23 1.32
C ALA A 141 -16.07 -14.00 1.29
N GLU A 142 -14.80 -14.20 1.63
CA GLU A 142 -13.81 -13.13 1.58
C GLU A 142 -12.54 -13.60 0.86
N TYR A 143 -11.71 -12.63 0.47
CA TYR A 143 -10.45 -12.92 -0.21
C TYR A 143 -9.50 -11.77 0.06
N SER A 144 -8.36 -12.09 0.68
CA SER A 144 -7.42 -11.07 1.14
C SER A 144 -6.00 -11.59 0.96
N PRO A 145 -5.57 -11.71 -0.31
CA PRO A 145 -4.36 -12.47 -0.63
C PRO A 145 -3.03 -11.84 -0.17
N CYS A 146 -3.07 -10.61 0.35
CA CYS A 146 -1.84 -9.94 0.78
C CYS A 146 -1.57 -10.02 2.29
N ARG A 147 -2.49 -10.61 3.05
CA ARG A 147 -2.23 -10.86 4.47
C ARG A 147 -1.05 -11.82 4.65
N GLY A 148 -0.26 -11.58 5.68
CA GLY A 148 0.84 -12.49 6.04
C GLY A 148 0.99 -12.65 7.54
N ASN A 149 1.94 -13.49 7.94
CA ASN A 149 2.31 -13.63 9.34
C ASN A 149 3.81 -13.51 9.52
N THR A 150 4.40 -12.57 8.79
CA THR A 150 5.84 -12.32 8.86
C THR A 150 6.10 -11.04 9.65
N LEU A 151 7.04 -11.12 10.59
CA LEU A 151 7.33 -10.01 11.49
C LEU A 151 8.18 -8.94 10.79
N SER A 152 8.05 -7.71 11.28
CA SER A 152 8.65 -6.52 10.66
C SER A 152 10.13 -6.72 10.33
N ARG A 153 10.87 -7.22 11.31
CA ARG A 153 12.31 -7.45 11.18
C ARG A 153 12.72 -8.26 9.95
N ILE A 154 11.98 -9.30 9.63
CA ILE A 154 12.37 -10.23 8.55
C ILE A 154 12.37 -9.55 7.18
N TYR A 155 11.42 -8.63 6.98
CA TYR A 155 11.39 -7.84 5.75
C TYR A 155 12.64 -6.99 5.64
N VAL A 156 13.06 -6.38 6.75
CA VAL A 156 14.26 -5.56 6.76
C VAL A 156 15.49 -6.41 6.44
N GLU A 157 15.57 -7.60 7.05
CA GLU A 157 16.67 -8.53 6.77
C GLU A 157 16.69 -8.99 5.32
N ASN A 158 15.54 -9.01 4.65
CA ASN A 158 15.45 -9.41 3.24
C ASN A 158 15.27 -8.23 2.28
N ASP A 159 15.71 -7.04 2.69
CA ASP A 159 15.65 -5.85 1.84
C ASP A 159 14.25 -5.60 1.27
N PHE A 160 13.24 -5.86 2.09
CA PHE A 160 11.85 -5.56 1.74
C PHE A 160 11.36 -6.25 0.48
N SER A 161 11.90 -7.43 0.20
CA SER A 161 11.44 -8.23 -0.93
C SER A 161 10.16 -8.95 -0.54
N TRP A 162 9.29 -9.17 -1.52
CA TRP A 162 8.02 -9.86 -1.31
C TRP A 162 7.24 -9.24 -0.17
N ASP A 163 7.21 -7.91 -0.12
CA ASP A 163 6.52 -7.16 0.93
C ASP A 163 5.12 -6.78 0.44
N LYS A 164 4.13 -7.56 0.85
CA LYS A 164 2.74 -7.34 0.45
C LYS A 164 1.94 -6.58 1.51
N ARG A 165 2.61 -5.97 2.48
CA ARG A 165 1.92 -5.38 3.62
C ARG A 165 1.03 -4.18 3.27
N TYR A 166 1.28 -3.54 2.13
CA TYR A 166 0.58 -2.30 1.77
C TYR A 166 -0.18 -2.44 0.45
N CYS A 167 -0.43 -3.69 0.03
CA CYS A 167 -1.09 -3.99 -1.25
C CYS A 167 -2.25 -3.10 -1.64
N GLU A 168 -3.17 -2.91 -0.69
CA GLU A 168 -4.49 -2.35 -0.95
C GLU A 168 -5.24 -3.18 -2.01
N ALA A 169 -5.22 -4.50 -1.84
CA ALA A 169 -5.88 -5.41 -2.77
C ALA A 169 -7.34 -5.01 -2.97
N GLY A 170 -7.80 -5.07 -4.21
CA GLY A 170 -9.16 -4.66 -4.55
C GLY A 170 -9.28 -3.18 -4.87
N PHE A 171 -8.15 -2.48 -4.90
CA PHE A 171 -8.10 -1.09 -5.36
C PHE A 171 -8.79 -1.01 -6.72
N SER A 172 -8.48 -1.98 -7.58
CA SER A 172 -9.20 -2.19 -8.84
C SER A 172 -9.53 -3.67 -8.96
N SER A 173 -10.60 -3.98 -9.68
CA SER A 173 -11.05 -5.36 -9.82
C SER A 173 -11.71 -5.61 -11.17
N VAL A 174 -11.55 -6.84 -11.66
CA VAL A 174 -12.22 -7.30 -12.86
C VAL A 174 -12.37 -8.82 -12.74
N VAL A 175 -13.37 -9.38 -13.41
CA VAL A 175 -13.57 -10.82 -13.43
C VAL A 175 -13.56 -11.28 -14.90
N THR A 176 -12.82 -12.35 -15.18
CA THR A 176 -12.84 -12.96 -16.51
C THR A 176 -14.16 -13.71 -16.70
N GLN A 177 -14.44 -14.13 -17.92
CA GLN A 177 -15.70 -14.81 -18.21
C GLN A 177 -15.77 -16.18 -17.54
N ALA A 178 -14.62 -16.84 -17.40
CA ALA A 178 -14.55 -18.15 -16.73
C ALA A 178 -14.85 -18.07 -15.24
N GLY A 179 -14.68 -16.88 -14.65
CA GLY A 179 -14.94 -16.67 -13.23
C GLY A 179 -13.69 -16.55 -12.38
N GLU A 180 -12.58 -16.10 -12.99
CA GLU A 180 -11.38 -15.76 -12.22
C GLU A 180 -11.45 -14.29 -11.83
N LEU A 181 -11.38 -14.03 -10.53
CA LEU A 181 -11.31 -12.66 -10.01
C LEU A 181 -9.88 -12.19 -10.12
N VAL A 182 -9.69 -10.98 -10.63
CA VAL A 182 -8.37 -10.38 -10.75
C VAL A 182 -8.39 -9.06 -10.00
N LEU A 183 -7.51 -8.91 -9.02
CA LEU A 183 -7.45 -7.70 -8.19
C LEU A 183 -6.21 -6.87 -8.46
N GLY A 184 -6.38 -5.55 -8.47
CA GLY A 184 -5.26 -4.63 -8.52
C GLY A 184 -4.80 -4.23 -7.13
N ALA A 185 -3.50 -4.33 -6.87
CA ALA A 185 -2.93 -3.97 -5.57
C ALA A 185 -1.72 -3.07 -5.81
N PRO A 186 -1.97 -1.76 -6.04
CA PRO A 186 -0.90 -0.84 -6.45
C PRO A 186 0.14 -0.57 -5.36
N GLY A 187 -0.22 -0.87 -4.11
CA GLY A 187 0.73 -0.81 -3.01
C GLY A 187 1.61 -2.05 -2.89
N GLY A 188 1.29 -3.10 -3.65
CA GLY A 188 2.00 -4.36 -3.58
C GLY A 188 3.50 -4.26 -3.82
N TYR A 189 4.24 -5.15 -3.18
CA TYR A 189 5.70 -5.23 -3.32
C TYR A 189 6.36 -3.86 -3.10
N TYR A 190 6.04 -3.27 -1.95
CA TYR A 190 6.50 -1.94 -1.56
C TYR A 190 6.19 -0.89 -2.64
N PHE A 191 4.92 -0.81 -3.02
CA PHE A 191 4.40 0.22 -3.93
C PHE A 191 4.80 0.08 -5.41
N LEU A 192 5.42 -1.05 -5.77
CA LEU A 192 5.53 -1.44 -7.19
C LEU A 192 4.14 -1.61 -7.76
N GLY A 193 3.34 -2.41 -7.06
CA GLY A 193 2.04 -2.85 -7.55
C GLY A 193 2.09 -4.35 -7.82
N LEU A 194 0.94 -5.01 -7.70
CA LEU A 194 0.81 -6.41 -8.04
C LEU A 194 -0.62 -6.78 -8.39
N LEU A 195 -0.78 -7.95 -9.00
CA LEU A 195 -2.09 -8.51 -9.31
C LEU A 195 -2.25 -9.84 -8.61
N ALA A 196 -3.45 -10.10 -8.09
CA ALA A 196 -3.78 -11.37 -7.47
C ALA A 196 -5.01 -11.95 -8.17
N GLN A 197 -4.88 -13.19 -8.64
CA GLN A 197 -5.96 -13.87 -9.35
C GLN A 197 -6.42 -15.08 -8.54
N ALA A 198 -7.72 -15.37 -8.59
CA ALA A 198 -8.27 -16.58 -7.98
C ALA A 198 -9.68 -16.86 -8.49
N PRO A 199 -9.99 -18.12 -8.84
CA PRO A 199 -11.34 -18.46 -9.27
C PRO A 199 -12.38 -18.16 -8.19
N VAL A 200 -13.46 -17.46 -8.57
CA VAL A 200 -14.52 -17.11 -7.63
C VAL A 200 -14.99 -18.33 -6.86
N ALA A 201 -15.16 -19.45 -7.56
CA ALA A 201 -15.58 -20.72 -6.96
C ALA A 201 -14.62 -21.17 -5.84
N ASP A 202 -13.32 -21.09 -6.13
CA ASP A 202 -12.32 -21.54 -5.17
C ASP A 202 -12.20 -20.61 -3.96
N ILE A 203 -12.51 -19.33 -4.16
CA ILE A 203 -12.56 -18.38 -3.05
C ILE A 203 -13.66 -18.81 -2.08
N PHE A 204 -14.87 -18.99 -2.63
CA PHE A 204 -16.03 -19.42 -1.84
C PHE A 204 -15.77 -20.72 -1.10
N SER A 205 -15.22 -21.72 -1.80
CA SER A 205 -15.07 -23.06 -1.23
C SER A 205 -13.93 -23.21 -0.21
N SER A 206 -13.00 -22.26 -0.19
CA SER A 206 -11.90 -22.31 0.78
C SER A 206 -12.04 -21.31 1.93
N TYR A 207 -13.06 -20.44 1.87
CA TYR A 207 -13.29 -19.47 2.94
C TYR A 207 -14.10 -20.06 4.09
N ARG A 208 -13.65 -19.79 5.31
CA ARG A 208 -14.45 -19.95 6.53
C ARG A 208 -14.26 -18.75 7.44
N PRO A 209 -15.29 -18.39 8.20
CA PRO A 209 -15.16 -17.22 9.07
C PRO A 209 -14.25 -17.46 10.28
N GLY A 210 -13.45 -16.46 10.62
CA GLY A 210 -12.56 -16.53 11.78
C GLY A 210 -11.16 -17.07 11.53
N ILE A 211 -10.91 -17.62 10.34
CA ILE A 211 -9.59 -18.21 10.03
C ILE A 211 -8.58 -17.11 9.77
N LEU A 212 -8.94 -16.18 8.88
CA LEU A 212 -8.14 -14.98 8.59
C LEU A 212 -6.93 -15.24 7.68
N LEU A 213 -6.09 -16.22 8.02
CA LEU A 213 -5.03 -16.65 7.11
C LEU A 213 -5.32 -18.05 6.58
N TRP A 214 -5.74 -18.13 5.31
CA TRP A 214 -6.03 -19.41 4.69
C TRP A 214 -5.50 -19.48 3.26
N HIS A 215 -5.30 -20.71 2.78
CA HIS A 215 -4.77 -20.96 1.44
C HIS A 215 -5.88 -21.10 0.40
N VAL A 216 -5.78 -20.34 -0.69
CA VAL A 216 -6.59 -20.58 -1.88
C VAL A 216 -5.67 -21.17 -2.96
N SER A 217 -5.58 -22.49 -3.00
CA SER A 217 -4.55 -23.21 -3.77
C SER A 217 -4.40 -22.77 -5.23
N SER A 218 -5.52 -22.44 -5.87
CA SER A 218 -5.51 -22.08 -7.28
C SER A 218 -5.11 -20.62 -7.56
N GLN A 219 -4.80 -19.85 -6.53
CA GLN A 219 -4.52 -18.43 -6.74
C GLN A 219 -3.18 -18.22 -7.43
N SER A 220 -3.06 -17.08 -8.09
CA SER A 220 -1.89 -16.72 -8.88
C SER A 220 -1.59 -15.25 -8.69
N LEU A 221 -0.49 -14.94 -8.01
CA LEU A 221 -0.05 -13.56 -7.82
C LEU A 221 1.09 -13.23 -8.79
N SER A 222 1.17 -11.95 -9.17
CA SER A 222 2.27 -11.46 -9.99
C SER A 222 3.53 -11.35 -9.14
N PHE A 223 4.60 -10.81 -9.70
CA PHE A 223 5.93 -10.95 -9.10
C PHE A 223 6.53 -9.64 -8.64
N ASP A 224 7.49 -9.76 -7.73
CA ASP A 224 8.27 -8.63 -7.24
C ASP A 224 9.42 -8.41 -8.21
N SER A 225 9.97 -7.20 -8.19
CA SER A 225 11.08 -6.84 -9.07
C SER A 225 11.99 -5.83 -8.39
N SER A 226 13.26 -5.85 -8.76
CA SER A 226 14.23 -4.86 -8.26
C SER A 226 14.71 -3.98 -9.40
N ASN A 227 13.83 -3.78 -10.39
CA ASN A 227 14.08 -2.89 -11.52
C ASN A 227 13.53 -1.50 -11.19
N PRO A 228 14.41 -0.50 -11.04
CA PRO A 228 13.97 0.84 -10.60
C PRO A 228 12.83 1.46 -11.41
N GLU A 229 12.69 1.06 -12.67
CA GLU A 229 11.61 1.55 -13.52
C GLU A 229 10.22 1.27 -12.95
N TYR A 230 10.11 0.16 -12.22
CA TYR A 230 8.82 -0.25 -11.65
C TYR A 230 8.53 0.35 -10.28
N PHE A 231 9.55 0.91 -9.64
CA PHE A 231 9.44 1.42 -8.26
C PHE A 231 8.40 2.53 -8.16
N ASP A 232 7.51 2.43 -7.18
CA ASP A 232 6.46 3.44 -6.95
C ASP A 232 5.58 3.65 -8.18
N GLY A 233 5.40 2.58 -8.97
CA GLY A 233 4.69 2.66 -10.25
C GLY A 233 3.19 2.45 -10.14
N TYR A 234 2.74 1.92 -9.01
CA TYR A 234 1.31 1.67 -8.75
C TYR A 234 0.67 0.78 -9.82
N TRP A 235 1.43 -0.24 -10.21
CA TRP A 235 1.04 -1.24 -11.19
C TRP A 235 -0.17 -2.03 -10.67
N GLY A 236 -1.35 -1.74 -11.21
CA GLY A 236 -2.61 -2.27 -10.70
C GLY A 236 -3.58 -1.19 -10.21
N TYR A 237 -3.22 0.07 -10.41
CA TYR A 237 -4.12 1.20 -10.13
C TYR A 237 -5.42 1.00 -10.92
N SER A 238 -5.28 0.55 -12.16
CA SER A 238 -6.42 0.08 -12.95
C SER A 238 -6.09 -1.29 -13.51
N VAL A 239 -7.13 -2.02 -13.91
CA VAL A 239 -6.99 -3.37 -14.44
C VAL A 239 -8.15 -3.69 -15.39
N ALA A 240 -7.90 -4.57 -16.35
CA ALA A 240 -8.93 -5.00 -17.31
C ALA A 240 -8.51 -6.32 -17.97
N VAL A 241 -9.44 -6.93 -18.71
CA VAL A 241 -9.17 -8.20 -19.39
C VAL A 241 -9.67 -8.15 -20.84
N GLY A 242 -9.01 -8.93 -21.71
CA GLY A 242 -9.40 -9.00 -23.11
C GLY A 242 -8.66 -10.08 -23.87
N GLU A 243 -8.71 -9.98 -25.21
CA GLU A 243 -8.11 -10.97 -26.10
C GLU A 243 -7.13 -10.28 -27.05
N PHE A 244 -5.84 -10.52 -26.83
CA PHE A 244 -4.77 -9.81 -27.53
C PHE A 244 -3.69 -10.68 -28.16
N ASP A 245 -3.82 -12.00 -28.09
CA ASP A 245 -2.83 -12.91 -28.71
C ASP A 245 -3.43 -13.89 -29.74
N GLY A 246 -4.72 -13.73 -30.07
CA GLY A 246 -5.36 -14.58 -31.08
C GLY A 246 -5.88 -15.91 -30.58
N ASP A 247 -5.36 -16.38 -29.46
CA ASP A 247 -5.72 -17.67 -28.87
C ASP A 247 -6.87 -17.48 -27.87
N LEU A 248 -8.08 -17.86 -28.27
CA LEU A 248 -9.27 -17.69 -27.44
C LEU A 248 -9.26 -18.57 -26.17
N ASN A 249 -8.46 -19.63 -26.17
CA ASN A 249 -8.35 -20.53 -25.03
C ASN A 249 -7.60 -19.93 -23.83
N THR A 250 -6.96 -18.78 -24.03
CA THR A 250 -6.25 -18.08 -22.96
C THR A 250 -6.73 -16.64 -22.83
N THR A 251 -6.57 -16.07 -21.65
CA THR A 251 -7.04 -14.72 -21.36
C THR A 251 -5.88 -13.78 -21.06
N GLU A 252 -5.93 -12.58 -21.63
CA GLU A 252 -4.89 -11.58 -21.45
C GLU A 252 -5.34 -10.54 -20.43
N TYR A 253 -4.39 -10.03 -19.65
CA TYR A 253 -4.67 -9.02 -18.64
C TYR A 253 -4.08 -7.67 -19.04
N VAL A 254 -4.88 -6.61 -18.88
CA VAL A 254 -4.43 -5.23 -19.09
C VAL A 254 -4.23 -4.55 -17.74
N VAL A 255 -3.00 -4.11 -17.46
CA VAL A 255 -2.66 -3.48 -16.18
C VAL A 255 -2.19 -2.03 -16.38
N GLY A 256 -2.75 -1.12 -15.56
CA GLY A 256 -2.35 0.28 -15.56
C GLY A 256 -1.34 0.56 -14.47
N ALA A 257 -0.23 1.20 -14.84
CA ALA A 257 0.82 1.59 -13.91
C ALA A 257 1.10 3.07 -14.13
N PRO A 258 0.24 3.95 -13.57
CA PRO A 258 0.21 5.38 -13.90
C PRO A 258 1.40 6.22 -13.46
N THR A 259 2.22 5.71 -12.55
CA THR A 259 3.42 6.43 -12.11
C THR A 259 4.69 5.64 -12.42
N TRP A 260 4.55 4.66 -13.32
CA TRP A 260 5.67 3.80 -13.77
C TRP A 260 6.82 4.61 -14.36
N SER A 261 8.04 4.14 -14.13
CA SER A 261 9.26 4.78 -14.63
C SER A 261 9.29 6.28 -14.34
N TRP A 262 9.46 6.61 -13.06
CA TRP A 262 9.59 8.00 -12.61
C TRP A 262 8.42 8.88 -13.07
N THR A 263 7.21 8.42 -12.77
CA THR A 263 5.97 9.13 -13.09
C THR A 263 5.71 9.35 -14.58
N LEU A 264 6.40 8.58 -15.43
CA LEU A 264 6.12 8.60 -16.88
C LEU A 264 4.80 7.90 -17.17
N GLY A 265 4.50 6.86 -16.39
CA GLY A 265 3.27 6.10 -16.57
C GLY A 265 3.39 5.03 -17.65
N ALA A 266 2.61 3.98 -17.52
CA ALA A 266 2.60 2.89 -18.49
C ALA A 266 1.36 2.04 -18.34
N VAL A 267 1.04 1.30 -19.40
CA VAL A 267 0.01 0.26 -19.37
C VAL A 267 0.57 -0.98 -20.06
N GLU A 268 0.34 -2.14 -19.46
CA GLU A 268 0.90 -3.39 -19.99
C GLU A 268 -0.20 -4.42 -20.31
N ILE A 269 0.03 -5.17 -21.39
CA ILE A 269 -0.78 -6.33 -21.73
C ILE A 269 0.02 -7.59 -21.40
N LEU A 270 -0.57 -8.49 -20.63
CA LEU A 270 0.11 -9.66 -20.08
C LEU A 270 -0.72 -10.91 -20.30
N ASP A 271 -0.10 -12.08 -20.14
CA ASP A 271 -0.83 -13.35 -20.18
C ASP A 271 -1.23 -13.73 -18.75
N SER A 272 -1.91 -14.86 -18.61
CA SER A 272 -2.39 -15.31 -17.29
C SER A 272 -1.27 -15.76 -16.34
N TYR A 273 -0.05 -15.93 -16.88
CA TYR A 273 1.13 -16.20 -16.09
C TYR A 273 1.88 -14.91 -15.75
N TYR A 274 1.33 -13.77 -16.16
CA TYR A 274 1.94 -12.45 -15.94
C TYR A 274 3.24 -12.20 -16.73
N GLN A 275 3.44 -12.94 -17.81
CA GLN A 275 4.51 -12.61 -18.75
C GLN A 275 4.04 -11.43 -19.58
N ARG A 276 4.90 -10.42 -19.70
CA ARG A 276 4.58 -9.21 -20.46
CA ARG A 276 4.58 -9.22 -20.46
C ARG A 276 4.52 -9.54 -21.95
N LEU A 277 3.43 -9.14 -22.60
CA LEU A 277 3.26 -9.31 -24.05
C LEU A 277 3.50 -8.00 -24.79
N HIS A 278 3.06 -6.89 -24.21
N HIS A 278 3.00 -6.89 -24.23
CA HIS A 278 3.34 -5.57 -24.75
CA HIS A 278 3.19 -5.55 -24.77
C HIS A 278 3.32 -4.52 -23.66
C HIS A 278 3.37 -4.54 -23.62
N ARG A 279 4.01 -3.41 -23.90
CA ARG A 279 4.02 -2.27 -22.99
C ARG A 279 3.79 -0.98 -23.76
N LEU A 280 2.78 -0.22 -23.36
CA LEU A 280 2.51 1.09 -23.91
C LEU A 280 3.03 2.13 -22.92
N ARG A 281 3.86 3.05 -23.42
CA ARG A 281 4.51 4.05 -22.56
C ARG A 281 3.75 5.37 -22.57
N GLY A 282 3.79 6.07 -21.43
CA GLY A 282 3.15 7.37 -21.28
C GLY A 282 3.80 8.43 -22.14
N GLU A 283 3.02 9.43 -22.53
CA GLU A 283 3.48 10.49 -23.42
C GLU A 283 4.15 11.61 -22.64
N GLN A 284 3.68 11.85 -21.41
CA GLN A 284 4.07 13.01 -20.62
C GLN A 284 4.01 12.70 -19.13
N MET A 285 5.04 13.14 -18.40
CA MET A 285 5.15 12.84 -16.98
C MET A 285 4.02 13.47 -16.18
N ALA A 286 3.60 12.76 -15.12
CA ALA A 286 2.56 13.21 -14.19
C ALA A 286 1.13 13.29 -14.81
N SER A 287 0.99 12.82 -16.04
CA SER A 287 -0.31 12.84 -16.72
C SER A 287 -1.23 11.72 -16.23
N TYR A 288 -0.64 10.78 -15.49
CA TYR A 288 -1.35 9.61 -14.96
C TYR A 288 -1.89 8.70 -16.08
N PHE A 289 -1.11 8.59 -17.15
CA PHE A 289 -1.34 7.61 -18.21
C PHE A 289 -1.43 6.23 -17.58
N GLY A 290 -2.63 5.65 -17.59
CA GLY A 290 -2.88 4.38 -16.92
C GLY A 290 -3.87 4.47 -15.78
N HIS A 291 -4.34 5.69 -15.48
CA HIS A 291 -5.42 5.89 -14.52
C HIS A 291 -6.63 5.07 -14.93
N SER A 292 -6.87 5.00 -16.24
CA SER A 292 -8.00 4.29 -16.80
C SER A 292 -7.53 3.37 -17.92
N VAL A 293 -8.20 2.23 -18.05
CA VAL A 293 -7.96 1.30 -19.15
C VAL A 293 -9.29 0.64 -19.53
N ALA A 294 -9.63 0.65 -20.82
CA ALA A 294 -10.85 0.00 -21.29
C ALA A 294 -10.54 -0.84 -22.53
N VAL A 295 -11.16 -2.00 -22.62
CA VAL A 295 -10.99 -2.92 -23.75
C VAL A 295 -12.31 -3.09 -24.49
N THR A 296 -12.29 -2.84 -25.80
CA THR A 296 -13.45 -3.04 -26.65
C THR A 296 -13.07 -2.92 -28.12
N ASP A 297 -13.70 -3.74 -28.97
CA ASP A 297 -13.50 -3.68 -30.41
C ASP A 297 -14.40 -2.59 -30.96
N VAL A 298 -13.81 -1.44 -31.30
CA VAL A 298 -14.57 -0.28 -31.79
C VAL A 298 -14.65 -0.18 -33.32
N ASN A 299 -13.79 -0.92 -34.02
CA ASN A 299 -13.76 -0.86 -35.50
C ASN A 299 -14.30 -2.11 -36.21
N GLY A 300 -15.09 -2.91 -35.50
CA GLY A 300 -15.87 -3.99 -36.10
C GLY A 300 -15.13 -5.12 -36.79
N ASP A 301 -13.84 -5.30 -36.50
CA ASP A 301 -13.06 -6.38 -37.14
C ASP A 301 -12.93 -7.61 -36.24
N GLY A 302 -13.51 -7.56 -35.05
CA GLY A 302 -13.51 -8.69 -34.13
C GLY A 302 -12.33 -8.75 -33.18
N ARG A 303 -11.33 -7.89 -33.39
CA ARG A 303 -10.17 -7.81 -32.51
C ARG A 303 -10.36 -6.70 -31.49
N HIS A 304 -10.21 -7.04 -30.21
CA HIS A 304 -10.31 -6.05 -29.13
C HIS A 304 -9.29 -4.93 -29.32
N ASP A 305 -9.74 -3.69 -29.08
CA ASP A 305 -8.86 -2.53 -29.08
C ASP A 305 -8.63 -2.10 -27.64
N LEU A 306 -7.56 -1.33 -27.41
CA LEU A 306 -7.21 -0.84 -26.07
C LEU A 306 -7.39 0.67 -26.00
N LEU A 307 -8.00 1.13 -24.91
CA LEU A 307 -8.16 2.55 -24.62
C LEU A 307 -7.52 2.87 -23.27
N VAL A 308 -6.59 3.81 -23.27
CA VAL A 308 -5.90 4.24 -22.05
C VAL A 308 -6.21 5.70 -21.77
N GLY A 309 -6.35 6.03 -20.49
CA GLY A 309 -6.68 7.39 -20.08
C GLY A 309 -5.60 8.05 -19.26
N ALA A 310 -5.25 9.28 -19.63
CA ALA A 310 -4.28 10.11 -18.90
C ALA A 310 -4.96 11.44 -18.56
N PRO A 311 -5.68 11.47 -17.42
CA PRO A 311 -6.54 12.62 -17.09
C PRO A 311 -5.83 13.92 -16.72
N LEU A 312 -4.55 13.84 -16.36
CA LEU A 312 -3.79 15.05 -16.01
C LEU A 312 -2.82 15.50 -17.13
N TYR A 313 -3.05 15.02 -18.35
CA TYR A 313 -2.23 15.43 -19.50
C TYR A 313 -2.37 16.93 -19.78
N MET A 314 -1.23 17.57 -20.01
CA MET A 314 -1.19 19.00 -20.30
C MET A 314 -0.94 19.24 -21.78
N GLU A 315 -1.88 19.95 -22.41
CA GLU A 315 -1.85 20.23 -23.84
C GLU A 315 -1.01 21.48 -24.10
N SER A 316 -0.31 21.53 -25.23
CA SER A 316 0.48 22.71 -25.59
C SER A 316 -0.42 23.79 -26.18
N ARG A 317 -0.12 25.05 -25.87
CA ARG A 317 -0.90 26.20 -26.37
C ARG A 317 0.01 27.37 -26.71
N ALA A 318 -0.59 28.44 -27.27
CA ALA A 318 0.16 29.61 -27.72
C ALA A 318 1.13 30.14 -26.66
N ASP A 319 2.33 30.52 -27.12
CA ASP A 319 3.41 31.08 -26.29
C ASP A 319 3.92 30.12 -25.20
N ARG A 320 4.19 28.88 -25.59
CA ARG A 320 4.84 27.87 -24.73
C ARG A 320 4.09 27.56 -23.42
N LYS A 321 2.77 27.77 -23.42
CA LYS A 321 1.96 27.56 -22.23
C LYS A 321 1.30 26.20 -22.26
N LEU A 322 1.23 25.55 -21.09
CA LEU A 322 0.63 24.22 -20.97
C LEU A 322 -0.73 24.35 -20.29
N ALA A 323 -1.65 23.44 -20.64
CA ALA A 323 -3.01 23.46 -20.12
C ALA A 323 -3.49 22.06 -19.78
N GLU A 324 -3.64 21.78 -18.48
CA GLU A 324 -4.11 20.47 -18.02
C GLU A 324 -5.56 20.24 -18.47
N VAL A 325 -5.75 19.31 -19.39
CA VAL A 325 -7.08 18.98 -19.91
C VAL A 325 -7.41 17.48 -19.87
N GLY A 326 -6.39 16.63 -19.94
CA GLY A 326 -6.57 15.17 -19.96
C GLY A 326 -6.60 14.63 -21.37
N ARG A 327 -6.20 13.36 -21.52
CA ARG A 327 -6.13 12.72 -22.85
C ARG A 327 -6.50 11.23 -22.81
N VAL A 328 -7.20 10.76 -23.85
CA VAL A 328 -7.47 9.33 -24.05
C VAL A 328 -6.76 8.84 -25.33
N TYR A 329 -6.07 7.71 -25.22
CA TYR A 329 -5.32 7.10 -26.31
C TYR A 329 -6.02 5.84 -26.79
N LEU A 330 -6.27 5.76 -28.10
CA LEU A 330 -6.86 4.56 -28.71
C LEU A 330 -5.77 3.73 -29.40
N PHE A 331 -5.79 2.43 -29.15
CA PHE A 331 -4.89 1.48 -29.83
C PHE A 331 -5.69 0.36 -30.47
N LEU A 332 -5.83 0.40 -31.79
CA LEU A 332 -6.51 -0.68 -32.52
C LEU A 332 -5.57 -1.87 -32.67
N GLN A 333 -6.06 -3.06 -32.36
CA GLN A 333 -5.24 -4.27 -32.48
C GLN A 333 -5.14 -4.68 -33.94
N PRO A 334 -3.90 -4.87 -34.45
CA PRO A 334 -3.70 -5.34 -35.81
C PRO A 334 -3.89 -6.87 -35.94
N ARG A 335 -3.72 -7.38 -37.15
CA ARG A 335 -3.90 -8.80 -37.43
C ARG A 335 -2.64 -9.62 -37.11
N GLY A 336 -2.84 -10.88 -36.74
CA GLY A 336 -1.74 -11.82 -36.55
C GLY A 336 -0.89 -11.53 -35.32
N PRO A 337 0.34 -12.09 -35.28
CA PRO A 337 1.27 -11.84 -34.19
C PRO A 337 2.05 -10.54 -34.42
N HIS A 338 1.36 -9.40 -34.25
CA HIS A 338 1.97 -8.09 -34.45
C HIS A 338 1.62 -7.18 -33.27
N ALA A 339 2.63 -6.46 -32.78
CA ALA A 339 2.48 -5.63 -31.59
C ALA A 339 1.48 -4.49 -31.79
N LEU A 340 1.01 -3.93 -30.68
CA LEU A 340 0.19 -2.72 -30.72
C LEU A 340 1.12 -1.54 -30.95
N GLY A 341 0.99 -0.89 -32.10
CA GLY A 341 1.88 0.21 -32.46
C GLY A 341 1.54 1.51 -31.76
N ALA A 342 1.74 2.61 -32.49
CA ALA A 342 1.40 3.93 -31.99
C ALA A 342 -0.12 4.09 -31.93
N PRO A 343 -0.60 5.14 -31.23
CA PRO A 343 -2.05 5.28 -31.07
C PRO A 343 -2.76 5.60 -32.39
N SER A 344 -3.87 4.92 -32.63
CA SER A 344 -4.68 5.17 -33.84
C SER A 344 -5.44 6.49 -33.74
N LEU A 345 -5.67 6.97 -32.52
CA LEU A 345 -6.34 8.25 -32.29
C LEU A 345 -6.02 8.80 -30.91
N LEU A 346 -5.88 10.12 -30.83
CA LEU A 346 -5.71 10.82 -29.57
C LEU A 346 -6.93 11.72 -29.33
N LEU A 347 -7.62 11.50 -28.22
CA LEU A 347 -8.73 12.36 -27.82
C LEU A 347 -8.27 13.21 -26.63
N THR A 348 -8.47 14.53 -26.74
CA THR A 348 -7.99 15.47 -25.72
C THR A 348 -9.14 16.30 -25.17
N GLY A 349 -9.13 16.51 -23.86
CA GLY A 349 -10.15 17.34 -23.19
C GLY A 349 -10.06 18.78 -23.64
N THR A 350 -11.13 19.54 -23.37
CA THR A 350 -11.18 20.95 -23.74
C THR A 350 -11.26 21.90 -22.53
N GLN A 351 -11.69 21.39 -21.38
CA GLN A 351 -11.84 22.22 -20.18
C GLN A 351 -10.63 22.11 -19.25
N LEU A 352 -10.11 23.25 -18.82
CA LEU A 352 -8.98 23.27 -17.90
C LEU A 352 -9.37 22.56 -16.60
N TYR A 353 -8.48 21.67 -16.14
CA TYR A 353 -8.70 20.86 -14.92
C TYR A 353 -9.91 19.91 -15.03
N GLY A 354 -10.34 19.62 -16.26
CA GLY A 354 -11.52 18.79 -16.49
C GLY A 354 -11.32 17.30 -16.28
N ARG A 355 -10.07 16.84 -16.40
CA ARG A 355 -9.72 15.43 -16.21
C ARG A 355 -10.44 14.49 -17.18
N PHE A 356 -10.46 14.89 -18.45
CA PHE A 356 -10.92 14.04 -19.54
C PHE A 356 -10.11 12.74 -19.54
N GLY A 357 -10.80 11.61 -19.66
CA GLY A 357 -10.13 10.31 -19.64
C GLY A 357 -9.93 9.74 -18.24
N SER A 358 -10.64 10.28 -17.26
CA SER A 358 -10.59 9.78 -15.90
C SER A 358 -11.34 8.44 -15.79
N ALA A 359 -12.36 8.26 -16.64
CA ALA A 359 -13.06 6.98 -16.78
C ALA A 359 -13.41 6.71 -18.24
N ILE A 360 -13.26 5.46 -18.68
CA ILE A 360 -13.58 5.05 -20.05
C ILE A 360 -14.47 3.81 -20.03
N ALA A 361 -15.73 3.97 -20.44
CA ALA A 361 -16.71 2.88 -20.40
C ALA A 361 -17.10 2.42 -21.80
N PRO A 362 -16.85 1.13 -22.14
CA PRO A 362 -17.42 0.58 -23.36
C PRO A 362 -18.95 0.53 -23.25
N LEU A 363 -19.64 1.11 -24.22
CA LEU A 363 -21.10 1.22 -24.17
C LEU A 363 -21.81 0.08 -24.90
N GLY A 364 -21.04 -0.82 -25.52
CA GLY A 364 -21.59 -1.79 -26.45
C GLY A 364 -21.95 -1.03 -27.72
N ASP A 365 -22.99 -1.48 -28.42
CA ASP A 365 -23.46 -0.80 -29.61
C ASP A 365 -24.67 0.07 -29.26
N LEU A 366 -24.40 1.34 -28.96
CA LEU A 366 -25.44 2.26 -28.49
C LEU A 366 -26.51 2.52 -29.56
N ASP A 367 -26.09 2.57 -30.82
CA ASP A 367 -26.99 2.86 -31.94
C ASP A 367 -27.21 1.67 -32.87
N ARG A 368 -26.71 0.49 -32.49
CA ARG A 368 -26.91 -0.75 -33.25
C ARG A 368 -26.57 -0.64 -34.75
N ASP A 369 -25.46 0.03 -35.06
CA ASP A 369 -24.99 0.16 -36.44
C ASP A 369 -23.93 -0.91 -36.80
N GLY A 370 -23.46 -1.65 -35.80
CA GLY A 370 -22.46 -2.69 -36.00
C GLY A 370 -21.18 -2.45 -35.23
N TYR A 371 -20.78 -1.18 -35.12
CA TYR A 371 -19.56 -0.80 -34.43
C TYR A 371 -19.85 -0.48 -32.96
N ASN A 372 -18.99 -0.95 -32.06
CA ASN A 372 -19.12 -0.63 -30.64
C ASN A 372 -18.76 0.82 -30.35
N ASP A 373 -19.33 1.35 -29.28
CA ASP A 373 -19.12 2.73 -28.88
C ASP A 373 -18.55 2.79 -27.46
N ILE A 374 -18.06 3.96 -27.06
CA ILE A 374 -17.55 4.16 -25.72
C ILE A 374 -18.02 5.49 -25.14
N ALA A 375 -17.89 5.61 -23.82
CA ALA A 375 -18.12 6.86 -23.11
C ALA A 375 -16.82 7.26 -22.40
N VAL A 376 -16.46 8.55 -22.48
CA VAL A 376 -15.29 9.08 -21.78
C VAL A 376 -15.71 10.16 -20.80
N ALA A 377 -15.25 10.03 -19.56
CA ALA A 377 -15.62 10.95 -18.49
C ALA A 377 -14.62 12.11 -18.36
N ALA A 378 -15.17 13.31 -18.16
CA ALA A 378 -14.41 14.47 -17.74
C ALA A 378 -15.09 15.00 -16.47
N PRO A 379 -14.78 14.39 -15.30
CA PRO A 379 -15.50 14.64 -14.04
C PRO A 379 -15.62 16.10 -13.59
N TYR A 380 -14.70 16.97 -14.05
CA TYR A 380 -14.77 18.40 -13.74
C TYR A 380 -14.77 19.22 -15.04
N GLY A 381 -15.29 18.62 -16.11
CA GLY A 381 -15.38 19.27 -17.42
C GLY A 381 -16.65 20.08 -17.57
N GLY A 382 -16.90 20.55 -18.79
CA GLY A 382 -18.01 21.47 -19.07
C GLY A 382 -17.61 22.88 -18.70
N PRO A 383 -18.25 23.90 -19.30
CA PRO A 383 -17.87 25.29 -19.02
C PRO A 383 -17.97 25.69 -17.54
N SER A 384 -18.90 25.07 -16.83
CA SER A 384 -19.10 25.32 -15.41
C SER A 384 -18.14 24.50 -14.54
N GLY A 385 -17.67 23.37 -15.06
CA GLY A 385 -16.76 22.49 -14.32
C GLY A 385 -17.47 21.46 -13.46
N ARG A 386 -18.77 21.30 -13.69
CA ARG A 386 -19.60 20.36 -12.92
C ARG A 386 -19.39 18.90 -13.31
N GLY A 387 -18.86 18.69 -14.52
CA GLY A 387 -18.61 17.34 -15.01
C GLY A 387 -19.27 17.13 -16.37
N GLN A 388 -18.80 16.10 -17.07
CA GLN A 388 -19.22 15.88 -18.45
C GLN A 388 -18.82 14.49 -18.90
N VAL A 389 -19.76 13.77 -19.50
CA VAL A 389 -19.47 12.47 -20.10
C VAL A 389 -19.74 12.56 -21.60
N LEU A 390 -18.78 12.10 -22.40
CA LEU A 390 -18.84 12.26 -23.85
C LEU A 390 -18.92 10.91 -24.54
N VAL A 391 -19.91 10.75 -25.42
CA VAL A 391 -20.10 9.51 -26.18
C VAL A 391 -19.35 9.58 -27.51
N PHE A 392 -18.67 8.49 -27.85
CA PHE A 392 -17.92 8.36 -29.10
C PHE A 392 -18.34 7.11 -29.88
N LEU A 393 -19.01 7.30 -31.01
CA LEU A 393 -19.45 6.17 -31.84
C LEU A 393 -18.27 5.57 -32.62
N GLY A 394 -18.31 4.25 -32.78
CA GLY A 394 -17.27 3.53 -33.50
C GLY A 394 -17.51 3.54 -35.00
N GLN A 395 -16.43 3.38 -35.76
CA GLN A 395 -16.50 3.35 -37.22
C GLN A 395 -15.42 2.41 -37.76
N SER A 396 -15.37 2.25 -39.08
CA SER A 396 -14.39 1.37 -39.71
C SER A 396 -12.95 1.79 -39.42
N GLU A 397 -12.72 3.10 -39.33
CA GLU A 397 -11.38 3.65 -39.12
C GLU A 397 -10.99 3.75 -37.65
N GLY A 398 -11.92 3.42 -36.74
CA GLY A 398 -11.65 3.47 -35.29
C GLY A 398 -12.75 4.19 -34.54
N LEU A 399 -12.43 5.38 -34.04
CA LEU A 399 -13.41 6.25 -33.39
C LEU A 399 -13.46 7.61 -34.09
N ARG A 400 -14.55 8.34 -33.83
CA ARG A 400 -14.70 9.70 -34.33
C ARG A 400 -13.95 10.65 -33.40
N SER A 401 -13.29 11.65 -33.97
CA SER A 401 -12.65 12.70 -33.18
C SER A 401 -13.67 13.57 -32.44
N ARG A 402 -14.77 13.87 -33.12
CA ARG A 402 -15.86 14.66 -32.56
CA ARG A 402 -15.85 14.66 -32.53
C ARG A 402 -16.83 13.73 -31.83
N PRO A 403 -17.26 14.10 -30.60
CA PRO A 403 -18.21 13.24 -29.91
C PRO A 403 -19.61 13.29 -30.53
N SER A 404 -20.35 12.20 -30.39
CA SER A 404 -21.70 12.10 -30.94
C SER A 404 -22.74 12.72 -30.01
N GLN A 405 -22.41 12.83 -28.74
CA GLN A 405 -23.32 13.33 -27.72
C GLN A 405 -22.54 13.74 -26.48
N VAL A 406 -23.05 14.75 -25.78
CA VAL A 406 -22.42 15.26 -24.57
C VAL A 406 -23.42 15.31 -23.42
N LEU A 407 -23.12 14.59 -22.34
CA LEU A 407 -23.94 14.60 -21.14
C LEU A 407 -23.33 15.55 -20.12
N ASP A 408 -24.06 16.61 -19.79
CA ASP A 408 -23.64 17.54 -18.73
C ASP A 408 -24.15 17.08 -17.37
N SER A 409 -23.29 17.15 -16.36
CA SER A 409 -23.67 16.83 -14.99
C SER A 409 -24.95 17.56 -14.60
N PRO A 410 -25.96 16.82 -14.11
CA PRO A 410 -27.14 17.44 -13.53
C PRO A 410 -26.96 17.79 -12.05
N PHE A 411 -25.84 17.37 -11.46
CA PHE A 411 -25.60 17.59 -10.03
C PHE A 411 -24.75 18.85 -9.84
N PRO A 412 -24.71 19.39 -8.60
CA PRO A 412 -23.95 20.61 -8.34
C PRO A 412 -22.44 20.41 -8.34
N THR A 413 -21.71 21.52 -8.25
CA THR A 413 -20.23 21.50 -8.21
C THR A 413 -19.72 20.51 -7.19
N GLY A 414 -18.65 19.82 -7.55
CA GLY A 414 -17.98 18.88 -6.66
C GLY A 414 -18.46 17.44 -6.73
N SER A 415 -19.49 17.18 -7.55
CA SER A 415 -20.09 15.84 -7.63
C SER A 415 -19.14 14.76 -8.19
N ALA A 416 -18.15 15.16 -8.97
CA ALA A 416 -17.28 14.22 -9.68
C ALA A 416 -18.07 13.38 -10.69
N PHE A 417 -19.07 14.01 -11.31
CA PHE A 417 -19.93 13.35 -12.29
C PHE A 417 -19.11 12.66 -13.37
N GLY A 418 -19.18 11.33 -13.41
CA GLY A 418 -18.46 10.54 -14.40
C GLY A 418 -17.22 9.84 -13.85
N PHE A 419 -16.91 10.06 -12.58
CA PHE A 419 -15.79 9.38 -11.93
C PHE A 419 -15.92 7.86 -12.06
N SER A 420 -17.15 7.37 -12.08
CA SER A 420 -17.44 5.96 -12.41
C SER A 420 -18.44 5.88 -13.55
N LEU A 421 -18.35 4.82 -14.33
CA LEU A 421 -19.18 4.63 -15.51
C LEU A 421 -19.31 3.16 -15.83
N ARG A 422 -20.46 2.78 -16.40
CA ARG A 422 -20.65 1.42 -16.89
C ARG A 422 -21.76 1.37 -17.94
N GLY A 423 -21.54 0.55 -18.97
CA GLY A 423 -22.51 0.36 -20.05
C GLY A 423 -22.56 -1.06 -20.58
N ALA A 424 -23.03 -1.19 -21.81
CA ALA A 424 -23.12 -2.48 -22.51
C ALA A 424 -24.17 -3.42 -21.91
N VAL A 425 -25.09 -2.87 -21.12
CA VAL A 425 -26.16 -3.65 -20.50
C VAL A 425 -27.48 -2.93 -20.67
N ASP A 426 -28.50 -3.67 -21.09
CA ASP A 426 -29.83 -3.14 -21.34
C ASP A 426 -30.66 -3.33 -20.08
N ILE A 427 -30.82 -2.26 -19.30
CA ILE A 427 -31.48 -2.34 -18.00
C ILE A 427 -33.02 -2.38 -18.09
N ASP A 428 -33.58 -1.75 -19.13
CA ASP A 428 -35.04 -1.66 -19.28
C ASP A 428 -35.61 -2.57 -20.37
N ASP A 429 -34.74 -3.37 -21.00
CA ASP A 429 -35.17 -4.42 -21.92
C ASP A 429 -35.79 -3.86 -23.21
N ASN A 430 -35.26 -2.74 -23.70
CA ASN A 430 -35.76 -2.10 -24.92
C ASN A 430 -34.91 -2.38 -26.16
N GLY A 431 -33.85 -3.19 -26.01
CA GLY A 431 -33.00 -3.59 -27.13
C GLY A 431 -31.69 -2.82 -27.27
N TYR A 432 -31.58 -1.68 -26.58
CA TYR A 432 -30.40 -0.84 -26.66
C TYR A 432 -29.68 -0.84 -25.32
N PRO A 433 -28.34 -0.84 -25.33
CA PRO A 433 -27.57 -0.81 -24.08
C PRO A 433 -27.54 0.58 -23.46
N ASP A 434 -27.59 0.65 -22.14
CA ASP A 434 -27.72 1.93 -21.42
C ASP A 434 -26.40 2.35 -20.74
N LEU A 435 -26.44 3.43 -19.97
CA LEU A 435 -25.26 3.94 -19.28
C LEU A 435 -25.61 4.40 -17.87
N ILE A 436 -24.87 3.90 -16.88
CA ILE A 436 -24.98 4.41 -15.51
C ILE A 436 -23.75 5.25 -15.20
N VAL A 437 -23.97 6.44 -14.63
CA VAL A 437 -22.89 7.37 -14.29
C VAL A 437 -22.95 7.69 -12.79
N GLY A 438 -21.79 7.66 -12.14
CA GLY A 438 -21.72 7.90 -10.69
C GLY A 438 -21.20 9.29 -10.35
N ALA A 439 -21.79 9.89 -9.31
CA ALA A 439 -21.37 11.19 -8.80
C ALA A 439 -21.19 11.09 -7.29
N TYR A 440 -20.05 10.54 -6.86
CA TYR A 440 -19.83 10.27 -5.45
C TYR A 440 -19.87 11.54 -4.61
N GLY A 441 -19.41 12.65 -5.20
CA GLY A 441 -19.51 13.95 -4.54
C GLY A 441 -20.92 14.32 -4.14
N ALA A 442 -21.91 13.95 -4.96
CA ALA A 442 -23.31 14.22 -4.67
C ALA A 442 -24.07 12.98 -4.17
N ASN A 443 -23.34 11.91 -3.86
CA ASN A 443 -23.93 10.67 -3.32
C ASN A 443 -25.02 10.04 -4.21
N GLN A 444 -24.87 10.16 -5.52
CA GLN A 444 -25.92 9.68 -6.45
C GLN A 444 -25.38 8.94 -7.69
N VAL A 445 -26.30 8.24 -8.35
CA VAL A 445 -26.01 7.59 -9.64
C VAL A 445 -27.09 8.00 -10.65
N ALA A 446 -26.67 8.34 -11.86
CA ALA A 446 -27.59 8.72 -12.94
C ALA A 446 -27.65 7.62 -14.00
N VAL A 447 -28.85 7.14 -14.29
CA VAL A 447 -29.05 6.12 -15.32
C VAL A 447 -29.59 6.78 -16.58
N TYR A 448 -28.86 6.66 -17.68
CA TYR A 448 -29.29 7.18 -18.98
C TYR A 448 -29.73 6.03 -19.87
N ARG A 449 -30.99 6.04 -20.30
CA ARG A 449 -31.54 4.99 -21.17
C ARG A 449 -31.29 5.31 -22.63
N ALA A 450 -30.84 4.31 -23.39
CA ALA A 450 -30.68 4.43 -24.83
C ALA A 450 -32.04 4.29 -25.51
N GLN A 451 -32.34 5.16 -26.45
CA GLN A 451 -33.62 5.15 -27.16
C GLN A 451 -33.39 5.05 -28.68
N PRO A 452 -34.40 4.60 -29.43
CA PRO A 452 -34.28 4.57 -30.90
C PRO A 452 -34.13 5.96 -31.52
N GLY B 1 7.23 98.05 -35.03
CA GLY B 1 7.41 99.41 -34.44
C GLY B 1 7.65 99.36 -32.93
N PRO B 2 6.66 99.80 -32.13
CA PRO B 2 6.82 99.87 -30.67
C PRO B 2 6.75 98.51 -29.97
N ASN B 3 7.32 98.43 -28.78
CA ASN B 3 7.34 97.18 -27.99
C ASN B 3 6.32 97.17 -26.86
N ILE B 4 6.13 96.01 -26.24
CA ILE B 4 5.10 95.81 -25.21
C ILE B 4 5.41 96.53 -23.90
N CYS B 5 6.68 96.83 -23.66
CA CYS B 5 7.10 97.55 -22.46
C CYS B 5 6.60 98.99 -22.46
N THR B 6 6.92 99.71 -23.53
CA THR B 6 6.58 101.13 -23.64
C THR B 6 5.06 101.35 -23.71
N THR B 7 4.38 100.55 -24.53
CA THR B 7 2.95 100.77 -24.83
C THR B 7 2.03 99.90 -23.97
N ARG B 8 2.17 99.99 -22.64
CA ARG B 8 1.26 99.32 -21.71
C ARG B 8 1.20 100.03 -20.36
N GLY B 9 0.65 101.25 -20.35
CA GLY B 9 0.47 102.03 -19.13
C GLY B 9 1.77 102.42 -18.45
N VAL B 10 2.36 101.44 -17.76
CA VAL B 10 3.66 101.57 -17.08
C VAL B 10 3.84 102.88 -16.31
N SER B 11 3.14 102.97 -15.18
CA SER B 11 3.25 104.10 -14.28
C SER B 11 4.35 103.90 -13.22
N SER B 12 4.91 102.70 -13.16
CA SER B 12 5.91 102.36 -12.14
C SER B 12 6.90 101.30 -12.59
N CYS B 13 7.97 101.17 -11.81
CA CYS B 13 8.96 100.11 -12.01
C CYS B 13 8.34 98.74 -11.80
N GLN B 14 7.39 98.64 -10.88
CA GLN B 14 6.73 97.37 -10.56
C GLN B 14 5.83 96.88 -11.71
N GLN B 15 5.06 97.78 -12.31
CA GLN B 15 4.21 97.45 -13.45
C GLN B 15 5.04 97.12 -14.68
N CYS B 16 6.21 97.75 -14.78
CA CYS B 16 7.13 97.53 -15.88
C CYS B 16 7.63 96.10 -15.94
N LEU B 17 8.04 95.57 -14.79
CA LEU B 17 8.48 94.16 -14.68
C LEU B 17 7.29 93.21 -14.85
N ALA B 18 6.12 93.65 -14.40
CA ALA B 18 4.89 92.86 -14.49
C ALA B 18 4.43 92.60 -15.94
N VAL B 19 4.81 93.48 -16.87
CA VAL B 19 4.37 93.38 -18.26
C VAL B 19 4.98 92.18 -18.98
N SER B 20 6.31 92.09 -18.96
CA SER B 20 7.02 91.02 -19.63
C SER B 20 8.41 90.83 -19.00
N PRO B 21 8.95 89.60 -19.04
CA PRO B 21 10.29 89.38 -18.50
C PRO B 21 11.43 90.10 -19.22
N MET B 22 11.20 90.56 -20.46
CA MET B 22 12.25 91.22 -21.24
C MET B 22 12.28 92.74 -21.04
N CYS B 23 11.41 93.25 -20.18
CA CYS B 23 11.33 94.69 -19.92
C CYS B 23 12.36 95.13 -18.88
N ALA B 24 12.88 96.34 -19.05
CA ALA B 24 13.78 96.96 -18.09
C ALA B 24 13.24 98.36 -17.73
N TRP B 25 13.72 98.90 -16.61
CA TRP B 25 13.30 100.22 -16.15
C TRP B 25 14.51 101.11 -15.91
N CYS B 26 14.45 102.32 -16.44
CA CYS B 26 15.51 103.32 -16.26
C CYS B 26 15.11 104.25 -15.12
N SER B 27 15.92 104.24 -14.06
CA SER B 27 15.66 105.09 -12.89
C SER B 27 16.41 106.40 -12.98
N ASP B 28 17.29 106.53 -13.98
CA ASP B 28 18.17 107.70 -14.12
C ASP B 28 17.37 108.99 -14.24
N GLU B 29 17.59 109.91 -13.32
CA GLU B 29 16.90 111.19 -13.29
C GLU B 29 17.41 112.15 -14.37
N ALA B 30 18.63 111.92 -14.85
CA ALA B 30 19.22 112.73 -15.93
C ALA B 30 18.58 112.46 -17.29
N LEU B 31 17.87 111.34 -17.43
CA LEU B 31 17.15 111.02 -18.66
C LEU B 31 16.06 112.06 -18.91
N PRO B 32 15.90 112.51 -20.17
CA PRO B 32 14.84 113.47 -20.48
C PRO B 32 13.45 112.84 -20.41
N LEU B 33 12.44 113.67 -20.13
CA LEU B 33 11.06 113.19 -19.95
C LEU B 33 10.47 112.57 -21.23
N GLY B 34 10.95 113.01 -22.38
CA GLY B 34 10.54 112.45 -23.67
C GLY B 34 10.86 110.98 -23.82
N SER B 35 12.04 110.58 -23.35
CA SER B 35 12.47 109.16 -23.41
C SER B 35 11.63 108.29 -22.47
N PRO B 36 11.20 107.11 -22.95
CA PRO B 36 10.43 106.20 -22.11
C PRO B 36 11.31 105.53 -21.05
N ARG B 37 10.75 105.32 -19.86
CA ARG B 37 11.48 104.68 -18.76
C ARG B 37 11.34 103.16 -18.77
N CYS B 38 10.18 102.67 -19.16
CA CYS B 38 9.92 101.23 -19.25
C CYS B 38 10.09 100.73 -20.69
N ASP B 39 11.18 100.03 -20.95
CA ASP B 39 11.57 99.65 -22.31
C ASP B 39 12.49 98.42 -22.29
N LEU B 40 12.90 97.97 -23.48
CA LEU B 40 13.94 96.94 -23.61
C LEU B 40 15.27 97.51 -23.14
N LYS B 41 16.14 96.68 -22.57
CA LYS B 41 17.42 97.14 -22.03
C LYS B 41 18.36 97.70 -23.09
N GLU B 42 18.18 97.28 -24.34
CA GLU B 42 18.96 97.82 -25.45
C GLU B 42 18.53 99.25 -25.75
N ASN B 43 17.21 99.46 -25.79
CA ASN B 43 16.62 100.77 -26.05
C ASN B 43 16.97 101.80 -24.98
N LEU B 44 17.06 101.35 -23.73
CA LEU B 44 17.45 102.22 -22.61
C LEU B 44 18.89 102.68 -22.76
N LEU B 45 19.81 101.72 -22.92
CA LEU B 45 21.23 102.02 -23.10
C LEU B 45 21.50 102.85 -24.36
N LYS B 46 20.65 102.69 -25.38
CA LYS B 46 20.72 103.49 -26.59
C LYS B 46 20.34 104.95 -26.33
N ASP B 47 19.49 105.19 -25.33
CA ASP B 47 19.02 106.54 -24.99
C ASP B 47 19.77 107.15 -23.79
N ASN B 48 21.08 106.90 -23.70
CA ASN B 48 21.94 107.50 -22.68
C ASN B 48 21.49 107.31 -21.22
N CYS B 49 20.78 106.21 -20.95
CA CYS B 49 20.37 105.92 -19.58
C CYS B 49 21.57 105.33 -18.83
N ALA B 50 21.76 105.77 -17.59
CA ALA B 50 22.89 105.33 -16.77
C ALA B 50 22.82 103.83 -16.51
N PRO B 51 23.85 103.07 -16.93
CA PRO B 51 23.92 101.61 -16.71
C PRO B 51 23.59 101.15 -15.28
N GLU B 52 23.97 101.95 -14.27
CA GLU B 52 23.69 101.62 -12.88
C GLU B 52 22.21 101.83 -12.51
N SER B 53 21.53 102.69 -13.26
CA SER B 53 20.13 103.01 -13.00
C SER B 53 19.14 102.00 -13.60
N ILE B 54 19.63 101.12 -14.47
CA ILE B 54 18.78 100.15 -15.16
C ILE B 54 18.37 99.00 -14.24
N GLU B 55 17.06 98.83 -14.05
CA GLU B 55 16.52 97.73 -13.24
C GLU B 55 16.08 96.60 -14.17
N PHE B 56 16.89 95.54 -14.22
CA PHE B 56 16.63 94.40 -15.10
C PHE B 56 16.98 93.08 -14.39
N PRO B 57 16.05 92.57 -13.57
CA PRO B 57 16.23 91.30 -12.87
C PRO B 57 16.44 90.13 -13.83
N VAL B 58 17.30 89.19 -13.43
CA VAL B 58 17.51 87.95 -14.18
C VAL B 58 17.21 86.77 -13.26
N SER B 59 16.31 85.89 -13.68
CA SER B 59 15.96 84.70 -12.90
C SER B 59 17.14 83.73 -12.79
N GLU B 60 17.31 83.16 -11.60
CA GLU B 60 18.45 82.28 -11.30
C GLU B 60 18.00 81.00 -10.60
N ALA B 61 18.96 80.10 -10.38
CA ALA B 61 18.72 78.86 -9.65
C ALA B 61 20.01 78.42 -8.97
N ARG B 62 20.18 78.79 -7.70
CA ARG B 62 21.36 78.40 -6.93
C ARG B 62 21.16 77.03 -6.26
N VAL B 63 22.22 76.23 -6.25
CA VAL B 63 22.22 74.94 -5.56
C VAL B 63 22.50 75.17 -4.07
N LEU B 64 21.60 74.71 -3.20
CA LEU B 64 21.77 74.85 -1.75
C LEU B 64 22.43 73.60 -1.12
N GLU B 65 21.94 72.42 -1.48
CA GLU B 65 22.52 71.15 -1.01
C GLU B 65 22.93 70.30 -2.21
N ASP B 66 24.19 69.87 -2.22
CA ASP B 66 24.77 69.24 -3.41
C ASP B 66 25.71 68.08 -3.04
N ARG B 67 25.23 67.18 -2.20
CA ARG B 67 25.99 65.99 -1.83
C ARG B 67 26.06 65.03 -3.02
N PRO B 68 27.24 64.45 -3.27
CA PRO B 68 27.41 63.63 -4.47
C PRO B 68 26.64 62.30 -4.42
N LEU B 69 26.51 61.65 -5.57
CA LEU B 69 25.84 60.36 -5.66
C LEU B 69 26.76 59.26 -5.13
N SER B 70 26.17 58.27 -4.46
CA SER B 70 26.93 57.26 -3.71
C SER B 70 27.55 56.17 -4.59
N ASP B 71 28.56 55.49 -4.03
CA ASP B 71 29.23 54.36 -4.66
C ASP B 71 29.17 53.17 -3.69
N LYS B 72 29.83 52.06 -4.05
CA LYS B 72 29.97 50.92 -3.16
C LYS B 72 31.35 50.26 -3.33
N SER B 78 25.62 54.01 5.05
CA SER B 78 24.74 54.68 6.01
C SER B 78 23.87 55.72 5.32
N GLN B 79 24.50 56.76 4.78
CA GLN B 79 23.77 57.89 4.20
C GLN B 79 23.02 57.49 2.93
N VAL B 80 23.78 57.15 1.89
CA VAL B 80 23.22 56.73 0.60
C VAL B 80 22.40 57.83 -0.09
N THR B 81 23.08 58.63 -0.93
CA THR B 81 22.43 59.67 -1.72
C THR B 81 22.16 59.15 -3.13
N GLN B 82 20.90 59.25 -3.56
CA GLN B 82 20.48 58.76 -4.88
C GLN B 82 19.95 59.85 -5.81
N VAL B 83 19.57 61.00 -5.24
CA VAL B 83 19.18 62.18 -6.02
C VAL B 83 20.21 63.28 -5.76
N SER B 84 20.54 64.03 -6.82
CA SER B 84 21.56 65.08 -6.73
C SER B 84 21.34 66.14 -7.81
N PRO B 85 21.27 67.43 -7.41
CA PRO B 85 21.34 67.95 -6.03
C PRO B 85 20.08 67.64 -5.22
N GLN B 86 20.15 67.90 -3.92
CA GLN B 86 19.04 67.63 -3.00
C GLN B 86 18.19 68.89 -2.74
N ARG B 87 18.82 70.06 -2.73
CA ARG B 87 18.10 71.32 -2.50
C ARG B 87 18.54 72.43 -3.47
N ILE B 88 17.55 73.05 -4.13
CA ILE B 88 17.80 74.15 -5.07
C ILE B 88 16.97 75.38 -4.67
N ALA B 89 17.54 76.56 -4.88
CA ALA B 89 16.83 77.82 -4.65
C ALA B 89 16.57 78.54 -5.98
N LEU B 90 15.33 78.46 -6.47
CA LEU B 90 14.91 79.20 -7.67
C LEU B 90 14.45 80.59 -7.30
N ARG B 91 14.76 81.57 -8.13
CA ARG B 91 14.22 82.93 -7.99
C ARG B 91 13.71 83.42 -9.35
N LEU B 92 12.43 83.80 -9.39
CA LEU B 92 11.75 84.10 -10.64
C LEU B 92 11.13 85.49 -10.63
N ARG B 93 10.92 86.05 -11.82
CA ARG B 93 10.23 87.34 -11.99
C ARG B 93 8.94 87.09 -12.76
N PRO B 94 7.97 88.03 -12.69
CA PRO B 94 6.67 87.88 -13.34
C PRO B 94 6.69 87.12 -14.67
N ASP B 95 5.92 86.02 -14.73
CA ASP B 95 5.79 85.18 -15.94
C ASP B 95 7.07 84.44 -16.38
N ASP B 96 8.21 84.75 -15.78
CA ASP B 96 9.50 84.20 -16.24
C ASP B 96 9.70 82.78 -15.77
N SER B 97 10.45 82.01 -16.54
CA SER B 97 10.77 80.62 -16.20
C SER B 97 12.28 80.43 -16.03
N LYS B 98 12.65 79.30 -15.43
CA LYS B 98 14.06 78.95 -15.25
C LYS B 98 14.20 77.44 -15.19
N ASN B 99 15.35 76.92 -15.61
CA ASN B 99 15.60 75.48 -15.62
C ASN B 99 16.74 75.07 -14.71
N PHE B 100 16.83 73.76 -14.45
CA PHE B 100 17.84 73.20 -13.58
C PHE B 100 18.00 71.70 -13.83
N SER B 101 19.16 71.18 -13.43
CA SER B 101 19.48 69.77 -13.64
C SER B 101 19.10 68.90 -12.45
N ILE B 102 19.07 67.60 -12.67
CA ILE B 102 18.86 66.62 -11.60
C ILE B 102 19.37 65.26 -12.08
N GLN B 103 20.13 64.58 -11.22
CA GLN B 103 20.63 63.23 -11.50
C GLN B 103 20.04 62.25 -10.50
N VAL B 104 19.62 61.09 -11.01
CA VAL B 104 19.11 60.01 -10.16
C VAL B 104 19.93 58.76 -10.44
N ARG B 105 20.27 58.02 -9.39
CA ARG B 105 21.10 56.82 -9.49
C ARG B 105 20.56 55.73 -8.59
N GLN B 106 20.45 54.52 -9.12
CA GLN B 106 20.01 53.36 -8.35
C GLN B 106 21.19 52.84 -7.53
N VAL B 107 21.27 53.26 -6.28
CA VAL B 107 22.37 52.86 -5.38
C VAL B 107 21.93 51.67 -4.51
N GLU B 108 20.83 51.84 -3.79
CA GLU B 108 20.32 50.84 -2.86
C GLU B 108 20.01 49.52 -3.58
N ASP B 109 20.23 48.41 -2.87
CA ASP B 109 20.07 47.06 -3.46
C ASP B 109 18.61 46.71 -3.68
N TYR B 110 18.37 45.81 -4.63
CA TYR B 110 17.02 45.36 -4.96
C TYR B 110 16.51 44.37 -3.91
N PRO B 111 15.22 44.48 -3.55
CA PRO B 111 14.62 43.59 -2.56
C PRO B 111 14.32 42.19 -3.11
N VAL B 112 14.82 41.16 -2.42
CA VAL B 112 14.57 39.75 -2.80
C VAL B 112 14.07 38.93 -1.61
N ASP B 113 13.02 38.14 -1.86
CA ASP B 113 12.49 37.20 -0.88
C ASP B 113 12.96 35.79 -1.24
N ILE B 114 13.49 35.07 -0.25
CA ILE B 114 13.83 33.66 -0.40
C ILE B 114 13.12 32.86 0.68
N TYR B 115 12.22 31.96 0.27
CA TYR B 115 11.63 31.00 1.20
C TYR B 115 12.21 29.62 0.89
N TYR B 116 12.55 28.90 1.96
CA TYR B 116 13.36 27.70 1.87
C TYR B 116 12.56 26.51 2.39
N LEU B 117 12.38 25.49 1.55
CA LEU B 117 11.63 24.29 1.93
C LEU B 117 12.60 23.13 2.20
N MET B 118 12.60 22.67 3.45
CA MET B 118 13.49 21.59 3.89
C MET B 118 12.77 20.23 3.94
N ASP B 119 13.17 19.32 3.06
CA ASP B 119 12.79 17.93 3.15
C ASP B 119 13.43 17.36 4.40
N LEU B 120 12.64 17.17 5.46
CA LEU B 120 13.16 16.62 6.72
C LEU B 120 12.68 15.18 6.98
N SER B 121 12.51 14.40 5.90
CA SER B 121 12.22 12.98 6.01
C SER B 121 13.51 12.22 6.32
N TYR B 122 13.39 10.96 6.70
CA TYR B 122 14.54 10.17 7.18
C TYR B 122 15.62 9.93 6.13
N SER B 123 15.23 9.90 4.86
CA SER B 123 16.20 9.72 3.77
C SER B 123 17.20 10.87 3.74
N MET B 124 16.77 12.03 4.27
CA MET B 124 17.61 13.21 4.32
C MET B 124 18.50 13.26 5.56
N LYS B 125 18.55 12.18 6.34
CA LYS B 125 19.43 12.14 7.51
C LYS B 125 20.86 12.48 7.09
N ASP B 126 21.38 11.73 6.13
CA ASP B 126 22.75 11.95 5.62
C ASP B 126 22.87 13.26 4.83
N ASP B 127 21.76 13.73 4.28
CA ASP B 127 21.74 15.00 3.55
C ASP B 127 21.41 16.22 4.42
N LEU B 128 21.31 16.03 5.73
CA LEU B 128 20.87 17.12 6.62
C LEU B 128 21.89 18.24 6.65
N TRP B 129 23.16 17.90 6.85
CA TRP B 129 24.23 18.89 6.83
C TRP B 129 24.24 19.69 5.51
N SER B 130 23.96 19.00 4.40
CA SER B 130 23.93 19.65 3.09
C SER B 130 22.86 20.73 3.00
N ILE B 131 21.64 20.42 3.46
CA ILE B 131 20.56 21.41 3.40
C ILE B 131 20.73 22.50 4.46
N GLN B 132 21.34 22.16 5.60
CA GLN B 132 21.68 23.16 6.61
C GLN B 132 22.75 24.11 6.10
N ASN B 133 23.78 23.56 5.48
CA ASN B 133 24.85 24.36 4.86
C ASN B 133 24.29 25.24 3.76
N LEU B 134 23.41 24.69 2.92
CA LEU B 134 22.85 25.44 1.80
C LEU B 134 22.01 26.61 2.29
N GLY B 135 21.15 26.36 3.26
CA GLY B 135 20.29 27.40 3.81
C GLY B 135 21.09 28.57 4.34
N THR B 136 22.03 28.29 5.23
CA THR B 136 22.84 29.34 5.87
C THR B 136 23.75 30.07 4.88
N LYS B 137 24.16 29.37 3.82
CA LYS B 137 24.94 29.98 2.74
C LYS B 137 24.08 30.92 1.90
N LEU B 138 22.86 30.52 1.58
CA LEU B 138 21.90 31.42 0.93
C LEU B 138 21.73 32.68 1.76
N ALA B 139 21.44 32.50 3.05
CA ALA B 139 21.23 33.61 3.96
C ALA B 139 22.41 34.60 3.93
N THR B 140 23.60 34.09 4.24
CA THR B 140 24.79 34.94 4.39
C THR B 140 25.26 35.55 3.08
N GLN B 141 25.35 34.75 2.02
CA GLN B 141 25.92 35.21 0.76
C GLN B 141 24.99 36.13 0.00
N MET B 142 23.68 35.90 0.09
CA MET B 142 22.72 36.77 -0.58
C MET B 142 22.51 38.07 0.19
N ARG B 143 22.79 38.06 1.49
CA ARG B 143 22.81 39.29 2.28
C ARG B 143 23.93 40.20 1.79
N LYS B 144 25.08 39.62 1.47
CA LYS B 144 26.20 40.37 0.89
C LYS B 144 25.85 40.93 -0.49
N LEU B 145 25.06 40.18 -1.26
CA LEU B 145 24.62 40.61 -2.58
C LEU B 145 23.55 41.71 -2.51
N THR B 146 22.60 41.57 -1.59
CA THR B 146 21.56 42.57 -1.37
C THR B 146 21.26 42.77 0.11
N SER B 147 21.39 44.01 0.57
CA SER B 147 21.05 44.34 1.96
C SER B 147 19.54 44.28 2.19
N ASN B 148 18.76 44.36 1.12
CA ASN B 148 17.30 44.29 1.20
C ASN B 148 16.76 42.87 1.02
N LEU B 149 17.57 41.87 1.39
CA LEU B 149 17.12 40.48 1.42
C LEU B 149 16.18 40.26 2.59
N ARG B 150 15.16 39.43 2.35
CA ARG B 150 14.40 38.82 3.43
C ARG B 150 14.35 37.33 3.16
N ILE B 151 14.42 36.55 4.23
CA ILE B 151 14.57 35.11 4.10
C ILE B 151 13.81 34.38 5.20
N GLY B 152 13.21 33.25 4.85
CA GLY B 152 12.47 32.41 5.80
C GLY B 152 12.50 30.96 5.36
N PHE B 153 11.92 30.07 6.17
CA PHE B 153 11.90 28.64 5.81
C PHE B 153 10.76 27.83 6.41
N GLY B 154 10.52 26.66 5.81
CA GLY B 154 9.60 25.67 6.33
C GLY B 154 10.08 24.27 6.01
N ALA B 155 9.46 23.28 6.64
CA ALA B 155 9.85 21.87 6.46
C ALA B 155 8.65 21.05 6.00
N PHE B 156 8.94 19.90 5.39
CA PHE B 156 7.88 18.97 4.97
C PHE B 156 8.37 17.52 5.06
N VAL B 157 7.42 16.61 5.24
CA VAL B 157 7.70 15.18 5.12
C VAL B 157 6.73 14.58 4.11
N ASP B 158 5.51 14.27 4.56
CA ASP B 158 4.48 13.70 3.69
C ASP B 158 3.17 13.69 4.46
N LYS B 159 2.09 13.30 3.79
CA LYS B 159 0.78 13.27 4.42
C LYS B 159 0.80 12.29 5.59
N PRO B 160 0.54 12.77 6.81
CA PRO B 160 0.61 11.92 8.00
C PRO B 160 -0.60 10.98 8.10
N VAL B 161 -0.65 10.02 7.19
CA VAL B 161 -1.76 9.09 7.05
C VAL B 161 -1.22 7.77 6.51
N SER B 162 -1.79 6.65 6.98
CA SER B 162 -1.44 5.34 6.45
C SER B 162 -1.82 5.29 4.97
N PRO B 163 -1.00 4.66 4.12
CA PRO B 163 0.22 3.90 4.41
C PRO B 163 1.52 4.71 4.51
N TYR B 164 1.47 6.01 4.21
CA TYR B 164 2.68 6.84 4.26
C TYR B 164 3.26 6.90 5.68
N MET B 165 2.37 7.03 6.65
CA MET B 165 2.73 7.15 8.06
C MET B 165 2.76 5.78 8.74
N TYR B 166 3.79 5.50 9.53
CA TYR B 166 3.83 4.29 10.35
C TYR B 166 2.84 4.50 11.49
N ILE B 167 1.82 3.64 11.56
CA ILE B 167 0.74 3.81 12.51
C ILE B 167 0.73 2.75 13.61
N SER B 168 1.81 1.99 13.72
CA SER B 168 1.94 1.00 14.77
C SER B 168 3.41 0.73 15.07
N PRO B 169 3.72 0.33 16.31
CA PRO B 169 2.84 0.29 17.48
C PRO B 169 2.51 1.70 17.92
N PRO B 170 1.63 1.88 18.91
CA PRO B 170 1.20 3.23 19.32
C PRO B 170 2.36 4.21 19.54
N GLU B 171 3.48 3.70 20.04
CA GLU B 171 4.67 4.52 20.31
C GLU B 171 5.24 5.13 19.03
N ALA B 172 5.05 4.45 17.90
CA ALA B 172 5.58 4.90 16.61
C ALA B 172 5.04 6.27 16.15
N LEU B 173 3.87 6.67 16.64
CA LEU B 173 3.27 7.94 16.22
C LEU B 173 4.09 9.12 16.73
N GLU B 174 4.49 9.07 17.99
CA GLU B 174 5.37 10.09 18.58
C GLU B 174 6.80 9.92 18.10
N ASN B 175 7.26 8.69 18.02
CA ASN B 175 8.61 8.38 17.56
C ASN B 175 8.58 7.37 16.42
N PRO B 176 8.42 7.86 15.18
CA PRO B 176 8.50 7.01 13.99
C PRO B 176 9.72 6.09 13.95
N CYS B 177 10.84 6.48 14.57
CA CYS B 177 12.05 5.66 14.59
C CYS B 177 12.05 4.59 15.72
N TYR B 178 10.88 4.36 16.31
CA TYR B 178 10.76 3.47 17.47
C TYR B 178 11.38 2.10 17.24
N ASP B 179 11.03 1.47 16.12
CA ASP B 179 11.48 0.10 15.85
C ASP B 179 12.93 0.01 15.35
N MET B 180 13.60 1.16 15.25
CA MET B 180 15.04 1.21 14.95
C MET B 180 15.85 1.44 16.22
N LYS B 181 15.16 1.38 17.37
CA LYS B 181 15.76 1.66 18.68
C LYS B 181 16.47 3.01 18.72
N THR B 182 15.91 4.00 18.02
CA THR B 182 16.40 5.38 18.05
C THR B 182 15.21 6.34 18.09
N THR B 183 15.49 7.64 18.18
CA THR B 183 14.42 8.64 18.21
C THR B 183 14.47 9.57 17.01
N CYS B 184 13.30 9.91 16.49
CA CYS B 184 13.16 11.02 15.58
C CYS B 184 11.82 11.70 15.85
N LEU B 185 11.60 12.84 15.20
CA LEU B 185 10.41 13.65 15.46
C LEU B 185 9.18 13.00 14.85
N PRO B 186 7.99 13.35 15.36
CA PRO B 186 6.72 12.93 14.76
C PRO B 186 6.56 13.44 13.34
N MET B 187 5.92 12.64 12.50
CA MET B 187 5.72 12.98 11.09
C MET B 187 4.78 14.18 10.95
N PHE B 188 4.91 14.90 9.83
CA PHE B 188 4.01 16.02 9.52
C PHE B 188 3.98 16.30 8.02
N GLY B 189 2.90 16.94 7.56
CA GLY B 189 2.74 17.30 6.15
C GLY B 189 3.63 18.46 5.73
N TYR B 190 3.26 19.65 6.19
CA TYR B 190 4.04 20.86 5.95
C TYR B 190 3.97 21.75 7.18
N LYS B 191 5.14 22.15 7.69
CA LYS B 191 5.29 23.12 8.77
C LYS B 191 5.89 24.40 8.22
N HIS B 192 5.20 25.52 8.40
CA HIS B 192 5.83 26.83 8.23
C HIS B 192 6.57 27.09 9.53
N VAL B 193 7.87 27.36 9.44
CA VAL B 193 8.73 27.48 10.64
C VAL B 193 9.10 28.92 10.95
N LEU B 194 9.52 29.67 9.92
CA LEU B 194 10.02 31.03 10.11
C LEU B 194 9.65 31.95 8.95
N THR B 195 8.89 33.00 9.25
CA THR B 195 8.43 33.97 8.25
C THR B 195 9.59 34.78 7.64
N LEU B 196 9.40 35.22 6.39
CA LEU B 196 10.39 36.03 5.69
C LEU B 196 10.88 37.18 6.56
N THR B 197 12.14 37.14 6.96
CA THR B 197 12.72 38.10 7.89
C THR B 197 14.09 38.58 7.39
N ASP B 198 14.47 39.79 7.80
CA ASP B 198 15.81 40.32 7.51
C ASP B 198 16.83 39.92 8.59
N GLN B 199 16.39 39.15 9.58
CA GLN B 199 17.26 38.67 10.66
C GLN B 199 17.96 37.38 10.27
N VAL B 200 19.12 37.52 9.63
CA VAL B 200 19.86 36.38 9.07
C VAL B 200 20.46 35.48 10.15
N THR B 201 21.02 36.08 11.20
CA THR B 201 21.65 35.32 12.28
C THR B 201 20.66 34.38 12.96
N ARG B 202 19.40 34.80 13.06
CA ARG B 202 18.32 34.00 13.63
C ARG B 202 17.91 32.85 12.70
N PHE B 203 17.72 33.18 11.42
CA PHE B 203 17.39 32.18 10.40
C PHE B 203 18.38 31.01 10.39
N ASN B 204 19.66 31.33 10.47
CA ASN B 204 20.72 30.31 10.46
C ASN B 204 20.66 29.42 11.70
N GLU B 205 20.34 30.02 12.85
CA GLU B 205 20.23 29.27 14.10
C GLU B 205 19.08 28.26 14.04
N GLU B 206 17.91 28.71 13.59
CA GLU B 206 16.73 27.84 13.48
C GLU B 206 16.94 26.73 12.45
N VAL B 207 17.59 27.06 11.34
CA VAL B 207 17.88 26.08 10.31
C VAL B 207 18.81 24.99 10.86
N LYS B 208 19.79 25.38 11.66
CA LYS B 208 20.74 24.42 12.23
C LYS B 208 20.12 23.56 13.33
N LYS B 209 19.00 24.00 13.89
CA LYS B 209 18.29 23.22 14.92
C LYS B 209 17.48 22.06 14.34
N GLN B 210 17.14 22.15 13.05
CA GLN B 210 16.23 21.17 12.44
C GLN B 210 16.80 19.76 12.47
N SER B 211 15.90 18.79 12.60
CA SER B 211 16.26 17.37 12.56
C SER B 211 15.23 16.61 11.72
N VAL B 212 15.57 15.38 11.36
CA VAL B 212 14.72 14.58 10.48
C VAL B 212 13.59 13.86 11.22
N SER B 213 12.59 13.45 10.46
CA SER B 213 11.50 12.60 10.93
C SER B 213 11.57 11.30 10.11
N ARG B 214 10.45 10.59 9.95
CA ARG B 214 10.45 9.36 9.16
C ARG B 214 9.06 9.02 8.61
N ASN B 215 9.02 8.46 7.40
CA ASN B 215 7.79 7.96 6.79
C ASN B 215 8.07 6.74 5.91
N ARG B 216 7.02 6.06 5.46
CA ARG B 216 7.14 4.73 4.87
C ARG B 216 7.63 4.70 3.41
N ASP B 217 7.15 5.62 2.58
CA ASP B 217 7.41 5.58 1.13
C ASP B 217 8.34 6.69 0.61
N ALA B 218 9.16 6.34 -0.38
CA ALA B 218 10.25 7.20 -0.88
C ALA B 218 9.77 8.54 -1.43
N PRO B 219 8.70 8.53 -2.25
CA PRO B 219 8.16 9.81 -2.74
C PRO B 219 7.55 10.59 -1.59
N GLU B 220 7.85 11.89 -1.51
CA GLU B 220 7.43 12.70 -0.38
C GLU B 220 6.39 13.73 -0.80
N GLY B 221 5.85 14.44 0.17
CA GLY B 221 4.74 15.38 -0.05
C GLY B 221 5.16 16.83 -0.17
N GLY B 222 6.30 17.08 -0.79
CA GLY B 222 6.84 18.43 -0.90
C GLY B 222 6.03 19.37 -1.78
N PHE B 223 5.25 18.82 -2.71
CA PHE B 223 4.43 19.64 -3.59
C PHE B 223 3.28 20.31 -2.83
N ASP B 224 2.82 19.69 -1.75
CA ASP B 224 1.92 20.38 -0.83
C ASP B 224 2.60 21.63 -0.28
N ALA B 225 3.84 21.46 0.20
CA ALA B 225 4.62 22.57 0.75
C ALA B 225 4.84 23.67 -0.28
N ILE B 226 5.13 23.30 -1.53
CA ILE B 226 5.28 24.27 -2.61
C ILE B 226 4.00 25.09 -2.78
N MET B 227 2.87 24.38 -2.86
CA MET B 227 1.56 25.02 -3.07
C MET B 227 1.23 26.01 -1.94
N GLN B 228 1.39 25.55 -0.70
CA GLN B 228 1.07 26.39 0.47
C GLN B 228 2.07 27.54 0.64
N ALA B 229 3.35 27.30 0.38
CA ALA B 229 4.34 28.36 0.38
C ALA B 229 4.07 29.41 -0.71
N THR B 230 3.36 29.01 -1.76
CA THR B 230 3.00 29.93 -2.83
C THR B 230 1.76 30.76 -2.47
N VAL B 231 0.69 30.07 -2.06
CA VAL B 231 -0.62 30.71 -1.92
C VAL B 231 -0.87 31.38 -0.56
N CYS B 232 -0.14 30.97 0.48
CA CYS B 232 -0.33 31.55 1.82
C CYS B 232 0.45 32.86 1.96
N ASP B 233 -0.14 33.93 1.44
CA ASP B 233 0.54 35.23 1.33
C ASP B 233 1.01 35.80 2.67
N GLU B 234 0.07 36.05 3.56
CA GLU B 234 0.39 36.67 4.86
C GLU B 234 1.27 35.77 5.73
N LYS B 235 1.10 34.45 5.64
CA LYS B 235 1.85 33.52 6.47
C LYS B 235 3.35 33.53 6.12
N ILE B 236 3.66 33.42 4.83
CA ILE B 236 5.04 33.38 4.37
C ILE B 236 5.65 34.80 4.36
N GLY B 237 4.87 35.77 3.89
CA GLY B 237 5.21 37.18 4.02
C GLY B 237 5.88 37.80 2.81
N TRP B 238 5.54 37.30 1.62
CA TRP B 238 6.09 37.86 0.38
C TRP B 238 5.70 39.33 0.26
N ARG B 239 6.66 40.16 -0.15
CA ARG B 239 6.42 41.58 -0.34
C ARG B 239 5.97 41.85 -1.78
N ASN B 240 5.05 42.80 -1.94
CA ASN B 240 4.48 43.12 -3.24
C ASN B 240 5.54 43.49 -4.28
N ASP B 241 6.30 44.54 -3.99
CA ASP B 241 7.38 44.98 -4.89
C ASP B 241 8.71 44.34 -4.45
N ALA B 242 8.84 43.03 -4.71
CA ALA B 242 10.04 42.29 -4.36
C ALA B 242 10.14 40.99 -5.15
N SER B 243 11.37 40.57 -5.45
CA SER B 243 11.62 39.39 -6.25
C SER B 243 11.44 38.14 -5.39
N HIS B 244 10.56 37.23 -5.83
CA HIS B 244 10.18 36.07 -5.02
C HIS B 244 10.84 34.78 -5.50
N LEU B 245 11.65 34.17 -4.63
CA LEU B 245 12.32 32.91 -4.92
C LEU B 245 11.92 31.84 -3.89
N LEU B 246 11.58 30.66 -4.39
CA LEU B 246 11.16 29.54 -3.55
C LEU B 246 12.08 28.35 -3.80
N VAL B 247 13.05 28.16 -2.91
CA VAL B 247 14.03 27.09 -3.04
C VAL B 247 13.50 25.83 -2.36
N PHE B 248 13.52 24.72 -3.10
CA PHE B 248 12.91 23.46 -2.68
C PHE B 248 13.96 22.35 -2.65
N THR B 249 14.24 21.83 -1.47
CA THR B 249 15.23 20.76 -1.29
C THR B 249 14.57 19.38 -1.16
N THR B 250 15.24 18.35 -1.68
CA THR B 250 14.81 16.95 -1.51
C THR B 250 15.81 16.00 -2.15
N ASP B 251 15.85 14.76 -1.64
CA ASP B 251 16.75 13.74 -2.19
C ASP B 251 16.00 12.60 -2.89
N ALA B 252 14.69 12.76 -3.10
CA ALA B 252 13.86 11.65 -3.59
C ALA B 252 12.77 12.09 -4.57
N LYS B 253 11.99 11.12 -5.03
CA LYS B 253 10.82 11.39 -5.87
C LYS B 253 9.82 12.25 -5.13
N THR B 254 8.80 12.71 -5.84
CA THR B 254 7.74 13.52 -5.24
C THR B 254 6.36 13.01 -5.63
N HIS B 255 5.44 13.02 -4.66
CA HIS B 255 4.06 12.66 -4.92
C HIS B 255 3.44 13.69 -5.85
N ILE B 256 2.57 13.23 -6.74
CA ILE B 256 1.87 14.08 -7.69
C ILE B 256 0.36 13.81 -7.60
N ALA B 257 -0.44 14.70 -8.18
CA ALA B 257 -1.90 14.59 -8.12
C ALA B 257 -2.39 13.20 -8.54
N LEU B 258 -3.32 12.66 -7.77
CA LEU B 258 -3.88 11.30 -7.95
C LEU B 258 -3.09 10.19 -7.24
N ASP B 259 -1.98 10.53 -6.60
CA ASP B 259 -1.29 9.60 -5.70
C ASP B 259 -2.11 9.40 -4.40
N GLY B 260 -2.81 10.46 -3.99
CA GLY B 260 -3.58 10.46 -2.74
C GLY B 260 -4.59 9.33 -2.57
N ARG B 261 -5.07 8.77 -3.68
CA ARG B 261 -6.02 7.67 -3.65
C ARG B 261 -5.51 6.45 -2.89
N LEU B 262 -4.18 6.29 -2.80
CA LEU B 262 -3.60 5.23 -1.99
C LEU B 262 -3.78 5.47 -0.49
N ALA B 263 -4.02 6.73 -0.09
CA ALA B 263 -4.35 7.04 1.30
C ALA B 263 -5.83 7.36 1.43
N GLY B 264 -6.62 6.93 0.45
CA GLY B 264 -8.06 7.16 0.45
C GLY B 264 -8.47 8.61 0.26
N ILE B 265 -7.58 9.41 -0.33
CA ILE B 265 -7.82 10.84 -0.54
C ILE B 265 -8.11 11.07 -2.02
N VAL B 266 -9.35 11.45 -2.31
CA VAL B 266 -9.79 11.65 -3.69
C VAL B 266 -10.19 13.09 -4.03
N GLN B 267 -10.24 13.97 -3.02
CA GLN B 267 -10.62 15.38 -3.24
C GLN B 267 -9.50 16.16 -3.91
N PRO B 268 -9.76 16.73 -5.10
CA PRO B 268 -8.70 17.47 -5.78
C PRO B 268 -8.23 18.70 -5.00
N ASN B 269 -6.97 19.10 -5.22
CA ASN B 269 -6.38 20.24 -4.52
C ASN B 269 -7.02 21.54 -4.98
N ASP B 270 -7.59 22.28 -4.04
CA ASP B 270 -8.32 23.53 -4.34
C ASP B 270 -7.42 24.73 -4.62
N GLY B 271 -6.11 24.60 -4.37
CA GLY B 271 -5.16 25.69 -4.60
C GLY B 271 -5.24 26.85 -3.60
N GLN B 272 -6.01 26.68 -2.54
N GLN B 272 -6.01 26.67 -2.54
CA GLN B 272 -6.18 27.71 -1.52
CA GLN B 272 -6.19 27.70 -1.52
C GLN B 272 -5.26 27.45 -0.34
C GLN B 272 -5.24 27.45 -0.35
N CYS B 273 -5.09 28.48 0.49
CA CYS B 273 -4.23 28.37 1.67
C CYS B 273 -4.98 27.70 2.82
N HIS B 274 -4.36 26.71 3.44
CA HIS B 274 -4.94 26.02 4.60
C HIS B 274 -3.90 25.81 5.71
N VAL B 275 -3.15 26.87 6.05
CA VAL B 275 -2.15 26.82 7.11
C VAL B 275 -2.73 27.32 8.45
N GLY B 276 -2.89 28.63 8.58
CA GLY B 276 -3.54 29.21 9.76
C GLY B 276 -2.67 29.27 11.02
N SER B 277 -3.29 29.01 12.16
CA SER B 277 -2.72 29.34 13.48
C SER B 277 -1.52 28.49 13.89
N ASP B 278 -1.63 27.17 13.79
CA ASP B 278 -0.57 26.26 14.26
C ASP B 278 0.59 26.08 13.27
N ASN B 279 0.50 26.73 12.10
CA ASN B 279 1.52 26.67 11.05
C ASN B 279 1.70 25.30 10.39
N HIS B 280 0.64 24.50 10.41
CA HIS B 280 0.62 23.21 9.75
C HIS B 280 -0.37 23.23 8.62
N TYR B 281 -0.07 22.51 7.54
CA TYR B 281 -0.99 22.41 6.42
C TYR B 281 -2.17 21.51 6.82
N SER B 282 -3.27 22.12 7.22
CA SER B 282 -4.37 21.41 7.85
C SER B 282 -5.09 20.43 6.91
N ALA B 283 -5.03 20.68 5.61
CA ALA B 283 -5.65 19.80 4.60
C ALA B 283 -4.76 18.61 4.20
N SER B 284 -3.60 18.46 4.84
CA SER B 284 -2.66 17.39 4.48
C SER B 284 -3.28 16.01 4.36
N THR B 285 -4.19 15.66 5.27
CA THR B 285 -4.81 14.33 5.27
C THR B 285 -6.20 14.27 4.61
N THR B 286 -6.72 15.41 4.13
CA THR B 286 -8.04 15.44 3.49
C THR B 286 -8.01 15.83 2.00
N MET B 287 -6.90 16.39 1.54
CA MET B 287 -6.81 16.93 0.19
C MET B 287 -5.66 16.28 -0.59
N ASP B 288 -5.86 16.10 -1.90
CA ASP B 288 -4.88 15.44 -2.75
C ASP B 288 -3.70 16.37 -3.02
N TYR B 289 -2.60 15.79 -3.51
CA TYR B 289 -1.44 16.58 -3.92
C TYR B 289 -1.84 17.43 -5.14
N PRO B 290 -1.19 18.60 -5.30
CA PRO B 290 -1.49 19.45 -6.46
C PRO B 290 -0.93 18.92 -7.77
N SER B 291 -1.55 19.30 -8.88
CA SER B 291 -1.05 18.92 -10.20
C SER B 291 -0.09 20.00 -10.71
N LEU B 292 0.83 19.60 -11.61
CA LEU B 292 1.82 20.52 -12.17
C LEU B 292 1.19 21.78 -12.74
N GLY B 293 0.02 21.63 -13.39
CA GLY B 293 -0.70 22.75 -13.95
C GLY B 293 -1.17 23.74 -12.89
N LEU B 294 -1.77 23.21 -11.83
CA LEU B 294 -2.27 24.03 -10.73
C LEU B 294 -1.13 24.73 -10.00
N MET B 295 -0.01 24.02 -9.81
CA MET B 295 1.19 24.64 -9.26
C MET B 295 1.64 25.79 -10.16
N THR B 296 1.72 25.52 -11.46
CA THR B 296 2.11 26.54 -12.44
C THR B 296 1.22 27.78 -12.33
N GLU B 297 -0.08 27.55 -12.19
CA GLU B 297 -1.06 28.63 -12.14
C GLU B 297 -0.80 29.57 -10.96
N LYS B 298 -0.62 29.00 -9.77
CA LYS B 298 -0.45 29.80 -8.56
C LYS B 298 0.93 30.45 -8.47
N LEU B 299 1.97 29.75 -8.90
CA LEU B 299 3.31 30.34 -8.99
C LEU B 299 3.28 31.57 -9.88
N SER B 300 2.61 31.45 -11.02
CA SER B 300 2.46 32.56 -11.96
C SER B 300 1.60 33.67 -11.39
N GLN B 301 0.48 33.30 -10.78
CA GLN B 301 -0.47 34.25 -10.19
C GLN B 301 0.15 35.04 -9.04
N LYS B 302 0.89 34.35 -8.18
CA LYS B 302 1.55 34.98 -7.02
C LYS B 302 2.95 35.48 -7.33
N ASN B 303 3.39 35.29 -8.58
CA ASN B 303 4.65 35.85 -9.08
C ASN B 303 5.86 35.34 -8.29
N ILE B 304 6.06 34.02 -8.33
CA ILE B 304 7.10 33.33 -7.58
C ILE B 304 7.91 32.41 -8.51
N ASN B 305 9.24 32.51 -8.43
CA ASN B 305 10.13 31.64 -9.20
C ASN B 305 10.52 30.41 -8.39
N LEU B 306 10.16 29.24 -8.89
CA LEU B 306 10.46 27.98 -8.20
C LEU B 306 11.86 27.51 -8.59
N ILE B 307 12.62 27.09 -7.59
CA ILE B 307 13.94 26.51 -7.80
C ILE B 307 14.00 25.15 -7.11
N PHE B 308 14.21 24.10 -7.90
CA PHE B 308 14.42 22.77 -7.37
C PHE B 308 15.89 22.61 -7.01
N ALA B 309 16.20 22.51 -5.73
CA ALA B 309 17.55 22.21 -5.26
C ALA B 309 17.59 20.76 -4.80
N VAL B 310 17.81 19.85 -5.74
CA VAL B 310 17.71 18.41 -5.46
C VAL B 310 19.06 17.71 -5.64
N THR B 311 19.26 16.61 -4.93
CA THR B 311 20.54 15.87 -4.99
C THR B 311 20.69 15.18 -6.34
N GLU B 312 21.92 14.80 -6.67
CA GLU B 312 22.26 14.35 -8.03
C GLU B 312 21.45 13.16 -8.54
N ASN B 313 21.08 12.23 -7.65
CA ASN B 313 20.27 11.07 -8.02
C ASN B 313 18.90 11.40 -8.61
N VAL B 314 18.40 12.63 -8.39
CA VAL B 314 17.08 13.03 -8.89
C VAL B 314 17.07 14.29 -9.78
N VAL B 315 18.22 14.89 -10.04
CA VAL B 315 18.30 16.07 -10.91
C VAL B 315 17.52 15.88 -12.22
N ASN B 316 17.76 14.76 -12.90
CA ASN B 316 17.08 14.45 -14.16
C ASN B 316 15.56 14.37 -14.03
N LEU B 317 15.07 13.84 -12.91
CA LEU B 317 13.63 13.83 -12.66
C LEU B 317 13.09 15.27 -12.59
N TYR B 318 13.74 16.11 -11.78
CA TYR B 318 13.27 17.47 -11.53
C TYR B 318 13.52 18.44 -12.70
N GLN B 319 14.57 18.18 -13.48
N GLN B 319 14.56 18.18 -13.50
CA GLN B 319 14.80 18.89 -14.74
CA GLN B 319 14.79 18.95 -14.72
C GLN B 319 13.64 18.67 -15.69
C GLN B 319 13.66 18.67 -15.72
N ASN B 320 13.13 17.45 -15.72
CA ASN B 320 12.00 17.09 -16.58
C ASN B 320 10.69 17.72 -16.11
N TYR B 321 10.46 17.75 -14.80
CA TYR B 321 9.31 18.48 -14.25
C TYR B 321 9.43 19.97 -14.55
N SER B 322 10.66 20.49 -14.49
CA SER B 322 10.92 21.90 -14.70
C SER B 322 10.40 22.37 -16.07
N GLU B 323 10.64 21.55 -17.08
CA GLU B 323 10.17 21.85 -18.44
C GLU B 323 8.64 21.85 -18.55
N LEU B 324 7.95 21.26 -17.59
CA LEU B 324 6.49 21.28 -17.55
C LEU B 324 5.94 22.43 -16.69
N ILE B 325 6.84 23.18 -16.07
CA ILE B 325 6.48 24.37 -15.29
C ILE B 325 7.40 25.50 -15.70
N PRO B 326 7.07 26.19 -16.81
CA PRO B 326 7.91 27.25 -17.36
C PRO B 326 8.39 28.24 -16.32
N GLY B 327 9.68 28.61 -16.40
CA GLY B 327 10.27 29.56 -15.46
C GLY B 327 10.93 28.90 -14.28
N THR B 328 10.69 27.61 -14.10
CA THR B 328 11.34 26.83 -13.07
C THR B 328 12.77 26.52 -13.48
N THR B 329 13.67 26.39 -12.52
CA THR B 329 15.05 25.99 -12.78
C THR B 329 15.52 24.97 -11.74
N VAL B 330 16.59 24.26 -12.06
CA VAL B 330 17.12 23.21 -11.18
C VAL B 330 18.60 23.46 -10.88
N GLY B 331 18.97 23.23 -9.63
CA GLY B 331 20.38 23.21 -9.20
C GLY B 331 20.63 21.95 -8.38
N VAL B 332 21.89 21.60 -8.21
CA VAL B 332 22.23 20.36 -7.50
C VAL B 332 22.48 20.66 -6.03
N LEU B 333 21.72 19.99 -5.18
CA LEU B 333 21.96 19.98 -3.74
C LEU B 333 23.12 19.04 -3.47
N SER B 334 24.08 19.52 -2.70
CA SER B 334 25.26 18.73 -2.36
C SER B 334 25.91 19.36 -1.15
N MET B 335 27.08 18.86 -0.77
CA MET B 335 27.87 19.48 0.28
C MET B 335 28.35 20.87 -0.13
N ASP B 336 28.48 21.11 -1.43
CA ASP B 336 28.85 22.41 -1.97
C ASP B 336 27.59 23.19 -2.36
N SER B 337 27.58 24.48 -2.05
CA SER B 337 26.41 25.34 -2.27
C SER B 337 26.52 26.24 -3.52
N SER B 338 27.55 26.04 -4.33
CA SER B 338 27.83 26.94 -5.47
C SER B 338 26.77 26.86 -6.57
N ASN B 339 26.41 25.65 -6.96
CA ASN B 339 25.42 25.45 -8.02
C ASN B 339 24.14 26.23 -7.71
N VAL B 340 23.54 25.98 -6.55
CA VAL B 340 22.28 26.61 -6.19
C VAL B 340 22.43 28.13 -6.03
N LEU B 341 23.46 28.57 -5.34
CA LEU B 341 23.70 30.02 -5.16
C LEU B 341 23.72 30.76 -6.49
N GLN B 342 24.42 30.21 -7.48
CA GLN B 342 24.55 30.85 -8.79
C GLN B 342 23.19 31.09 -9.45
N LEU B 343 22.27 30.15 -9.31
CA LEU B 343 20.91 30.35 -9.83
C LEU B 343 20.31 31.62 -9.23
N ILE B 344 20.52 31.82 -7.93
CA ILE B 344 19.97 32.98 -7.23
C ILE B 344 20.64 34.28 -7.68
N VAL B 345 21.97 34.28 -7.73
CA VAL B 345 22.72 35.43 -8.27
C VAL B 345 22.27 35.74 -9.70
N ASP B 346 22.21 34.70 -10.54
CA ASP B 346 21.74 34.81 -11.93
C ASP B 346 20.36 35.47 -12.02
N ALA B 347 19.47 35.10 -11.11
CA ALA B 347 18.14 35.71 -11.03
C ALA B 347 18.26 37.19 -10.65
N TYR B 348 19.04 37.48 -9.62
CA TYR B 348 19.27 38.85 -9.17
C TYR B 348 19.89 39.71 -10.27
N GLY B 349 20.79 39.10 -11.05
CA GLY B 349 21.40 39.77 -12.19
C GLY B 349 20.42 40.27 -13.23
N LYS B 350 19.28 39.59 -13.37
CA LYS B 350 18.25 39.95 -14.35
C LYS B 350 17.30 41.07 -13.89
N ILE B 351 17.34 41.43 -12.60
CA ILE B 351 16.43 42.47 -12.08
C ILE B 351 16.76 43.85 -12.66
N ARG B 352 15.72 44.56 -13.10
CA ARG B 352 15.87 45.91 -13.68
C ARG B 352 14.84 46.87 -13.09
N SER B 353 15.28 48.09 -12.79
CA SER B 353 14.42 49.09 -12.14
C SER B 353 14.22 50.34 -13.00
N LYS B 354 13.29 51.18 -12.57
CA LYS B 354 12.96 52.41 -13.28
C LYS B 354 13.17 53.64 -12.38
N VAL B 355 13.28 54.80 -13.03
CA VAL B 355 13.31 56.08 -12.35
C VAL B 355 12.16 56.90 -12.93
N GLU B 356 11.15 57.16 -12.10
CA GLU B 356 9.94 57.83 -12.54
C GLU B 356 9.63 59.00 -11.61
N LEU B 357 9.89 60.22 -12.09
CA LEU B 357 9.77 61.43 -11.27
C LEU B 357 8.31 61.77 -11.01
N GLU B 358 8.00 62.08 -9.75
CA GLU B 358 6.68 62.60 -9.36
C GLU B 358 6.87 63.90 -8.59
N VAL B 359 6.02 64.88 -8.88
CA VAL B 359 6.09 66.19 -8.24
C VAL B 359 5.01 66.33 -7.19
N ARG B 360 5.37 66.92 -6.06
CA ARG B 360 4.45 67.15 -4.95
C ARG B 360 4.45 68.60 -4.55
N ASP B 361 3.29 69.08 -4.10
CA ASP B 361 3.14 70.43 -3.55
C ASP B 361 3.48 71.54 -4.55
N LEU B 362 3.28 71.26 -5.84
CA LEU B 362 3.52 72.26 -6.88
C LEU B 362 2.39 73.28 -6.87
N PRO B 363 2.71 74.56 -6.59
CA PRO B 363 1.67 75.58 -6.51
C PRO B 363 0.82 75.73 -7.77
N GLU B 364 -0.41 76.20 -7.58
CA GLU B 364 -1.32 76.56 -8.67
C GLU B 364 -0.61 77.25 -9.83
N GLU B 365 0.23 78.23 -9.50
CA GLU B 365 0.89 79.08 -10.49
C GLU B 365 2.01 78.36 -11.24
N LEU B 366 2.83 77.60 -10.52
CA LEU B 366 4.01 76.96 -11.12
C LEU B 366 3.63 75.76 -11.99
N SER B 367 4.22 75.71 -13.19
CA SER B 367 4.05 74.60 -14.12
C SER B 367 5.41 74.08 -14.56
N LEU B 368 5.55 72.76 -14.68
CA LEU B 368 6.84 72.14 -14.97
C LEU B 368 6.87 71.46 -16.33
N SER B 369 8.08 71.29 -16.86
CA SER B 369 8.31 70.48 -18.06
C SER B 369 9.69 69.81 -17.97
N PHE B 370 9.77 68.57 -18.44
CA PHE B 370 10.94 67.72 -18.20
C PHE B 370 11.59 67.25 -19.50
N ASN B 371 12.89 67.04 -19.45
CA ASN B 371 13.66 66.39 -20.53
C ASN B 371 14.46 65.23 -19.97
N ALA B 372 14.11 64.01 -20.37
CA ALA B 372 14.75 62.80 -19.85
C ALA B 372 15.98 62.42 -20.67
N THR B 373 17.09 62.20 -19.98
CA THR B 373 18.32 61.67 -20.57
C THR B 373 18.65 60.32 -19.92
N CYS B 374 18.20 59.23 -20.54
CA CYS B 374 18.32 57.89 -19.96
C CYS B 374 19.61 57.20 -20.40
N LEU B 375 19.64 55.88 -20.31
CA LEU B 375 20.85 55.10 -20.57
C LEU B 375 21.27 55.17 -22.05
N ASN B 376 20.31 55.43 -22.94
CA ASN B 376 20.61 55.64 -24.37
C ASN B 376 21.27 57.00 -24.68
N ASN B 377 21.38 57.86 -23.67
CA ASN B 377 22.00 59.19 -23.79
C ASN B 377 21.32 60.07 -24.83
N GLU B 378 20.01 59.92 -24.97
CA GLU B 378 19.22 60.75 -25.88
C GLU B 378 18.25 61.59 -25.06
N VAL B 379 18.23 62.89 -25.31
CA VAL B 379 17.32 63.79 -24.62
C VAL B 379 15.92 63.60 -25.19
N ILE B 380 15.13 62.73 -24.55
CA ILE B 380 13.74 62.51 -24.94
C ILE B 380 12.90 63.63 -24.32
N PRO B 381 12.40 64.57 -25.15
CA PRO B 381 11.75 65.75 -24.57
C PRO B 381 10.35 65.45 -24.05
N GLY B 382 9.96 66.15 -22.99
CA GLY B 382 8.64 65.95 -22.38
C GLY B 382 8.47 64.61 -21.71
N LEU B 383 9.59 63.98 -21.33
CA LEU B 383 9.56 62.68 -20.67
C LEU B 383 10.22 62.81 -19.30
N LYS B 384 9.66 62.12 -18.31
CA LYS B 384 10.14 62.21 -16.92
C LYS B 384 10.33 60.84 -16.28
N SER B 385 10.70 59.84 -17.07
CA SER B 385 10.99 58.50 -16.55
C SER B 385 11.93 57.69 -17.44
N CYS B 386 12.83 56.94 -16.81
CA CYS B 386 13.73 56.01 -17.49
C CYS B 386 13.50 54.60 -16.97
N MET B 387 13.58 53.61 -17.86
CA MET B 387 13.32 52.22 -17.50
C MET B 387 14.45 51.31 -17.98
N GLY B 388 14.82 50.34 -17.14
CA GLY B 388 15.85 49.36 -17.49
C GLY B 388 17.19 49.63 -16.82
N LEU B 389 17.17 50.01 -15.55
CA LEU B 389 18.38 50.32 -14.79
C LEU B 389 18.81 49.15 -13.90
N LYS B 390 20.12 48.94 -13.81
CA LYS B 390 20.72 48.02 -12.85
C LYS B 390 21.32 48.84 -11.71
N ILE B 391 21.74 48.16 -10.64
CA ILE B 391 22.40 48.85 -9.52
C ILE B 391 23.70 49.46 -10.04
N GLY B 392 23.82 50.78 -9.93
CA GLY B 392 25.01 51.49 -10.41
C GLY B 392 24.71 52.46 -11.53
N ASP B 393 23.60 52.25 -12.24
CA ASP B 393 23.22 53.11 -13.36
C ASP B 393 22.74 54.48 -12.87
N THR B 394 22.94 55.50 -13.70
CA THR B 394 22.52 56.88 -13.41
C THR B 394 21.84 57.53 -14.62
N VAL B 395 20.59 57.96 -14.45
CA VAL B 395 19.91 58.77 -15.48
C VAL B 395 19.84 60.22 -15.03
N SER B 396 19.41 61.09 -15.94
CA SER B 396 19.44 62.55 -15.73
C SER B 396 18.24 63.25 -16.36
N PHE B 397 17.72 64.26 -15.68
CA PHE B 397 16.58 65.04 -16.19
C PHE B 397 16.87 66.54 -16.12
N SER B 398 16.23 67.29 -17.02
CA SER B 398 16.32 68.75 -17.02
C SER B 398 14.91 69.32 -16.87
N ILE B 399 14.62 69.91 -15.72
CA ILE B 399 13.27 70.45 -15.44
C ILE B 399 13.24 71.96 -15.61
N GLU B 400 12.17 72.46 -16.25
CA GLU B 400 11.93 73.89 -16.39
C GLU B 400 10.63 74.26 -15.68
N ALA B 401 10.71 75.27 -14.81
CA ALA B 401 9.55 75.75 -14.05
C ALA B 401 9.13 77.12 -14.54
N LYS B 402 7.86 77.29 -14.87
CA LYS B 402 7.32 78.59 -15.29
C LYS B 402 6.27 79.08 -14.31
N VAL B 403 6.50 80.27 -13.72
CA VAL B 403 5.51 80.90 -12.86
C VAL B 403 4.50 81.69 -13.70
N ARG B 404 3.25 81.68 -13.25
CA ARG B 404 2.19 82.46 -13.89
C ARG B 404 2.07 83.82 -13.21
N GLY B 405 2.69 84.84 -13.81
CA GLY B 405 2.63 86.20 -13.28
C GLY B 405 3.41 86.34 -11.99
N CYS B 406 2.87 87.15 -11.07
CA CYS B 406 3.51 87.42 -9.78
C CYS B 406 2.55 87.07 -8.64
N PRO B 407 2.80 85.93 -7.97
CA PRO B 407 1.93 85.55 -6.84
C PRO B 407 2.16 86.39 -5.59
N GLN B 408 1.12 86.52 -4.75
CA GLN B 408 1.21 87.30 -3.51
C GLN B 408 1.91 86.55 -2.39
N GLU B 409 2.02 85.22 -2.52
CA GLU B 409 2.68 84.38 -1.52
C GLU B 409 4.17 84.70 -1.40
N LYS B 410 4.84 84.82 -2.55
CA LYS B 410 6.25 85.26 -2.64
C LYS B 410 7.30 84.19 -2.29
N GLU B 411 6.96 83.26 -1.40
CA GLU B 411 7.86 82.15 -1.07
C GLU B 411 7.11 80.84 -0.88
N LYS B 412 7.19 79.96 -1.88
CA LYS B 412 6.64 78.61 -1.79
C LYS B 412 7.75 77.60 -2.08
N SER B 413 7.42 76.31 -1.93
CA SER B 413 8.35 75.23 -2.28
C SER B 413 7.59 74.00 -2.79
N PHE B 414 8.29 73.17 -3.56
CA PHE B 414 7.76 71.90 -4.06
C PHE B 414 8.86 70.84 -4.05
N THR B 415 8.48 69.60 -4.33
CA THR B 415 9.41 68.48 -4.27
C THR B 415 9.32 67.57 -5.48
N ILE B 416 10.41 67.48 -6.24
CA ILE B 416 10.55 66.50 -7.31
C ILE B 416 11.13 65.23 -6.69
N LYS B 417 10.40 64.12 -6.79
CA LYS B 417 10.76 62.88 -6.11
C LYS B 417 10.58 61.68 -7.04
N PRO B 418 11.55 60.74 -7.07
CA PRO B 418 11.32 59.52 -7.84
C PRO B 418 10.40 58.54 -7.10
N VAL B 419 9.57 57.82 -7.84
CA VAL B 419 8.68 56.82 -7.25
C VAL B 419 9.51 55.66 -6.69
N GLY B 420 9.28 55.33 -5.42
CA GLY B 420 10.00 54.24 -4.76
C GLY B 420 11.37 54.63 -4.19
N PHE B 421 11.69 55.91 -4.23
CA PHE B 421 12.94 56.44 -3.65
C PHE B 421 12.59 57.31 -2.44
N LYS B 422 13.36 57.17 -1.36
CA LYS B 422 13.24 58.08 -0.22
C LYS B 422 13.88 59.44 -0.55
N ASP B 423 14.84 59.44 -1.47
CA ASP B 423 15.54 60.67 -1.87
C ASP B 423 14.64 61.56 -2.71
N SER B 424 14.91 62.86 -2.67
CA SER B 424 14.12 63.84 -3.43
C SER B 424 14.86 65.16 -3.64
N LEU B 425 14.26 66.04 -4.42
CA LEU B 425 14.78 67.38 -4.65
C LEU B 425 13.75 68.38 -4.14
N ILE B 426 14.10 69.13 -3.10
CA ILE B 426 13.28 70.24 -2.63
C ILE B 426 13.71 71.51 -3.36
N VAL B 427 12.83 72.05 -4.20
CA VAL B 427 13.11 73.30 -4.90
C VAL B 427 12.36 74.46 -4.23
N GLN B 428 13.11 75.41 -3.69
CA GLN B 428 12.55 76.58 -3.03
C GLN B 428 12.37 77.71 -4.05
N VAL B 429 11.15 78.26 -4.14
CA VAL B 429 10.85 79.32 -5.11
C VAL B 429 10.57 80.66 -4.44
N THR B 430 11.37 81.66 -4.78
CA THR B 430 11.13 83.06 -4.41
C THR B 430 10.64 83.81 -5.65
N PHE B 431 9.69 84.74 -5.46
CA PHE B 431 9.17 85.54 -6.55
C PHE B 431 9.65 86.99 -6.42
N ASP B 432 10.44 87.43 -7.40
CA ASP B 432 11.08 88.73 -7.40
C ASP B 432 10.29 89.71 -8.27
N CYS B 433 9.38 90.46 -7.63
CA CYS B 433 8.46 91.33 -8.35
C CYS B 433 8.75 92.81 -8.21
N ASP B 434 9.50 93.18 -7.18
CA ASP B 434 9.82 94.57 -6.90
C ASP B 434 11.17 94.95 -7.51
N CYS B 435 11.52 96.23 -7.41
CA CYS B 435 12.82 96.73 -7.88
C CYS B 435 13.67 97.18 -6.69
N ALA B 436 14.99 97.13 -6.86
CA ALA B 436 15.91 97.54 -5.80
C ALA B 436 15.72 99.00 -5.39
N CYS B 437 15.35 99.85 -6.36
CA CYS B 437 15.14 101.26 -6.09
C CYS B 437 13.87 101.56 -5.28
N GLN B 438 12.98 100.59 -5.16
CA GLN B 438 11.76 100.76 -4.35
C GLN B 438 12.05 100.88 -2.85
N ALA B 439 13.15 100.28 -2.39
CA ALA B 439 13.59 100.42 -0.99
C ALA B 439 13.88 101.89 -0.67
N GLN B 440 14.53 102.58 -1.61
CA GLN B 440 14.77 104.02 -1.49
C GLN B 440 13.47 104.76 -1.84
N ALA B 441 12.53 104.76 -0.91
CA ALA B 441 11.18 105.25 -1.15
C ALA B 441 11.10 106.76 -1.14
N GLU B 442 11.68 107.39 -0.13
CA GLU B 442 11.58 108.84 0.10
C GLU B 442 10.11 109.29 0.22
N PRO B 443 9.49 109.01 1.39
CA PRO B 443 8.08 109.30 1.67
C PRO B 443 7.57 110.66 1.16
N ASN B 444 8.38 111.71 1.31
CA ASN B 444 7.99 113.05 0.87
C ASN B 444 7.95 113.14 -0.66
N SER B 445 6.99 113.91 -1.18
CA SER B 445 6.83 114.08 -2.62
C SER B 445 7.99 114.92 -3.19
N HIS B 446 8.18 116.11 -2.62
CA HIS B 446 9.24 117.04 -3.02
C HIS B 446 8.98 117.66 -4.39
N ARG B 447 8.87 116.81 -5.42
CA ARG B 447 8.59 117.25 -6.79
C ARG B 447 7.10 117.42 -7.11
N CYS B 448 6.25 116.59 -6.50
CA CYS B 448 4.80 116.66 -6.76
C CYS B 448 4.17 117.81 -5.96
N ASN B 449 4.26 117.73 -4.64
CA ASN B 449 3.71 118.75 -3.73
C ASN B 449 2.23 119.11 -3.92
N ASN B 450 1.44 118.13 -4.35
CA ASN B 450 -0.01 118.27 -4.46
C ASN B 450 -0.72 117.15 -3.68
N GLY B 451 -0.06 116.64 -2.64
CA GLY B 451 -0.58 115.53 -1.86
C GLY B 451 -0.50 114.19 -2.57
N ASN B 452 0.52 114.02 -3.42
CA ASN B 452 0.70 112.78 -4.17
C ASN B 452 1.34 111.70 -3.30
N GLY B 453 2.43 112.06 -2.61
CA GLY B 453 3.12 111.16 -1.69
C GLY B 453 4.13 110.26 -2.38
N THR B 454 5.33 110.20 -1.80
CA THR B 454 6.42 109.29 -2.23
C THR B 454 7.03 109.61 -3.60
N PHE B 455 8.29 109.22 -3.76
CA PHE B 455 9.03 109.45 -5.00
C PHE B 455 10.12 108.38 -5.18
N GLU B 456 9.82 107.34 -5.97
CA GLU B 456 10.74 106.23 -6.18
C GLU B 456 11.08 106.03 -7.66
N CYS B 457 12.36 105.81 -7.94
CA CYS B 457 12.88 105.51 -9.28
C CYS B 457 12.46 106.55 -10.33
N GLY B 458 12.31 107.80 -9.92
CA GLY B 458 11.98 108.91 -10.83
C GLY B 458 10.52 108.95 -11.26
N VAL B 459 9.61 109.04 -10.29
CA VAL B 459 8.18 109.16 -10.59
C VAL B 459 7.37 109.57 -9.34
N CYS B 460 6.28 110.30 -9.55
CA CYS B 460 5.37 110.67 -8.46
C CYS B 460 4.55 109.47 -7.98
N ARG B 461 3.76 108.90 -8.89
CA ARG B 461 2.85 107.79 -8.58
C ARG B 461 3.27 106.52 -9.33
N GLU C 1 -5.36 -34.19 -7.07
CA GLU C 1 -5.60 -34.79 -5.73
C GLU C 1 -4.35 -34.64 -4.86
N VAL C 2 -4.48 -33.88 -3.77
CA VAL C 2 -3.37 -33.61 -2.87
C VAL C 2 -2.93 -34.87 -2.14
N GLN C 3 -1.64 -35.16 -2.20
CA GLN C 3 -1.08 -36.38 -1.63
C GLN C 3 0.39 -36.22 -1.26
N LEU C 4 0.74 -36.65 -0.05
CA LEU C 4 2.12 -36.59 0.43
C LEU C 4 2.70 -38.00 0.42
N GLN C 5 3.71 -38.21 -0.41
CA GLN C 5 4.33 -39.52 -0.60
C GLN C 5 5.68 -39.60 0.10
N GLN C 6 5.75 -40.40 1.16
CA GLN C 6 6.95 -40.51 1.99
C GLN C 6 7.84 -41.68 1.57
N SER C 7 9.12 -41.57 1.88
CA SER C 7 10.10 -42.62 1.55
C SER C 7 9.89 -43.85 2.44
N GLY C 8 10.46 -44.97 2.00
CA GLY C 8 10.19 -46.27 2.60
C GLY C 8 10.77 -46.47 3.99
N ALA C 9 10.49 -47.64 4.56
CA ALA C 9 10.93 -47.99 5.91
C ALA C 9 12.45 -47.98 6.02
N GLU C 10 12.94 -47.64 7.22
CA GLU C 10 14.36 -47.51 7.49
C GLU C 10 14.79 -48.43 8.63
N LEU C 11 15.84 -49.21 8.39
CA LEU C 11 16.52 -49.95 9.46
C LEU C 11 17.90 -49.34 9.65
N VAL C 12 18.06 -48.58 10.74
CA VAL C 12 19.25 -47.77 10.97
C VAL C 12 19.92 -48.16 12.28
N LYS C 13 21.22 -47.89 12.40
CA LYS C 13 21.97 -48.27 13.58
C LYS C 13 22.06 -47.12 14.59
N PRO C 14 22.05 -47.45 15.89
CA PRO C 14 22.16 -46.40 16.92
C PRO C 14 23.45 -45.59 16.78
N GLY C 15 23.36 -44.29 17.04
CA GLY C 15 24.49 -43.39 16.86
C GLY C 15 24.58 -42.82 15.45
N ALA C 16 24.02 -43.53 14.48
CA ALA C 16 24.00 -43.06 13.09
C ALA C 16 22.93 -41.99 12.88
N SER C 17 22.81 -41.52 11.65
CA SER C 17 21.75 -40.58 11.28
C SER C 17 20.88 -41.18 10.17
N VAL C 18 19.70 -40.60 10.00
CA VAL C 18 18.79 -41.02 8.93
C VAL C 18 18.05 -39.79 8.41
N LYS C 19 17.70 -39.79 7.13
CA LYS C 19 17.02 -38.66 6.50
C LYS C 19 15.78 -39.13 5.76
N LEU C 20 14.61 -38.81 6.32
CA LEU C 20 13.33 -39.21 5.73
C LEU C 20 12.88 -38.15 4.73
N SER C 21 12.06 -38.54 3.76
CA SER C 21 11.60 -37.61 2.73
C SER C 21 10.09 -37.67 2.57
N CYS C 22 9.55 -36.59 2.03
CA CYS C 22 8.11 -36.39 1.89
C CYS C 22 7.88 -35.53 0.64
N THR C 23 7.41 -36.16 -0.44
CA THR C 23 7.30 -35.49 -1.74
C THR C 23 5.84 -35.15 -2.09
N ALA C 24 5.62 -33.89 -2.46
CA ALA C 24 4.31 -33.40 -2.84
C ALA C 24 3.86 -34.01 -4.16
N SER C 25 2.56 -34.27 -4.26
CA SER C 25 1.95 -34.83 -5.46
C SER C 25 0.59 -34.18 -5.64
N GLY C 26 0.36 -33.60 -6.81
CA GLY C 26 -0.87 -32.83 -7.05
C GLY C 26 -0.86 -31.47 -6.39
N PHE C 27 0.31 -31.02 -5.93
CA PHE C 27 0.49 -29.68 -5.42
C PHE C 27 1.98 -29.36 -5.28
N ASN C 28 2.29 -28.08 -5.01
CA ASN C 28 3.66 -27.65 -4.78
C ASN C 28 3.97 -27.55 -3.30
N ILE C 29 5.13 -28.08 -2.93
CA ILE C 29 5.54 -28.16 -1.52
C ILE C 29 5.64 -26.78 -0.84
N LYS C 30 5.84 -25.71 -1.62
CA LYS C 30 5.89 -24.34 -1.08
C LYS C 30 4.52 -23.71 -0.80
N ASP C 31 3.44 -24.42 -1.13
CA ASP C 31 2.08 -23.89 -0.99
C ASP C 31 1.70 -23.62 0.45
N THR C 32 2.25 -24.40 1.38
CA THR C 32 1.88 -24.30 2.79
C THR C 32 3.03 -24.73 3.69
N TYR C 33 2.87 -24.49 5.00
CA TYR C 33 3.71 -25.13 5.99
C TYR C 33 3.67 -26.64 5.80
N VAL C 34 4.81 -27.30 6.00
CA VAL C 34 4.87 -28.74 6.09
C VAL C 34 5.43 -29.10 7.47
N HIS C 35 4.72 -29.97 8.19
CA HIS C 35 5.11 -30.37 9.53
C HIS C 35 5.62 -31.79 9.51
N TRP C 36 6.29 -32.19 10.59
CA TRP C 36 6.69 -33.58 10.82
C TRP C 36 6.20 -34.02 12.19
N VAL C 37 5.55 -35.18 12.24
CA VAL C 37 4.99 -35.72 13.49
C VAL C 37 5.51 -37.14 13.75
N LYS C 38 5.72 -37.43 15.03
CA LYS C 38 6.25 -38.71 15.50
C LYS C 38 5.13 -39.48 16.18
N GLN C 39 5.02 -40.77 15.87
CA GLN C 39 4.05 -41.65 16.56
C GLN C 39 4.74 -42.88 17.12
N ARG C 40 4.35 -43.25 18.34
CA ARG C 40 4.80 -44.48 18.97
C ARG C 40 3.62 -45.08 19.72
N PRO C 41 3.60 -46.41 19.89
CA PRO C 41 2.43 -47.05 20.48
C PRO C 41 2.13 -46.57 21.91
N GLU C 42 3.16 -46.45 22.73
CA GLU C 42 2.99 -46.09 24.14
CA GLU C 42 3.00 -46.09 24.14
C GLU C 42 2.88 -44.58 24.33
N GLN C 43 3.84 -43.85 23.79
CA GLN C 43 3.93 -42.41 24.03
C GLN C 43 2.98 -41.58 23.17
N GLY C 44 2.58 -42.10 22.02
CA GLY C 44 1.60 -41.44 21.18
C GLY C 44 2.20 -40.48 20.18
N LEU C 45 1.42 -39.45 19.82
CA LEU C 45 1.82 -38.47 18.80
C LEU C 45 2.58 -37.28 19.39
N GLU C 46 3.75 -36.98 18.81
CA GLU C 46 4.53 -35.82 19.19
C GLU C 46 4.87 -34.98 17.95
N TRP C 47 4.65 -33.67 18.05
CA TRP C 47 4.97 -32.72 16.98
C TRP C 47 6.45 -32.39 17.04
N ILE C 48 7.16 -32.63 15.93
CA ILE C 48 8.60 -32.40 15.86
C ILE C 48 8.89 -30.95 15.47
N GLY C 49 8.28 -30.49 14.38
CA GLY C 49 8.54 -29.14 13.89
C GLY C 49 7.85 -28.84 12.57
N ARG C 50 8.17 -27.70 11.98
CA ARG C 50 7.62 -27.32 10.67
C ARG C 50 8.63 -26.56 9.84
N ILE C 51 8.33 -26.42 8.55
CA ILE C 51 9.12 -25.58 7.66
C ILE C 51 8.16 -24.84 6.71
N ASP C 52 8.54 -23.63 6.32
CA ASP C 52 7.85 -22.94 5.22
C ASP C 52 8.77 -23.03 4.01
N PRO C 53 8.53 -24.02 3.13
CA PRO C 53 9.45 -24.29 2.03
C PRO C 53 9.63 -23.14 1.05
N ALA C 54 8.74 -22.16 1.07
CA ALA C 54 8.89 -20.96 0.27
C ALA C 54 10.14 -20.17 0.65
N ASN C 55 10.50 -20.20 1.94
CA ASN C 55 11.62 -19.40 2.46
C ASN C 55 12.57 -20.11 3.43
N GLY C 56 12.30 -21.38 3.74
CA GLY C 56 13.21 -22.18 4.56
C GLY C 56 13.06 -22.07 6.07
N TYR C 57 12.35 -21.04 6.54
CA TYR C 57 12.22 -20.82 7.99
C TYR C 57 11.53 -22.01 8.68
N THR C 58 12.05 -22.41 9.84
CA THR C 58 11.56 -23.59 10.55
C THR C 58 11.24 -23.29 12.01
N LYS C 59 10.45 -24.16 12.63
CA LYS C 59 10.19 -24.15 14.08
C LYS C 59 10.33 -25.57 14.62
N TYR C 60 10.75 -25.70 15.87
CA TYR C 60 10.90 -27.01 16.52
C TYR C 60 10.40 -27.00 17.96
N ASP C 61 9.86 -28.14 18.39
CA ASP C 61 9.65 -28.38 19.82
C ASP C 61 11.05 -28.58 20.42
N PRO C 62 11.38 -27.82 21.48
CA PRO C 62 12.66 -27.94 22.19
C PRO C 62 13.13 -29.39 22.43
N LYS C 63 12.21 -30.32 22.62
CA LYS C 63 12.56 -31.73 22.79
C LYS C 63 13.37 -32.28 21.62
N PHE C 64 13.10 -31.80 20.41
CA PHE C 64 13.77 -32.29 19.20
C PHE C 64 14.81 -31.33 18.63
N GLN C 65 15.03 -30.21 19.31
CA GLN C 65 16.07 -29.27 18.90
C GLN C 65 17.41 -29.98 19.02
N GLY C 66 18.21 -29.92 17.95
CA GLY C 66 19.53 -30.57 17.91
C GLY C 66 19.48 -31.91 17.18
N LYS C 67 18.57 -32.76 17.59
CA LYS C 67 18.35 -34.05 16.94
C LYS C 67 17.75 -33.89 15.54
N ALA C 68 16.64 -33.15 15.46
CA ALA C 68 15.86 -33.02 14.22
C ALA C 68 16.25 -31.78 13.41
N THR C 69 16.44 -31.98 12.11
CA THR C 69 16.64 -30.86 11.17
C THR C 69 15.72 -31.03 9.96
N ILE C 70 14.74 -30.14 9.84
CA ILE C 70 13.82 -30.15 8.73
C ILE C 70 14.34 -29.25 7.62
N THR C 71 14.33 -29.76 6.39
CA THR C 71 14.69 -28.96 5.22
C THR C 71 13.70 -29.25 4.11
N ALA C 72 13.74 -28.44 3.06
CA ALA C 72 12.88 -28.64 1.91
C ALA C 72 13.57 -28.14 0.65
N ASP C 73 13.12 -28.65 -0.50
CA ASP C 73 13.72 -28.34 -1.79
C ASP C 73 12.62 -28.23 -2.83
N THR C 74 12.32 -27.00 -3.25
CA THR C 74 11.19 -26.74 -4.16
C THR C 74 11.41 -27.26 -5.58
N SER C 75 12.66 -27.44 -5.98
CA SER C 75 12.96 -28.04 -7.29
C SER C 75 12.41 -29.46 -7.37
N SER C 76 12.73 -30.27 -6.36
CA SER C 76 12.26 -31.65 -6.28
C SER C 76 10.90 -31.78 -5.60
N ASN C 77 10.35 -30.67 -5.13
CA ASN C 77 9.05 -30.65 -4.45
C ASN C 77 9.02 -31.57 -3.23
N THR C 78 10.08 -31.56 -2.44
CA THR C 78 10.21 -32.48 -1.31
C THR C 78 10.65 -31.79 -0.03
N ALA C 79 10.12 -32.26 1.08
CA ALA C 79 10.54 -31.85 2.42
C ALA C 79 11.23 -33.02 3.09
N TYR C 80 12.19 -32.73 3.95
CA TYR C 80 13.00 -33.77 4.61
C TYR C 80 13.01 -33.60 6.13
N LEU C 81 13.13 -34.74 6.82
CA LEU C 81 13.41 -34.78 8.25
C LEU C 81 14.68 -35.57 8.44
N GLN C 82 15.72 -34.92 8.97
CA GLN C 82 16.96 -35.59 9.33
C GLN C 82 17.06 -35.75 10.84
N LEU C 83 17.30 -36.98 11.29
CA LEU C 83 17.53 -37.28 12.70
C LEU C 83 18.96 -37.75 12.91
N SER C 84 19.69 -37.05 13.77
CA SER C 84 21.07 -37.42 14.12
C SER C 84 21.10 -38.09 15.47
N SER C 85 22.23 -38.71 15.78
CA SER C 85 22.46 -39.34 17.07
C SER C 85 21.33 -40.27 17.45
N LEU C 86 21.01 -41.18 16.53
CA LEU C 86 19.87 -42.08 16.70
C LEU C 86 19.94 -42.91 17.97
N THR C 87 18.86 -42.90 18.74
CA THR C 87 18.73 -43.73 19.92
C THR C 87 17.52 -44.64 19.74
N SER C 88 17.31 -45.54 20.69
CA SER C 88 16.16 -46.44 20.66
C SER C 88 14.82 -45.70 20.81
N GLU C 89 14.86 -44.51 21.41
CA GLU C 89 13.67 -43.66 21.52
C GLU C 89 13.23 -43.09 20.17
N ASP C 90 14.09 -43.17 19.16
CA ASP C 90 13.76 -42.66 17.83
C ASP C 90 13.06 -43.72 16.99
N THR C 91 12.98 -44.95 17.48
CA THR C 91 12.17 -45.98 16.81
C THR C 91 10.71 -45.57 16.86
N ALA C 92 10.14 -45.25 15.71
CA ALA C 92 8.80 -44.70 15.63
C ALA C 92 8.36 -44.63 14.18
N VAL C 93 7.09 -44.32 13.95
CA VAL C 93 6.59 -44.01 12.61
C VAL C 93 6.55 -42.49 12.50
N TYR C 94 7.10 -41.94 11.42
CA TYR C 94 7.18 -40.48 11.21
C TYR C 94 6.30 -40.04 10.05
N TYR C 95 5.47 -39.04 10.28
CA TYR C 95 4.56 -38.49 9.26
C TYR C 95 4.91 -37.05 8.91
N CYS C 96 4.73 -36.69 7.65
CA CYS C 96 4.71 -35.28 7.28
C CYS C 96 3.25 -34.84 7.07
N VAL C 97 2.95 -33.60 7.46
CA VAL C 97 1.57 -33.12 7.52
C VAL C 97 1.45 -31.72 6.96
N ARG C 98 0.35 -31.42 6.30
CA ARG C 98 0.05 -30.07 5.84
C ARG C 98 -1.45 -29.74 6.00
N PRO C 99 -1.80 -28.45 6.06
CA PRO C 99 -3.20 -28.06 6.18
C PRO C 99 -3.97 -28.05 4.85
N LEU C 100 -5.29 -28.10 4.93
CA LEU C 100 -6.15 -27.94 3.75
C LEU C 100 -6.30 -26.46 3.42
N TYR C 101 -6.99 -25.70 4.27
CA TYR C 101 -7.19 -24.26 4.05
C TYR C 101 -6.53 -23.39 5.12
N ASP C 102 -6.89 -23.63 6.37
CA ASP C 102 -6.37 -22.86 7.50
C ASP C 102 -4.84 -22.99 7.57
N TYR C 103 -4.13 -21.87 7.45
CA TYR C 103 -2.66 -21.84 7.55
C TYR C 103 -2.10 -22.77 8.63
N TYR C 104 -2.72 -22.77 9.80
CA TYR C 104 -2.13 -23.39 10.97
C TYR C 104 -2.59 -24.83 11.24
N ALA C 105 -3.44 -25.38 10.38
CA ALA C 105 -4.08 -26.68 10.63
C ALA C 105 -3.22 -27.90 10.26
N MET C 106 -3.72 -29.09 10.61
CA MET C 106 -3.00 -30.35 10.41
C MET C 106 -3.94 -31.36 9.77
N ASP C 107 -4.21 -31.19 8.48
CA ASP C 107 -5.33 -31.87 7.81
C ASP C 107 -4.91 -33.04 6.90
N TYR C 108 -3.95 -32.80 6.01
CA TYR C 108 -3.44 -33.84 5.11
C TYR C 108 -2.18 -34.48 5.69
N TRP C 109 -2.09 -35.80 5.59
CA TRP C 109 -1.00 -36.56 6.20
C TRP C 109 -0.40 -37.56 5.21
N GLY C 110 0.89 -37.81 5.35
CA GLY C 110 1.54 -38.86 4.57
C GLY C 110 1.13 -40.22 5.10
N GLN C 111 1.57 -41.28 4.42
CA GLN C 111 1.27 -42.65 4.85
C GLN C 111 2.15 -43.08 6.03
N GLY C 112 3.15 -42.27 6.36
CA GLY C 112 4.06 -42.54 7.46
C GLY C 112 5.31 -43.26 6.99
N THR C 113 6.41 -43.06 7.71
CA THR C 113 7.65 -43.79 7.46
C THR C 113 8.13 -44.42 8.76
N SER C 114 8.34 -45.74 8.71
CA SER C 114 8.80 -46.50 9.87
C SER C 114 10.32 -46.45 9.97
N VAL C 115 10.81 -46.17 11.17
CA VAL C 115 12.25 -46.16 11.45
C VAL C 115 12.53 -47.06 12.65
N THR C 116 13.36 -48.07 12.44
CA THR C 116 13.77 -48.97 13.50
C THR C 116 15.26 -48.81 13.78
N VAL C 117 15.59 -48.32 14.98
CA VAL C 117 16.98 -48.21 15.42
C VAL C 117 17.36 -49.50 16.14
N SER C 118 18.42 -50.15 15.68
CA SER C 118 18.80 -51.47 16.20
C SER C 118 20.25 -51.82 15.88
N SER C 119 20.91 -52.52 16.81
CA SER C 119 22.26 -53.06 16.57
C SER C 119 22.20 -54.52 16.12
N ALA C 120 21.00 -55.09 16.11
CA ALA C 120 20.81 -56.51 15.84
C ALA C 120 21.27 -56.89 14.43
N LYS C 121 21.91 -58.05 14.32
CA LYS C 121 22.25 -58.62 13.03
C LYS C 121 21.08 -59.45 12.51
N THR C 122 21.09 -59.75 11.21
CA THR C 122 20.05 -60.56 10.61
C THR C 122 20.11 -61.97 11.18
N THR C 123 18.96 -62.48 11.60
CA THR C 123 18.89 -63.81 12.23
C THR C 123 17.62 -64.54 11.78
N ALA C 124 17.78 -65.77 11.33
CA ALA C 124 16.65 -66.61 10.91
C ALA C 124 15.92 -67.17 12.14
N PRO C 125 14.59 -67.30 12.05
CA PRO C 125 13.81 -67.78 13.18
C PRO C 125 13.96 -69.29 13.42
N SER C 126 13.92 -69.69 14.68
CA SER C 126 13.72 -71.09 15.04
C SER C 126 12.22 -71.32 15.11
N VAL C 127 11.71 -72.27 14.32
CA VAL C 127 10.27 -72.52 14.26
C VAL C 127 9.93 -73.85 14.93
N TYR C 128 9.09 -73.80 15.96
CA TYR C 128 8.74 -74.99 16.74
C TYR C 128 7.25 -75.32 16.62
N PRO C 129 6.93 -76.60 16.36
CA PRO C 129 5.53 -77.02 16.35
C PRO C 129 5.01 -77.20 17.77
N LEU C 130 3.74 -76.85 18.00
CA LEU C 130 3.14 -76.99 19.32
C LEU C 130 1.91 -77.90 19.28
N ALA C 131 2.14 -79.19 19.54
CA ALA C 131 1.07 -80.18 19.63
C ALA C 131 0.51 -80.19 21.06
N PRO C 132 -0.76 -80.61 21.20
CA PRO C 132 -1.38 -80.63 22.53
C PRO C 132 -0.79 -81.67 23.47
N VAL C 133 -1.13 -81.58 24.74
CA VAL C 133 -0.68 -82.53 25.74
C VAL C 133 -1.64 -83.72 25.74
N CYS C 134 -1.39 -84.71 26.60
CA CYS C 134 -2.28 -85.86 26.74
C CYS C 134 -3.52 -85.51 27.55
N THR C 137 -8.34 -85.89 28.55
CA THR C 137 -8.99 -86.50 27.39
C THR C 137 -9.30 -85.45 26.32
N THR C 138 -9.71 -85.92 25.14
CA THR C 138 -10.03 -85.04 24.01
C THR C 138 -11.48 -84.58 24.05
N GLY C 139 -11.70 -83.27 23.85
CA GLY C 139 -13.04 -82.69 23.77
C GLY C 139 -13.57 -82.73 22.35
N SER C 140 -14.43 -81.77 22.02
CA SER C 140 -15.02 -81.69 20.68
C SER C 140 -14.07 -81.04 19.66
N SER C 141 -13.22 -80.14 20.14
CA SER C 141 -12.29 -79.42 19.27
C SER C 141 -10.86 -79.53 19.80
N VAL C 142 -9.91 -79.06 18.98
CA VAL C 142 -8.48 -79.18 19.29
C VAL C 142 -7.71 -77.98 18.76
N THR C 143 -6.93 -77.34 19.64
CA THR C 143 -6.10 -76.18 19.27
C THR C 143 -4.64 -76.59 19.13
N LEU C 144 -4.04 -76.18 18.02
CA LEU C 144 -2.61 -76.40 17.78
C LEU C 144 -1.91 -75.03 17.75
N GLY C 145 -0.58 -75.05 17.62
CA GLY C 145 0.19 -73.82 17.60
C GLY C 145 1.55 -73.90 16.95
N CYS C 146 2.13 -72.73 16.70
CA CYS C 146 3.45 -72.61 16.10
C CYS C 146 4.22 -71.48 16.78
N LEU C 147 5.44 -71.77 17.22
CA LEU C 147 6.28 -70.77 17.87
C LEU C 147 7.45 -70.37 16.98
N VAL C 148 7.61 -69.07 16.79
CA VAL C 148 8.67 -68.51 15.95
C VAL C 148 9.57 -67.62 16.81
N LYS C 149 10.81 -68.05 17.05
CA LYS C 149 11.69 -67.39 18.02
C LYS C 149 13.03 -66.92 17.48
N GLY C 150 13.44 -65.72 17.90
CA GLY C 150 14.80 -65.23 17.74
C GLY C 150 15.18 -64.83 16.33
N TYR C 151 14.29 -64.08 15.68
CA TYR C 151 14.52 -63.64 14.30
C TYR C 151 14.65 -62.13 14.24
N PHE C 152 15.38 -61.65 13.24
CA PHE C 152 15.54 -60.22 13.00
C PHE C 152 15.96 -59.95 11.56
N PRO C 153 15.38 -58.93 10.92
CA PRO C 153 14.37 -58.03 11.46
C PRO C 153 12.97 -58.51 11.10
N GLU C 154 11.96 -57.72 11.46
CA GLU C 154 10.61 -57.95 10.99
CA GLU C 154 10.61 -57.95 10.99
C GLU C 154 10.58 -57.72 9.48
N PRO C 155 9.64 -58.37 8.77
CA PRO C 155 8.59 -59.28 9.20
C PRO C 155 8.90 -60.75 8.92
N VAL C 156 8.09 -61.63 9.52
CA VAL C 156 7.93 -62.99 9.04
C VAL C 156 6.48 -63.12 8.56
N THR C 157 6.25 -64.04 7.63
CA THR C 157 4.90 -64.34 7.16
C THR C 157 4.59 -65.79 7.49
N LEU C 158 3.58 -66.00 8.32
CA LEU C 158 3.19 -67.34 8.76
C LEU C 158 1.84 -67.72 8.17
N THR C 159 1.77 -68.91 7.58
CA THR C 159 0.51 -69.50 7.13
C THR C 159 0.42 -70.97 7.51
N TRP C 160 -0.79 -71.51 7.50
CA TRP C 160 -1.03 -72.91 7.78
C TRP C 160 -1.46 -73.63 6.49
N ASN C 161 -0.86 -74.78 6.21
CA ASN C 161 -1.12 -75.54 4.98
C ASN C 161 -1.00 -74.67 3.72
N SER C 162 0.03 -73.84 3.69
CA SER C 162 0.26 -72.89 2.59
C SER C 162 -0.93 -71.96 2.34
N GLY C 163 -1.59 -71.55 3.42
CA GLY C 163 -2.73 -70.64 3.33
C GLY C 163 -4.08 -71.30 3.09
N SER C 164 -4.11 -72.62 3.01
CA SER C 164 -5.36 -73.36 2.82
C SER C 164 -6.22 -73.36 4.09
N LEU C 165 -5.57 -73.33 5.25
CA LEU C 165 -6.24 -73.29 6.55
C LEU C 165 -6.14 -71.88 7.13
N SER C 166 -7.03 -70.99 6.67
CA SER C 166 -7.04 -69.60 7.11
C SER C 166 -8.03 -69.34 8.26
N SER C 167 -9.14 -70.07 8.26
CA SER C 167 -10.20 -69.88 9.24
C SER C 167 -9.84 -70.54 10.58
N GLY C 168 -10.18 -69.86 11.68
CA GLY C 168 -9.85 -70.35 13.02
C GLY C 168 -8.39 -70.18 13.40
N VAL C 169 -7.74 -69.15 12.85
CA VAL C 169 -6.32 -68.91 13.09
C VAL C 169 -6.10 -67.64 13.90
N HIS C 170 -5.06 -67.64 14.74
CA HIS C 170 -4.67 -66.45 15.51
C HIS C 170 -3.16 -66.26 15.48
N THR C 171 -2.65 -65.53 14.48
CA THR C 171 -1.24 -65.16 14.44
C THR C 171 -1.03 -63.87 15.22
N PHE C 172 -0.29 -63.96 16.31
CA PHE C 172 -0.12 -62.82 17.21
C PHE C 172 0.98 -61.86 16.75
N PRO C 173 0.82 -60.56 17.07
CA PRO C 173 1.85 -59.61 16.68
C PRO C 173 3.18 -59.93 17.37
N ALA C 174 4.28 -59.69 16.66
CA ALA C 174 5.61 -59.99 17.17
C ALA C 174 5.96 -59.12 18.37
N VAL C 175 6.71 -59.69 19.31
CA VAL C 175 7.23 -58.92 20.43
C VAL C 175 8.75 -59.06 20.44
N LEU C 176 9.41 -58.01 20.92
CA LEU C 176 10.86 -57.97 20.99
C LEU C 176 11.32 -58.41 22.37
N GLN C 177 12.36 -59.23 22.41
CA GLN C 177 13.11 -59.47 23.64
C GLN C 177 14.58 -59.72 23.32
N SER C 178 15.46 -58.95 23.96
CA SER C 178 16.91 -59.05 23.73
C SER C 178 17.25 -59.00 22.23
N ASP C 179 16.94 -57.86 21.62
CA ASP C 179 17.33 -57.56 20.23
C ASP C 179 16.64 -58.36 19.14
N LEU C 180 15.95 -59.44 19.49
CA LEU C 180 15.33 -60.32 18.49
C LEU C 180 13.81 -60.41 18.68
N TYR C 181 13.11 -60.69 17.60
CA TYR C 181 11.65 -60.78 17.63
C TYR C 181 11.17 -62.20 17.87
N THR C 182 10.01 -62.33 18.51
CA THR C 182 9.34 -63.60 18.67
C THR C 182 7.87 -63.45 18.30
N LEU C 183 7.31 -64.49 17.71
CA LEU C 183 5.94 -64.48 17.24
C LEU C 183 5.36 -65.88 17.45
N SER C 184 4.05 -65.96 17.65
CA SER C 184 3.36 -67.25 17.77
C SER C 184 2.03 -67.22 17.04
N SER C 185 1.58 -68.37 16.57
CA SER C 185 0.28 -68.50 15.92
C SER C 185 -0.44 -69.74 16.43
N SER C 186 -1.77 -69.66 16.43
CA SER C 186 -2.62 -70.78 16.86
C SER C 186 -3.70 -71.04 15.83
N VAL C 187 -4.03 -72.32 15.66
CA VAL C 187 -5.09 -72.75 14.76
C VAL C 187 -5.94 -73.78 15.50
N THR C 188 -7.27 -73.68 15.33
CA THR C 188 -8.19 -74.62 15.98
C THR C 188 -9.04 -75.33 14.94
N VAL C 189 -9.30 -76.62 15.17
CA VAL C 189 -10.14 -77.43 14.32
C VAL C 189 -10.96 -78.38 15.19
N THR C 190 -11.90 -79.09 14.58
CA THR C 190 -12.62 -80.16 15.27
C THR C 190 -11.71 -81.37 15.37
N SER C 191 -11.91 -82.19 16.41
CA SER C 191 -11.05 -83.35 16.68
C SER C 191 -11.06 -84.39 15.56
N SER C 192 -12.13 -84.44 14.77
CA SER C 192 -12.18 -85.33 13.61
C SER C 192 -11.21 -84.90 12.51
N THR C 193 -10.84 -83.62 12.48
CA THR C 193 -9.91 -83.07 11.49
C THR C 193 -8.47 -83.49 11.76
N TRP C 194 -8.02 -83.27 12.99
CA TRP C 194 -6.63 -83.53 13.37
C TRP C 194 -6.57 -84.58 14.49
N PRO C 195 -5.59 -85.49 14.44
CA PRO C 195 -4.48 -85.62 13.49
C PRO C 195 -4.77 -86.43 12.21
N SER C 196 -6.03 -86.80 11.98
CA SER C 196 -6.38 -87.63 10.82
C SER C 196 -5.96 -86.96 9.51
N GLN C 197 -6.09 -85.64 9.43
CA GLN C 197 -5.59 -84.86 8.30
C GLN C 197 -4.39 -84.01 8.74
N SER C 198 -3.46 -83.80 7.82
CA SER C 198 -2.16 -83.20 8.12
C SER C 198 -2.25 -81.67 8.26
N ILE C 199 -1.57 -81.13 9.26
CA ILE C 199 -1.51 -79.67 9.50
C ILE C 199 -0.08 -79.19 9.71
N THR C 200 0.41 -78.38 8.77
CA THR C 200 1.79 -77.91 8.80
C THR C 200 1.88 -76.40 8.97
N CYS C 201 2.92 -75.96 9.70
CA CYS C 201 3.18 -74.55 9.92
C CYS C 201 4.19 -74.04 8.90
N ASN C 202 3.86 -72.94 8.20
CA ASN C 202 4.75 -72.35 7.18
C ASN C 202 5.25 -70.97 7.59
N VAL C 203 6.54 -70.89 7.94
CA VAL C 203 7.17 -69.61 8.32
C VAL C 203 8.15 -69.15 7.23
N ALA C 204 8.09 -67.86 6.88
CA ALA C 204 8.95 -67.30 5.84
C ALA C 204 9.57 -65.97 6.31
N HIS C 205 10.91 -65.91 6.32
CA HIS C 205 11.65 -64.71 6.73
C HIS C 205 12.53 -64.25 5.59
N PRO C 206 12.02 -63.32 4.74
CA PRO C 206 12.74 -62.88 3.54
C PRO C 206 14.12 -62.29 3.80
N ALA C 207 14.30 -61.64 4.96
CA ALA C 207 15.58 -61.01 5.31
C ALA C 207 16.73 -62.03 5.35
N SER C 208 16.44 -63.23 5.86
CA SER C 208 17.42 -64.30 5.97
C SER C 208 17.36 -65.32 4.83
N SER C 209 16.44 -65.11 3.88
CA SER C 209 16.18 -66.05 2.78
C SER C 209 15.85 -67.45 3.29
N THR C 210 14.91 -67.53 4.23
CA THR C 210 14.56 -68.80 4.88
C THR C 210 13.06 -69.09 4.83
N LYS C 211 12.72 -70.30 4.41
CA LYS C 211 11.36 -70.83 4.47
C LYS C 211 11.40 -72.18 5.16
N VAL C 212 10.64 -72.33 6.25
CA VAL C 212 10.61 -73.57 7.01
C VAL C 212 9.18 -74.08 7.15
N ASP C 213 9.01 -75.39 6.99
CA ASP C 213 7.72 -76.05 7.17
C ASP C 213 7.81 -77.02 8.34
N LYS C 214 6.88 -76.92 9.29
CA LYS C 214 6.84 -77.82 10.44
C LYS C 214 5.48 -78.48 10.59
N LYS C 215 5.42 -79.77 10.26
CA LYS C 215 4.23 -80.58 10.45
C LYS C 215 4.00 -80.79 11.94
N ILE C 216 2.82 -80.41 12.43
CA ILE C 216 2.45 -80.65 13.82
C ILE C 216 2.16 -82.16 13.98
N GLU C 217 2.96 -82.82 14.82
CA GLU C 217 2.80 -84.26 15.06
C GLU C 217 2.28 -84.49 16.48
N PRO C 218 1.38 -85.47 16.68
CA PRO C 218 0.92 -85.79 18.03
C PRO C 218 2.04 -86.31 18.93
N ARG C 219 2.01 -85.92 20.20
CA ARG C 219 3.03 -86.35 21.16
C ARG C 219 2.82 -87.81 21.52
N GLY C 220 3.89 -88.59 21.50
CA GLY C 220 3.82 -90.03 21.75
C GLY C 220 4.30 -90.39 23.15
N PRO C 221 4.44 -91.70 23.43
CA PRO C 221 4.97 -92.16 24.72
C PRO C 221 6.45 -91.81 24.90
N ASP D 1 3.92 -25.56 27.54
CA ASP D 1 3.18 -26.44 26.60
C ASP D 1 1.75 -26.71 27.09
N ILE D 2 0.81 -26.67 26.16
CA ILE D 2 -0.60 -26.94 26.48
C ILE D 2 -0.81 -28.45 26.50
N LEU D 3 -1.47 -28.93 27.55
CA LEU D 3 -1.76 -30.35 27.68
C LEU D 3 -3.17 -30.63 27.18
N MET D 4 -3.28 -31.66 26.34
CA MET D 4 -4.56 -32.07 25.77
C MET D 4 -4.99 -33.41 26.35
N THR D 5 -5.91 -33.37 27.32
CA THR D 5 -6.44 -34.59 27.93
C THR D 5 -7.69 -35.05 27.19
N GLN D 6 -7.60 -36.22 26.56
CA GLN D 6 -8.70 -36.75 25.76
C GLN D 6 -9.45 -37.84 26.53
N SER D 7 -10.77 -37.89 26.34
CA SER D 7 -11.62 -38.86 27.06
C SER D 7 -12.80 -39.36 26.22
N PRO D 8 -13.17 -40.65 26.39
CA PRO D 8 -12.43 -41.67 27.13
C PRO D 8 -11.25 -42.16 26.29
N SER D 9 -10.42 -43.02 26.87
CA SER D 9 -9.33 -43.64 26.14
C SER D 9 -9.88 -44.73 25.22
N SER D 10 -10.91 -45.43 25.67
CA SER D 10 -11.65 -46.35 24.80
C SER D 10 -13.12 -46.38 25.16
N MET D 11 -13.94 -46.80 24.19
CA MET D 11 -15.36 -47.04 24.43
C MET D 11 -15.83 -48.20 23.57
N SER D 12 -16.73 -49.01 24.12
CA SER D 12 -17.29 -50.15 23.40
C SER D 12 -18.67 -49.76 22.95
N VAL D 13 -18.85 -49.66 21.63
CA VAL D 13 -20.08 -49.14 21.07
C VAL D 13 -20.54 -49.98 19.88
N SER D 14 -21.73 -49.69 19.39
CA SER D 14 -22.41 -50.50 18.38
C SER D 14 -22.71 -49.68 17.12
N LEU D 15 -22.96 -50.38 16.02
CA LEU D 15 -23.37 -49.72 14.78
C LEU D 15 -24.68 -48.98 15.04
N GLY D 16 -24.79 -47.76 14.54
CA GLY D 16 -26.00 -46.95 14.73
C GLY D 16 -25.96 -46.02 15.93
N ASP D 17 -25.07 -46.28 16.88
CA ASP D 17 -24.91 -45.40 18.04
C ASP D 17 -24.46 -44.00 17.64
N THR D 18 -24.79 -43.04 18.49
CA THR D 18 -24.22 -41.70 18.40
C THR D 18 -23.27 -41.55 19.58
N VAL D 19 -22.01 -41.25 19.29
CA VAL D 19 -20.96 -41.20 20.31
C VAL D 19 -20.27 -39.84 20.32
N SER D 20 -19.65 -39.51 21.46
CA SER D 20 -18.89 -38.27 21.59
C SER D 20 -17.56 -38.50 22.27
N ILE D 21 -16.53 -37.86 21.73
CA ILE D 21 -15.18 -37.86 22.30
C ILE D 21 -14.89 -36.45 22.77
N THR D 22 -14.64 -36.27 24.07
CA THR D 22 -14.24 -34.96 24.59
C THR D 22 -12.74 -34.82 24.56
N CYS D 23 -12.29 -33.57 24.65
CA CYS D 23 -10.86 -33.26 24.64
C CYS D 23 -10.70 -31.92 25.36
N HIS D 24 -9.95 -31.92 26.46
CA HIS D 24 -9.83 -30.77 27.35
C HIS D 24 -8.43 -30.18 27.29
N ALA D 25 -8.33 -28.87 27.05
CA ALA D 25 -7.05 -28.17 27.04
C ALA D 25 -6.69 -27.63 28.42
N SER D 26 -5.40 -27.51 28.70
CA SER D 26 -4.92 -27.00 29.98
C SER D 26 -5.10 -25.49 30.08
N GLN D 27 -5.31 -24.83 28.95
CA GLN D 27 -5.75 -23.44 28.91
C GLN D 27 -6.70 -23.26 27.73
N GLY D 28 -7.31 -22.08 27.64
CA GLY D 28 -8.21 -21.77 26.53
C GLY D 28 -7.47 -21.77 25.21
N ILE D 29 -8.11 -22.30 24.16
CA ILE D 29 -7.50 -22.38 22.83
C ILE D 29 -8.45 -21.89 21.72
N SER D 30 -9.46 -21.11 22.10
CA SER D 30 -10.40 -20.48 21.18
C SER D 30 -10.55 -21.19 19.82
N SER D 31 -11.12 -22.39 19.87
CA SER D 31 -11.47 -23.19 18.68
C SER D 31 -10.30 -23.61 17.79
N ASN D 32 -9.06 -23.34 18.21
CA ASN D 32 -7.89 -23.73 17.42
C ASN D 32 -7.55 -25.19 17.67
N ILE D 33 -8.46 -26.06 17.25
CA ILE D 33 -8.41 -27.48 17.55
C ILE D 33 -8.75 -28.26 16.28
N GLY D 34 -8.05 -29.37 16.09
CA GLY D 34 -8.30 -30.28 14.97
C GLY D 34 -8.66 -31.67 15.47
N TRP D 35 -9.42 -32.41 14.67
CA TRP D 35 -9.76 -33.81 14.99
C TRP D 35 -9.26 -34.74 13.89
N LEU D 36 -8.63 -35.83 14.29
CA LEU D 36 -7.97 -36.78 13.37
C LEU D 36 -8.53 -38.18 13.55
N GLN D 37 -8.44 -38.98 12.50
CA GLN D 37 -8.87 -40.39 12.53
C GLN D 37 -7.76 -41.30 11.99
N GLN D 38 -7.47 -42.37 12.71
CA GLN D 38 -6.54 -43.40 12.24
C GLN D 38 -7.18 -44.78 12.30
N LYS D 39 -7.43 -45.36 11.12
CA LYS D 39 -8.02 -46.69 11.04
C LYS D 39 -6.93 -47.74 11.21
N PRO D 40 -7.30 -48.93 11.71
CA PRO D 40 -6.34 -50.01 11.95
C PRO D 40 -5.31 -50.18 10.83
N GLY D 41 -4.04 -49.99 11.17
CA GLY D 41 -2.94 -50.18 10.21
C GLY D 41 -2.74 -49.00 9.27
N LYS D 42 -3.84 -48.34 8.91
CA LYS D 42 -3.80 -47.19 8.00
C LYS D 42 -3.15 -45.95 8.63
N SER D 43 -3.01 -44.90 7.82
CA SER D 43 -2.48 -43.61 8.26
C SER D 43 -3.60 -42.67 8.74
N PHE D 44 -3.30 -41.37 8.80
CA PHE D 44 -4.25 -40.40 9.35
C PHE D 44 -5.08 -39.70 8.28
N MET D 45 -6.30 -39.36 8.67
CA MET D 45 -7.21 -38.56 7.86
C MET D 45 -7.73 -37.45 8.74
N GLY D 46 -7.68 -36.21 8.24
CA GLY D 46 -8.23 -35.07 8.97
C GLY D 46 -9.75 -35.07 8.92
N LEU D 47 -10.38 -34.85 10.07
CA LEU D 47 -11.84 -34.86 10.16
C LEU D 47 -12.40 -33.44 10.27
N ILE D 48 -11.95 -32.69 11.28
CA ILE D 48 -12.41 -31.32 11.55
C ILE D 48 -11.21 -30.37 11.68
N TYR D 49 -11.33 -29.16 11.15
CA TYR D 49 -10.38 -28.09 11.44
C TYR D 49 -11.09 -26.89 12.07
N TYR D 50 -10.32 -26.12 12.83
CA TYR D 50 -10.81 -24.96 13.56
C TYR D 50 -12.13 -25.21 14.30
N GLY D 51 -12.22 -26.36 14.98
CA GLY D 51 -13.31 -26.65 15.92
C GLY D 51 -14.54 -27.32 15.36
N THR D 52 -15.06 -26.78 14.26
CA THR D 52 -16.33 -27.25 13.71
C THR D 52 -16.33 -27.51 12.20
N ASN D 53 -15.34 -26.98 11.48
CA ASN D 53 -15.31 -27.11 10.03
C ASN D 53 -14.82 -28.48 9.59
N LEU D 54 -15.69 -29.24 8.91
CA LEU D 54 -15.32 -30.53 8.34
C LEU D 54 -14.34 -30.34 7.19
N VAL D 55 -13.26 -31.13 7.20
CA VAL D 55 -12.37 -31.27 6.06
C VAL D 55 -13.17 -31.72 4.82
N ASP D 56 -12.73 -31.27 3.65
CA ASP D 56 -13.38 -31.67 2.40
C ASP D 56 -13.47 -33.20 2.33
N GLY D 57 -14.64 -33.70 1.96
CA GLY D 57 -14.84 -35.13 1.77
C GLY D 57 -15.30 -35.91 2.99
N VAL D 58 -15.13 -35.35 4.18
CA VAL D 58 -15.55 -36.01 5.41
C VAL D 58 -17.07 -36.06 5.50
N PRO D 59 -17.64 -37.22 5.88
CA PRO D 59 -19.10 -37.39 5.88
C PRO D 59 -19.85 -36.55 6.92
N SER D 60 -21.11 -36.27 6.63
CA SER D 60 -21.99 -35.46 7.47
C SER D 60 -22.04 -35.90 8.93
N ARG D 61 -22.01 -37.21 9.16
CA ARG D 61 -22.17 -37.76 10.52
C ARG D 61 -21.12 -37.30 11.54
N PHE D 62 -19.98 -36.78 11.07
CA PHE D 62 -18.99 -36.19 11.97
C PHE D 62 -19.29 -34.71 12.21
N SER D 63 -19.21 -34.30 13.48
CA SER D 63 -19.37 -32.89 13.84
C SER D 63 -18.50 -32.53 15.03
N GLY D 64 -18.14 -31.24 15.12
CA GLY D 64 -17.35 -30.73 16.23
C GLY D 64 -18.12 -29.69 17.01
N SER D 65 -17.77 -29.53 18.29
CA SER D 65 -18.39 -28.52 19.15
C SER D 65 -17.45 -28.06 20.25
N GLY D 66 -17.91 -27.09 21.04
CA GLY D 66 -17.19 -26.65 22.22
C GLY D 66 -16.54 -25.29 22.06
N SER D 67 -15.98 -24.78 23.14
CA SER D 67 -15.29 -23.50 23.17
C SER D 67 -14.38 -23.42 24.38
N GLY D 68 -13.56 -22.37 24.43
CA GLY D 68 -12.62 -22.17 25.52
C GLY D 68 -11.61 -23.31 25.59
N ALA D 69 -11.73 -24.16 26.61
CA ALA D 69 -10.79 -25.25 26.85
C ALA D 69 -11.41 -26.63 26.75
N ASP D 70 -12.66 -26.70 26.29
CA ASP D 70 -13.38 -27.98 26.25
C ASP D 70 -14.13 -28.20 24.93
N TYR D 71 -13.75 -29.25 24.21
CA TYR D 71 -14.28 -29.54 22.88
C TYR D 71 -14.71 -30.99 22.74
N SER D 72 -15.55 -31.25 21.74
CA SER D 72 -16.07 -32.60 21.49
C SER D 72 -16.21 -32.92 20.02
N LEU D 73 -15.82 -34.15 19.65
CA LEU D 73 -16.14 -34.74 18.35
C LEU D 73 -17.35 -35.65 18.55
N THR D 74 -18.33 -35.54 17.66
CA THR D 74 -19.52 -36.39 17.72
C THR D 74 -19.71 -37.11 16.40
N ILE D 75 -19.82 -38.44 16.48
CA ILE D 75 -20.19 -39.26 15.34
C ILE D 75 -21.62 -39.70 15.58
N SER D 76 -22.50 -39.44 14.61
CA SER D 76 -23.90 -39.81 14.70
C SER D 76 -24.17 -41.00 13.81
N SER D 77 -24.77 -42.05 14.37
CA SER D 77 -25.06 -43.27 13.63
C SER D 77 -23.76 -43.89 13.09
N LEU D 78 -23.07 -44.64 13.96
CA LEU D 78 -21.76 -45.21 13.60
C LEU D 78 -21.85 -46.19 12.44
N ASP D 79 -21.03 -45.95 11.43
CA ASP D 79 -20.78 -46.90 10.36
C ASP D 79 -19.67 -47.84 10.82
N SER D 80 -19.61 -49.04 10.25
CA SER D 80 -18.55 -50.02 10.58
C SER D 80 -17.15 -49.49 10.30
N GLU D 81 -17.05 -48.56 9.35
CA GLU D 81 -15.80 -47.92 9.01
C GLU D 81 -15.29 -46.98 10.13
N ASP D 82 -16.19 -46.57 11.02
CA ASP D 82 -15.87 -45.59 12.07
C ASP D 82 -15.23 -46.20 13.32
N PHE D 83 -15.03 -47.52 13.33
CA PHE D 83 -14.31 -48.16 14.42
C PHE D 83 -12.81 -47.99 14.19
N ALA D 84 -12.24 -46.99 14.86
CA ALA D 84 -10.85 -46.58 14.63
C ALA D 84 -10.36 -45.77 15.83
N ASP D 85 -9.15 -45.25 15.73
CA ASP D 85 -8.62 -44.33 16.73
C ASP D 85 -8.89 -42.90 16.28
N TYR D 86 -9.09 -42.02 17.27
CA TYR D 86 -9.35 -40.60 17.03
C TYR D 86 -8.50 -39.77 17.96
N TYR D 87 -7.88 -38.71 17.45
CA TYR D 87 -7.06 -37.81 18.26
C TYR D 87 -7.46 -36.36 18.03
N CYS D 88 -7.25 -35.53 19.05
CA CYS D 88 -7.32 -34.08 18.90
C CYS D 88 -5.91 -33.50 18.87
N VAL D 89 -5.73 -32.42 18.10
CA VAL D 89 -4.51 -31.63 18.12
C VAL D 89 -4.88 -30.17 18.34
N GLN D 90 -4.09 -29.45 19.13
CA GLN D 90 -4.26 -27.99 19.26
C GLN D 90 -3.17 -27.26 18.52
N TYR D 91 -3.54 -26.12 17.93
CA TYR D 91 -2.56 -25.22 17.33
C TYR D 91 -2.76 -23.78 17.79
N ALA D 92 -3.16 -23.61 19.06
CA ALA D 92 -3.22 -22.29 19.68
C ALA D 92 -1.80 -21.77 19.92
N GLN D 93 -0.90 -22.69 20.27
CA GLN D 93 0.49 -22.35 20.54
C GLN D 93 1.44 -23.38 19.98
N LEU D 94 2.65 -22.92 19.67
CA LEU D 94 3.77 -23.81 19.36
C LEU D 94 4.40 -24.16 20.69
N PRO D 95 4.78 -25.43 20.91
CA PRO D 95 4.62 -26.57 20.01
C PRO D 95 3.19 -27.09 19.99
N TYR D 96 2.75 -27.58 18.84
CA TYR D 96 1.47 -28.26 18.72
C TYR D 96 1.49 -29.50 19.62
N THR D 97 0.40 -29.73 20.34
CA THR D 97 0.29 -30.88 21.24
C THR D 97 -0.94 -31.71 20.89
N PHE D 98 -0.86 -33.02 21.13
CA PHE D 98 -1.93 -33.96 20.78
C PHE D 98 -2.58 -34.55 22.03
N GLY D 99 -3.76 -35.13 21.85
CA GLY D 99 -4.44 -35.85 22.91
C GLY D 99 -3.97 -37.28 22.96
N GLY D 100 -4.39 -38.00 24.01
CA GLY D 100 -3.99 -39.40 24.17
C GLY D 100 -4.57 -40.31 23.11
N GLY D 101 -5.78 -39.97 22.65
CA GLY D 101 -6.50 -40.79 21.68
C GLY D 101 -7.71 -41.45 22.31
N THR D 102 -8.70 -41.78 21.49
CA THR D 102 -9.87 -42.55 21.89
C THR D 102 -10.10 -43.63 20.85
N LYS D 103 -10.18 -44.89 21.29
CA LYS D 103 -10.40 -46.01 20.38
C LYS D 103 -11.85 -46.47 20.46
N LEU D 104 -12.56 -46.39 19.34
CA LEU D 104 -13.90 -46.95 19.23
C LEU D 104 -13.80 -48.47 19.00
N GLU D 105 -14.46 -49.23 19.87
CA GLU D 105 -14.37 -50.68 19.90
C GLU D 105 -15.76 -51.30 19.67
N ILE D 106 -15.79 -52.46 19.01
CA ILE D 106 -17.07 -53.12 18.69
C ILE D 106 -17.61 -53.85 19.91
N LYS D 107 -18.78 -53.44 20.37
CA LYS D 107 -19.44 -54.03 21.53
C LYS D 107 -19.96 -55.44 21.24
N ARG D 108 -19.83 -56.35 22.21
CA ARG D 108 -20.44 -57.68 22.13
C ARG D 108 -20.62 -58.33 23.50
N ALA D 109 -21.31 -59.45 23.54
CA ALA D 109 -21.58 -60.16 24.79
C ALA D 109 -20.29 -60.77 25.32
N ASP D 110 -20.23 -60.95 26.63
CA ASP D 110 -19.03 -61.47 27.28
C ASP D 110 -18.80 -62.94 26.93
N ALA D 111 -17.53 -63.27 26.68
CA ALA D 111 -17.11 -64.64 26.39
C ALA D 111 -15.84 -64.96 27.18
N ALA D 112 -15.81 -66.15 27.79
CA ALA D 112 -14.61 -66.62 28.47
C ALA D 112 -13.63 -67.16 27.43
N PRO D 113 -12.32 -67.11 27.75
CA PRO D 113 -11.29 -67.58 26.83
C PRO D 113 -11.17 -69.10 26.79
N THR D 114 -10.74 -69.63 25.64
CA THR D 114 -10.40 -71.04 25.51
C THR D 114 -8.90 -71.22 25.76
N VAL D 115 -8.55 -71.62 26.98
CA VAL D 115 -7.15 -71.70 27.38
C VAL D 115 -6.53 -73.04 26.97
N SER D 116 -5.36 -72.98 26.32
CA SER D 116 -4.64 -74.19 25.88
C SER D 116 -3.16 -74.08 26.18
N ILE D 117 -2.63 -75.02 26.97
CA ILE D 117 -1.22 -75.02 27.37
C ILE D 117 -0.43 -76.00 26.51
N PHE D 118 0.78 -75.58 26.15
CA PHE D 118 1.66 -76.37 25.28
C PHE D 118 3.05 -76.47 25.91
N PRO D 119 3.57 -77.70 26.10
CA PRO D 119 4.94 -77.81 26.58
C PRO D 119 5.96 -77.54 25.48
N PRO D 120 7.25 -77.43 25.84
CA PRO D 120 8.33 -77.26 24.86
C PRO D 120 8.38 -78.40 23.86
N SER D 121 8.55 -78.07 22.58
CA SER D 121 8.72 -79.06 21.53
C SER D 121 10.03 -79.82 21.72
N SER D 122 10.13 -81.00 21.11
CA SER D 122 11.36 -81.78 21.17
C SER D 122 12.52 -81.04 20.51
N GLU D 123 12.23 -80.35 19.40
CA GLU D 123 13.25 -79.58 18.68
C GLU D 123 13.92 -78.55 19.60
N GLN D 124 13.09 -77.79 20.32
CA GLN D 124 13.59 -76.74 21.22
C GLN D 124 14.33 -77.32 22.42
N LEU D 125 13.82 -78.41 22.99
CA LEU D 125 14.48 -79.06 24.12
C LEU D 125 15.86 -79.62 23.74
N THR D 126 16.03 -80.09 22.51
CA THR D 126 17.35 -80.54 22.05
C THR D 126 18.31 -79.36 21.89
N SER D 127 17.80 -78.23 21.41
CA SER D 127 18.62 -77.05 21.16
C SER D 127 19.04 -76.32 22.44
N GLY D 128 18.42 -76.65 23.57
CA GLY D 128 18.86 -76.12 24.88
C GLY D 128 17.91 -75.17 25.57
N GLY D 129 16.90 -74.69 24.85
CA GLY D 129 15.86 -73.82 25.42
C GLY D 129 14.62 -74.59 25.83
N ALA D 130 13.69 -73.90 26.48
CA ALA D 130 12.41 -74.49 26.85
C ALA D 130 11.36 -73.39 27.05
N SER D 131 10.39 -73.34 26.14
CA SER D 131 9.31 -72.36 26.21
C SER D 131 7.97 -73.06 26.38
N VAL D 132 7.16 -72.55 27.30
CA VAL D 132 5.83 -73.08 27.55
C VAL D 132 4.82 -72.04 27.06
N VAL D 133 4.11 -72.37 25.98
CA VAL D 133 3.18 -71.45 25.35
C VAL D 133 1.78 -71.65 25.89
N CYS D 134 1.04 -70.56 26.04
CA CYS D 134 -0.35 -70.63 26.51
C CYS D 134 -1.22 -69.65 25.74
N PHE D 135 -2.21 -70.18 25.02
CA PHE D 135 -3.13 -69.37 24.25
C PHE D 135 -4.43 -69.19 25.03
N LEU D 136 -4.85 -67.94 25.16
CA LEU D 136 -6.16 -67.60 25.72
C LEU D 136 -6.94 -66.94 24.58
N ASN D 137 -7.84 -67.69 23.95
CA ASN D 137 -8.44 -67.26 22.69
C ASN D 137 -9.93 -66.93 22.72
N ASN D 138 -10.31 -65.98 21.88
CA ASN D 138 -11.72 -65.60 21.64
C ASN D 138 -12.51 -65.25 22.91
N PHE D 139 -12.04 -64.23 23.62
CA PHE D 139 -12.71 -63.78 24.85
C PHE D 139 -13.15 -62.32 24.74
N TYR D 140 -14.06 -61.93 25.62
CA TYR D 140 -14.54 -60.55 25.66
C TYR D 140 -15.05 -60.21 27.05
N PRO D 141 -14.69 -59.02 27.58
CA PRO D 141 -13.92 -57.92 27.01
C PRO D 141 -12.40 -58.13 27.03
N LYS D 142 -11.67 -57.14 26.54
CA LYS D 142 -10.23 -57.26 26.28
C LYS D 142 -9.37 -57.49 27.51
N ASP D 143 -9.72 -56.90 28.65
CA ASP D 143 -8.89 -57.02 29.85
C ASP D 143 -8.85 -58.46 30.38
N ILE D 144 -7.63 -58.98 30.51
CA ILE D 144 -7.41 -60.34 30.98
C ILE D 144 -6.02 -60.41 31.61
N ASN D 145 -5.87 -61.23 32.66
CA ASN D 145 -4.59 -61.45 33.32
CA ASN D 145 -4.57 -61.45 33.29
C ASN D 145 -4.22 -62.93 33.32
N VAL D 146 -2.93 -63.21 33.09
CA VAL D 146 -2.42 -64.57 33.02
C VAL D 146 -1.37 -64.77 34.12
N LYS D 147 -1.41 -65.93 34.77
CA LYS D 147 -0.45 -66.26 35.83
C LYS D 147 0.22 -67.59 35.49
N TRP D 148 1.51 -67.69 35.75
CA TRP D 148 2.28 -68.91 35.53
C TRP D 148 2.72 -69.48 36.87
N LYS D 149 2.54 -70.80 37.03
CA LYS D 149 3.06 -71.49 38.20
C LYS D 149 3.90 -72.69 37.77
N ILE D 150 5.08 -72.84 38.37
CA ILE D 150 5.88 -74.05 38.25
C ILE D 150 5.87 -74.74 39.61
N ASP D 151 5.31 -75.96 39.66
CA ASP D 151 5.14 -76.71 40.89
C ASP D 151 4.50 -75.85 41.99
N GLY D 152 3.45 -75.11 41.62
CA GLY D 152 2.67 -74.32 42.58
C GLY D 152 3.17 -72.92 42.87
N SER D 153 4.43 -72.64 42.53
CA SER D 153 5.04 -71.33 42.79
C SER D 153 4.88 -70.41 41.59
N GLU D 154 4.50 -69.16 41.85
CA GLU D 154 4.27 -68.17 40.79
C GLU D 154 5.57 -67.77 40.10
N ARG D 155 5.60 -67.85 38.77
CA ARG D 155 6.78 -67.54 37.98
C ARG D 155 6.55 -66.24 37.20
N GLN D 156 7.36 -65.21 37.50
CA GLN D 156 7.17 -63.89 36.91
C GLN D 156 8.20 -63.52 35.82
N ASN D 157 9.49 -63.69 36.10
CA ASN D 157 10.53 -63.35 35.12
C ASN D 157 10.58 -64.31 33.93
N GLY D 158 10.71 -63.76 32.72
CA GLY D 158 10.81 -64.56 31.49
C GLY D 158 9.49 -64.92 30.81
N VAL D 159 8.44 -64.15 31.09
CA VAL D 159 7.16 -64.29 30.39
C VAL D 159 7.05 -63.20 29.32
N LEU D 160 6.68 -63.58 28.10
CA LEU D 160 6.37 -62.64 27.02
C LEU D 160 4.92 -62.80 26.61
N ASN D 161 4.24 -61.67 26.42
CA ASN D 161 2.81 -61.65 26.14
C ASN D 161 2.52 -60.88 24.86
N SER D 162 1.50 -61.31 24.11
CA SER D 162 1.04 -60.59 22.93
C SER D 162 -0.47 -60.71 22.76
N TRP D 163 -1.08 -59.64 22.28
CA TRP D 163 -2.53 -59.59 22.14
C TRP D 163 -2.89 -59.23 20.70
N THR D 164 -3.90 -59.88 20.15
CA THR D 164 -4.40 -59.54 18.83
C THR D 164 -5.34 -58.35 18.95
N ASP D 165 -5.61 -57.69 17.83
CA ASP D 165 -6.65 -56.69 17.79
C ASP D 165 -8.00 -57.40 17.83
N GLN D 166 -9.07 -56.64 17.97
CA GLN D 166 -10.42 -57.19 17.98
C GLN D 166 -10.67 -57.92 16.67
N ASP D 167 -11.18 -59.14 16.75
CA ASP D 167 -11.32 -60.00 15.58
C ASP D 167 -12.32 -59.42 14.58
N SER D 168 -12.05 -59.63 13.29
CA SER D 168 -12.87 -59.05 12.23
C SER D 168 -14.21 -59.76 12.06
N LYS D 169 -14.33 -60.98 12.59
CA LYS D 169 -15.53 -61.79 12.40
C LYS D 169 -16.40 -61.83 13.65
N ASP D 170 -15.84 -62.30 14.77
CA ASP D 170 -16.60 -62.45 16.01
C ASP D 170 -16.29 -61.36 17.06
N SER D 171 -15.48 -60.38 16.68
CA SER D 171 -15.21 -59.20 17.52
C SER D 171 -14.65 -59.53 18.92
N THR D 172 -13.92 -60.64 19.04
CA THR D 172 -13.34 -61.06 20.32
C THR D 172 -11.86 -60.73 20.37
N TYR D 173 -11.22 -61.04 21.50
CA TYR D 173 -9.80 -60.84 21.69
C TYR D 173 -9.10 -62.16 21.99
N SER D 174 -7.83 -62.23 21.64
CA SER D 174 -7.02 -63.39 21.95
C SER D 174 -5.67 -62.93 22.51
N MET D 175 -5.12 -63.74 23.41
CA MET D 175 -3.81 -63.49 23.98
C MET D 175 -2.91 -64.70 23.80
N SER D 176 -1.60 -64.45 23.71
CA SER D 176 -0.59 -65.50 23.74
C SER D 176 0.42 -65.15 24.82
N SER D 177 0.80 -66.16 25.60
CA SER D 177 1.72 -65.97 26.72
C SER D 177 2.76 -67.08 26.74
N THR D 178 4.02 -66.72 26.49
CA THR D 178 5.13 -67.67 26.43
C THR D 178 6.04 -67.53 27.65
N LEU D 179 6.17 -68.61 28.43
CA LEU D 179 7.13 -68.67 29.53
C LEU D 179 8.39 -69.36 29.04
N THR D 180 9.50 -68.63 28.99
CA THR D 180 10.77 -69.22 28.60
C THR D 180 11.73 -69.33 29.79
N LEU D 181 12.36 -70.49 29.90
CA LEU D 181 13.34 -70.75 30.94
C LEU D 181 14.40 -71.73 30.42
N THR D 182 15.51 -71.87 31.15
CA THR D 182 16.57 -72.78 30.72
C THR D 182 16.08 -74.22 30.78
N LYS D 183 16.36 -74.99 29.74
CA LYS D 183 16.06 -76.43 29.71
C LYS D 183 16.50 -77.09 31.02
N ASP D 184 17.68 -76.73 31.48
CA ASP D 184 18.23 -77.24 32.73
C ASP D 184 17.20 -77.19 33.86
N GLU D 185 16.59 -76.02 34.04
CA GLU D 185 15.57 -75.83 35.06
C GLU D 185 14.27 -76.52 34.68
N TYR D 186 13.88 -76.41 33.41
CA TYR D 186 12.63 -77.03 32.96
C TYR D 186 12.53 -78.49 33.41
N GLU D 187 13.64 -79.23 33.28
CA GLU D 187 13.68 -80.65 33.64
C GLU D 187 13.82 -80.90 35.15
N ARG D 188 13.96 -79.84 35.93
CA ARG D 188 14.01 -79.95 37.39
C ARG D 188 12.64 -79.86 38.04
N HIS D 189 11.60 -79.65 37.25
CA HIS D 189 10.23 -79.50 37.78
C HIS D 189 9.22 -80.31 37.00
N ASN D 190 8.07 -80.56 37.62
CA ASN D 190 7.07 -81.47 37.07
C ASN D 190 5.81 -80.77 36.55
N SER D 191 5.14 -80.03 37.43
CA SER D 191 3.88 -79.39 37.12
C SER D 191 4.08 -77.99 36.54
N TYR D 192 3.43 -77.72 35.41
CA TYR D 192 3.47 -76.41 34.77
C TYR D 192 2.05 -75.92 34.51
N THR D 193 1.69 -74.79 35.10
CA THR D 193 0.31 -74.31 35.12
C THR D 193 0.17 -72.93 34.48
N CYS D 194 -1.00 -72.69 33.90
CA CYS D 194 -1.32 -71.46 33.21
C CYS D 194 -2.73 -71.03 33.62
N GLU D 195 -2.83 -69.97 34.42
CA GLU D 195 -4.12 -69.52 34.97
C GLU D 195 -4.61 -68.21 34.35
N ALA D 196 -5.73 -68.27 33.65
CA ALA D 196 -6.35 -67.08 33.06
C ALA D 196 -7.43 -66.54 34.00
N THR D 197 -7.31 -65.27 34.39
CA THR D 197 -8.36 -64.58 35.15
C THR D 197 -9.06 -63.58 34.22
N HIS D 198 -10.39 -63.59 34.25
CA HIS D 198 -11.19 -62.80 33.32
C HIS D 198 -12.58 -62.59 33.90
N LYS D 199 -13.17 -61.43 33.66
CA LYS D 199 -14.41 -61.03 34.34
C LYS D 199 -15.59 -62.01 34.14
N THR D 200 -15.51 -62.86 33.12
CA THR D 200 -16.52 -63.91 32.90
C THR D 200 -16.58 -64.94 34.02
N SER D 201 -15.60 -64.93 34.92
CA SER D 201 -15.61 -65.82 36.09
C SER D 201 -14.91 -65.21 37.30
N THR D 202 -15.32 -65.62 38.49
CA THR D 202 -14.66 -65.21 39.73
C THR D 202 -13.44 -66.11 39.98
N SER D 203 -13.58 -67.40 39.69
CA SER D 203 -12.47 -68.34 39.78
C SER D 203 -11.77 -68.45 38.42
N PRO D 204 -10.44 -68.60 38.43
CA PRO D 204 -9.67 -68.61 37.18
C PRO D 204 -9.75 -69.94 36.41
N ILE D 205 -9.52 -69.85 35.09
CA ILE D 205 -9.43 -71.04 34.22
C ILE D 205 -8.01 -71.58 34.25
N VAL D 206 -7.85 -72.78 34.79
CA VAL D 206 -6.55 -73.40 34.99
C VAL D 206 -6.30 -74.51 33.98
N LYS D 207 -5.14 -74.46 33.32
CA LYS D 207 -4.70 -75.53 32.43
C LYS D 207 -3.27 -75.91 32.78
N SER D 208 -3.03 -77.22 32.94
CA SER D 208 -1.73 -77.72 33.37
C SER D 208 -1.27 -78.93 32.56
N PHE D 209 0.01 -79.24 32.69
CA PHE D 209 0.54 -80.53 32.29
C PHE D 209 1.64 -80.93 33.26
N ASN D 210 1.87 -82.23 33.42
CA ASN D 210 2.98 -82.71 34.19
C ASN D 210 4.04 -83.25 33.25
N ARG D 211 5.27 -82.81 33.45
CA ARG D 211 6.37 -83.11 32.54
C ARG D 211 6.52 -84.62 32.36
N ASN D 212 6.54 -85.06 31.10
CA ASN D 212 6.60 -86.48 30.74
C ASN D 212 5.52 -87.30 31.45
N GLU D 213 4.33 -87.36 30.86
CA GLU D 213 3.22 -88.09 31.47
C GLU D 213 2.29 -88.70 30.41
N CYS D 214 2.85 -89.54 29.54
CA CYS D 214 2.07 -90.28 28.54
C CYS D 214 2.68 -91.66 28.29
#